data_1GVC
# 
_entry.id   1GVC 
# 
_audit_conform.dict_name       mmcif_pdbx.dic 
_audit_conform.dict_version    5.397 
_audit_conform.dict_location   http://mmcif.pdb.org/dictionaries/ascii/mmcif_pdbx.dic 
# 
loop_
_database_2.database_id 
_database_2.database_code 
_database_2.pdbx_database_accession 
_database_2.pdbx_DOI 
PDB   1GVC         pdb_00001gvc 10.2210/pdb1gvc/pdb 
PDBE  EBI-9419     ?            ?                   
WWPDB D_1290009419 ?            ?                   
# 
loop_
_pdbx_audit_revision_history.ordinal 
_pdbx_audit_revision_history.data_content_type 
_pdbx_audit_revision_history.major_revision 
_pdbx_audit_revision_history.minor_revision 
_pdbx_audit_revision_history.revision_date 
1 'Structure model' 1 0 2002-02-12 
2 'Structure model' 1 1 2011-05-08 
3 'Structure model' 1 2 2011-07-13 
4 'Structure model' 1 3 2019-03-06 
5 'Structure model' 1 4 2019-05-08 
6 'Structure model' 2 0 2023-11-15 
7 'Structure model' 2 1 2024-10-16 
# 
_pdbx_audit_revision_details.ordinal             1 
_pdbx_audit_revision_details.revision_ordinal    1 
_pdbx_audit_revision_details.data_content_type   'Structure model' 
_pdbx_audit_revision_details.provider            repository 
_pdbx_audit_revision_details.type                'Initial release' 
_pdbx_audit_revision_details.description         ? 
_pdbx_audit_revision_details.details             ? 
# 
loop_
_pdbx_audit_revision_group.ordinal 
_pdbx_audit_revision_group.revision_ordinal 
_pdbx_audit_revision_group.data_content_type 
_pdbx_audit_revision_group.group 
1  2 'Structure model' 'Version format compliance' 
2  3 'Structure model' 'Version format compliance' 
3  4 'Structure model' 'Data collection'           
4  4 'Structure model' 'Experimental preparation'  
5  4 'Structure model' Other                       
6  5 'Structure model' 'Data collection'           
7  5 'Structure model' 'Experimental preparation'  
8  6 'Structure model' 'Atomic model'              
9  6 'Structure model' 'Data collection'           
10 6 'Structure model' 'Database references'       
11 6 'Structure model' 'Derived calculations'      
12 6 'Structure model' Other                       
13 7 'Structure model' 'Structure summary'         
# 
loop_
_pdbx_audit_revision_category.ordinal 
_pdbx_audit_revision_category.revision_ordinal 
_pdbx_audit_revision_category.data_content_type 
_pdbx_audit_revision_category.category 
1  4 'Structure model' exptl_crystal_grow        
2  4 'Structure model' pdbx_database_proc        
3  4 'Structure model' pdbx_database_status      
4  5 'Structure model' exptl_crystal_grow        
5  6 'Structure model' atom_site                 
6  6 'Structure model' chem_comp_atom            
7  6 'Structure model' chem_comp_bond            
8  6 'Structure model' database_2                
9  6 'Structure model' pdbx_database_status      
10 6 'Structure model' pdbx_struct_conn_angle    
11 6 'Structure model' struct_conn               
12 7 'Structure model' pdbx_entry_details        
13 7 'Structure model' pdbx_modification_feature 
# 
loop_
_pdbx_audit_revision_item.ordinal 
_pdbx_audit_revision_item.revision_ordinal 
_pdbx_audit_revision_item.data_content_type 
_pdbx_audit_revision_item.item 
1  4 'Structure model' '_exptl_crystal_grow.temp'                     
2  4 'Structure model' '_pdbx_database_status.recvd_author_approval'  
3  5 'Structure model' '_exptl_crystal_grow.method'                   
4  6 'Structure model' '_atom_site.auth_atom_id'                      
5  6 'Structure model' '_atom_site.label_atom_id'                     
6  6 'Structure model' '_database_2.pdbx_DOI'                         
7  6 'Structure model' '_database_2.pdbx_database_accession'          
8  6 'Structure model' '_pdbx_database_status.status_code_sf'         
9  6 'Structure model' '_pdbx_struct_conn_angle.ptnr1_auth_comp_id'   
10 6 'Structure model' '_pdbx_struct_conn_angle.ptnr1_auth_seq_id'    
11 6 'Structure model' '_pdbx_struct_conn_angle.ptnr1_label_asym_id'  
12 6 'Structure model' '_pdbx_struct_conn_angle.ptnr1_label_atom_id'  
13 6 'Structure model' '_pdbx_struct_conn_angle.ptnr1_label_comp_id'  
14 6 'Structure model' '_pdbx_struct_conn_angle.ptnr1_label_seq_id'   
15 6 'Structure model' '_pdbx_struct_conn_angle.ptnr3_auth_comp_id'   
16 6 'Structure model' '_pdbx_struct_conn_angle.ptnr3_auth_seq_id'    
17 6 'Structure model' '_pdbx_struct_conn_angle.ptnr3_label_asym_id'  
18 6 'Structure model' '_pdbx_struct_conn_angle.ptnr3_label_atom_id'  
19 6 'Structure model' '_pdbx_struct_conn_angle.ptnr3_label_comp_id'  
20 6 'Structure model' '_pdbx_struct_conn_angle.ptnr3_label_seq_id'   
21 6 'Structure model' '_pdbx_struct_conn_angle.value'                
22 6 'Structure model' '_struct_conn.pdbx_dist_value'                 
23 6 'Structure model' '_struct_conn.ptnr1_auth_comp_id'              
24 6 'Structure model' '_struct_conn.ptnr1_auth_seq_id'               
25 6 'Structure model' '_struct_conn.ptnr1_label_asym_id'             
26 6 'Structure model' '_struct_conn.ptnr1_label_atom_id'             
27 6 'Structure model' '_struct_conn.ptnr1_label_comp_id'             
28 6 'Structure model' '_struct_conn.ptnr1_label_seq_id'              
29 6 'Structure model' '_struct_conn.ptnr2_auth_comp_id'              
30 6 'Structure model' '_struct_conn.ptnr2_auth_seq_id'               
31 6 'Structure model' '_struct_conn.ptnr2_label_asym_id'             
32 6 'Structure model' '_struct_conn.ptnr2_label_atom_id'             
33 6 'Structure model' '_struct_conn.ptnr2_label_comp_id'             
34 6 'Structure model' '_struct_conn.ptnr2_label_seq_id'              
35 7 'Structure model' '_pdbx_entry_details.has_protein_modification' 
# 
_pdbx_database_status.status_code                     REL 
_pdbx_database_status.entry_id                        1GVC 
_pdbx_database_status.deposit_site                    PDBE 
_pdbx_database_status.process_site                    PDBE 
_pdbx_database_status.SG_entry                        . 
_pdbx_database_status.recvd_initial_deposition_date   2002-02-07 
_pdbx_database_status.pdb_format_compatible           Y 
_pdbx_database_status.status_code_sf                  REL 
_pdbx_database_status.status_code_mr                  ? 
_pdbx_database_status.status_code_cs                  ? 
_pdbx_database_status.methods_development_category    ? 
_pdbx_database_status.status_code_nmr_data            ? 
# 
loop_
_pdbx_database_related.db_name 
_pdbx_database_related.db_id 
_pdbx_database_related.content_type 
_pdbx_database_related.details 
PDB 1AOV unspecified 'APO DUCK OVOTRANSFERRIN'                                          
PDB 1DOT unspecified 'DUCK OVOTRANSFERRIN'                                              
PDB 1GV8 unspecified '18 KDA FRAGMENT OF N-II DOMAIN OF DUCK OVOTRANSFERRIN'            
PDB 1OVB unspecified 'OVOTRANSFERRIN (18 KDA FRAGMENT, DOMAIN II FROM N-TERMINAL LOBE)' 
# 
loop_
_audit_author.name 
_audit_author.pdbx_ordinal 
'Kuser, P.'     1 
'Hall, D.R.'    2 
'Haw, M.L.'     3 
'Neu, M.'       4 
'Lindley, P.F.' 5 
# 
_citation.id                        primary 
_citation.title                     
;The Mechanism of Iron Uptake by Transferrins: The X-Ray Structures of the 18 kDa Nii Domain Fragment of Duck Ovotransferrin and its Nitrilotriacetate Complex
;
_citation.journal_abbrev            'Acta Crystallogr.,Sect.D' 
_citation.journal_volume            58 
_citation.page_first                777 
_citation.page_last                 ? 
_citation.year                      2002 
_citation.journal_id_ASTM           ABCRE6 
_citation.country                   DK 
_citation.journal_id_ISSN           0907-4449 
_citation.journal_id_CSD            0766 
_citation.book_publisher            ? 
_citation.pdbx_database_id_PubMed   11976488 
_citation.pdbx_database_id_DOI      10.1107/S0907444902003724 
# 
loop_
_citation_author.citation_id 
_citation_author.name 
_citation_author.ordinal 
_citation_author.identifier_ORCID 
primary 'Kuser, P.'     1 ? 
primary 'Hall, D.R.'    2 ? 
primary 'Haw, M.L.'     3 ? 
primary 'Neu, M.'       4 ? 
primary 'Evans, R.'     5 ? 
primary 'Lindley, P.F.' 6 ? 
# 
loop_
_entity.id 
_entity.type 
_entity.src_method 
_entity.pdbx_description 
_entity.formula_weight 
_entity.pdbx_number_of_molecules 
_entity.pdbx_ec 
_entity.pdbx_mutation 
_entity.pdbx_fragment 
_entity.details 
1 polymer     nat OVOTRANSFERRIN          17216.471 1  ? ? 'N-II FRAGMENT, RESIDUES 91-247' 
'COMPLEX OF DUCK OVOTRANSFERRIN FRAGMENT AND NTA' 
2 non-polymer syn 'CARBONATE ION'         60.009    1  ? ? ?                                ? 
3 non-polymer syn 'NITRILOTRIACETIC ACID' 191.139   1  ? ? ?                                ? 
4 non-polymer syn 'FE (III) ION'          55.845    1  ? ? ?                                ? 
5 water       nat water                   18.015    96 ? ? ?                                ? 
# 
_entity_poly.entity_id                      1 
_entity_poly.type                           'polypeptide(L)' 
_entity_poly.nstd_linkage                   no 
_entity_poly.nstd_monomer                   no 
_entity_poly.pdbx_seq_one_letter_code       
;SYYAVAVVKKGTDFMIKDLRGKTSCHTGLGRSAGWNIPIGTLIHRGDIEWEGIESGSVEQAVAKFFSASCVPGATTEQKL
CRQCKGDAKTKCLRNAPYSGYSGAFQCLKDGKGDVAFVKHTTVQENAPEEKDEYELLCLDGTRQPVDSYKTCNWARV
;
_entity_poly.pdbx_seq_one_letter_code_can   
;SYYAVAVVKKGTDFMIKDLRGKTSCHTGLGRSAGWNIPIGTLIHRGDIEWEGIESGSVEQAVAKFFSASCVPGATTEQKL
CRQCKGDAKTKCLRNAPYSGYSGAFQCLKDGKGDVAFVKHTTVQENAPEEKDEYELLCLDGTRQPVDSYKTCNWARV
;
_entity_poly.pdbx_strand_id                 A 
_entity_poly.pdbx_target_identifier         ? 
# 
loop_
_pdbx_entity_nonpoly.entity_id 
_pdbx_entity_nonpoly.name 
_pdbx_entity_nonpoly.comp_id 
2 'CARBONATE ION'         CO3 
3 'NITRILOTRIACETIC ACID' NTA 
4 'FE (III) ION'          FE  
5 water                   HOH 
# 
loop_
_entity_poly_seq.entity_id 
_entity_poly_seq.num 
_entity_poly_seq.mon_id 
_entity_poly_seq.hetero 
1 1   SER n 
1 2   TYR n 
1 3   TYR n 
1 4   ALA n 
1 5   VAL n 
1 6   ALA n 
1 7   VAL n 
1 8   VAL n 
1 9   LYS n 
1 10  LYS n 
1 11  GLY n 
1 12  THR n 
1 13  ASP n 
1 14  PHE n 
1 15  MET n 
1 16  ILE n 
1 17  LYS n 
1 18  ASP n 
1 19  LEU n 
1 20  ARG n 
1 21  GLY n 
1 22  LYS n 
1 23  THR n 
1 24  SER n 
1 25  CYS n 
1 26  HIS n 
1 27  THR n 
1 28  GLY n 
1 29  LEU n 
1 30  GLY n 
1 31  ARG n 
1 32  SER n 
1 33  ALA n 
1 34  GLY n 
1 35  TRP n 
1 36  ASN n 
1 37  ILE n 
1 38  PRO n 
1 39  ILE n 
1 40  GLY n 
1 41  THR n 
1 42  LEU n 
1 43  ILE n 
1 44  HIS n 
1 45  ARG n 
1 46  GLY n 
1 47  ASP n 
1 48  ILE n 
1 49  GLU n 
1 50  TRP n 
1 51  GLU n 
1 52  GLY n 
1 53  ILE n 
1 54  GLU n 
1 55  SER n 
1 56  GLY n 
1 57  SER n 
1 58  VAL n 
1 59  GLU n 
1 60  GLN n 
1 61  ALA n 
1 62  VAL n 
1 63  ALA n 
1 64  LYS n 
1 65  PHE n 
1 66  PHE n 
1 67  SER n 
1 68  ALA n 
1 69  SER n 
1 70  CYS n 
1 71  VAL n 
1 72  PRO n 
1 73  GLY n 
1 74  ALA n 
1 75  THR n 
1 76  THR n 
1 77  GLU n 
1 78  GLN n 
1 79  LYS n 
1 80  LEU n 
1 81  CYS n 
1 82  ARG n 
1 83  GLN n 
1 84  CYS n 
1 85  LYS n 
1 86  GLY n 
1 87  ASP n 
1 88  ALA n 
1 89  LYS n 
1 90  THR n 
1 91  LYS n 
1 92  CYS n 
1 93  LEU n 
1 94  ARG n 
1 95  ASN n 
1 96  ALA n 
1 97  PRO n 
1 98  TYR n 
1 99  SER n 
1 100 GLY n 
1 101 TYR n 
1 102 SER n 
1 103 GLY n 
1 104 ALA n 
1 105 PHE n 
1 106 GLN n 
1 107 CYS n 
1 108 LEU n 
1 109 LYS n 
1 110 ASP n 
1 111 GLY n 
1 112 LYS n 
1 113 GLY n 
1 114 ASP n 
1 115 VAL n 
1 116 ALA n 
1 117 PHE n 
1 118 VAL n 
1 119 LYS n 
1 120 HIS n 
1 121 THR n 
1 122 THR n 
1 123 VAL n 
1 124 GLN n 
1 125 GLU n 
1 126 ASN n 
1 127 ALA n 
1 128 PRO n 
1 129 GLU n 
1 130 GLU n 
1 131 LYS n 
1 132 ASP n 
1 133 GLU n 
1 134 TYR n 
1 135 GLU n 
1 136 LEU n 
1 137 LEU n 
1 138 CYS n 
1 139 LEU n 
1 140 ASP n 
1 141 GLY n 
1 142 THR n 
1 143 ARG n 
1 144 GLN n 
1 145 PRO n 
1 146 VAL n 
1 147 ASP n 
1 148 SER n 
1 149 TYR n 
1 150 LYS n 
1 151 THR n 
1 152 CYS n 
1 153 ASN n 
1 154 TRP n 
1 155 ALA n 
1 156 ARG n 
1 157 VAL n 
# 
_entity_src_nat.entity_id                  1 
_entity_src_nat.pdbx_src_id                1 
_entity_src_nat.pdbx_alt_source_flag       sample 
_entity_src_nat.pdbx_beg_seq_num           ? 
_entity_src_nat.pdbx_end_seq_num           ? 
_entity_src_nat.common_name                'COMMON DUCK' 
_entity_src_nat.pdbx_organism_scientific   'ANAS PLATYRHYNCHOS' 
_entity_src_nat.pdbx_ncbi_taxonomy_id      8839 
_entity_src_nat.genus                      ? 
_entity_src_nat.species                    ? 
_entity_src_nat.strain                     ? 
_entity_src_nat.tissue                     ? 
_entity_src_nat.tissue_fraction            ? 
_entity_src_nat.pdbx_secretion             ? 
_entity_src_nat.pdbx_fragment              ? 
_entity_src_nat.pdbx_variant               ? 
_entity_src_nat.pdbx_cell_line             ? 
_entity_src_nat.pdbx_atcc                  ? 
_entity_src_nat.pdbx_cellular_location     ? 
_entity_src_nat.pdbx_organ                 ? 
_entity_src_nat.pdbx_organelle             ? 
_entity_src_nat.pdbx_cell                  ? 
_entity_src_nat.pdbx_plasmid_name          ? 
_entity_src_nat.pdbx_plasmid_details       ? 
_entity_src_nat.details                    ? 
# 
loop_
_chem_comp.id 
_chem_comp.type 
_chem_comp.mon_nstd_flag 
_chem_comp.name 
_chem_comp.pdbx_synonyms 
_chem_comp.formula 
_chem_comp.formula_weight 
ALA 'L-peptide linking' y ALANINE                 ? 'C3 H7 N O2'     89.093  
ARG 'L-peptide linking' y ARGININE                ? 'C6 H15 N4 O2 1' 175.209 
ASN 'L-peptide linking' y ASPARAGINE              ? 'C4 H8 N2 O3'    132.118 
ASP 'L-peptide linking' y 'ASPARTIC ACID'         ? 'C4 H7 N O4'     133.103 
CO3 non-polymer         . 'CARBONATE ION'         ? 'C O3 -2'        60.009  
CYS 'L-peptide linking' y CYSTEINE                ? 'C3 H7 N O2 S'   121.158 
FE  non-polymer         . 'FE (III) ION'          ? 'Fe 3'           55.845  
GLN 'L-peptide linking' y GLUTAMINE               ? 'C5 H10 N2 O3'   146.144 
GLU 'L-peptide linking' y 'GLUTAMIC ACID'         ? 'C5 H9 N O4'     147.129 
GLY 'peptide linking'   y GLYCINE                 ? 'C2 H5 N O2'     75.067  
HIS 'L-peptide linking' y HISTIDINE               ? 'C6 H10 N3 O2 1' 156.162 
HOH non-polymer         . WATER                   ? 'H2 O'           18.015  
ILE 'L-peptide linking' y ISOLEUCINE              ? 'C6 H13 N O2'    131.173 
LEU 'L-peptide linking' y LEUCINE                 ? 'C6 H13 N O2'    131.173 
LYS 'L-peptide linking' y LYSINE                  ? 'C6 H15 N2 O2 1' 147.195 
MET 'L-peptide linking' y METHIONINE              ? 'C5 H11 N O2 S'  149.211 
NTA non-polymer         . 'NITRILOTRIACETIC ACID' ? 'C6 H9 N O6'     191.139 
PHE 'L-peptide linking' y PHENYLALANINE           ? 'C9 H11 N O2'    165.189 
PRO 'L-peptide linking' y PROLINE                 ? 'C5 H9 N O2'     115.130 
SER 'L-peptide linking' y SERINE                  ? 'C3 H7 N O3'     105.093 
THR 'L-peptide linking' y THREONINE               ? 'C4 H9 N O3'     119.119 
TRP 'L-peptide linking' y TRYPTOPHAN              ? 'C11 H12 N2 O2'  204.225 
TYR 'L-peptide linking' y TYROSINE                ? 'C9 H11 N O3'    181.189 
VAL 'L-peptide linking' y VALINE                  ? 'C5 H11 N O2'    117.146 
# 
loop_
_pdbx_poly_seq_scheme.asym_id 
_pdbx_poly_seq_scheme.entity_id 
_pdbx_poly_seq_scheme.seq_id 
_pdbx_poly_seq_scheme.mon_id 
_pdbx_poly_seq_scheme.ndb_seq_num 
_pdbx_poly_seq_scheme.pdb_seq_num 
_pdbx_poly_seq_scheme.auth_seq_num 
_pdbx_poly_seq_scheme.pdb_mon_id 
_pdbx_poly_seq_scheme.auth_mon_id 
_pdbx_poly_seq_scheme.pdb_strand_id 
_pdbx_poly_seq_scheme.pdb_ins_code 
_pdbx_poly_seq_scheme.hetero 
A 1 1   SER 1   94  94  SER SER A . n 
A 1 2   TYR 2   95  95  TYR TYR A . n 
A 1 3   TYR 3   96  96  TYR TYR A . n 
A 1 4   ALA 4   97  97  ALA ALA A . n 
A 1 5   VAL 5   98  98  VAL VAL A . n 
A 1 6   ALA 6   99  99  ALA ALA A . n 
A 1 7   VAL 7   100 100 VAL VAL A . n 
A 1 8   VAL 8   101 101 VAL VAL A . n 
A 1 9   LYS 9   102 102 LYS LYS A . n 
A 1 10  LYS 10  103 103 LYS LYS A . n 
A 1 11  GLY 11  104 104 GLY GLY A . n 
A 1 12  THR 12  105 105 THR THR A . n 
A 1 13  ASP 13  106 106 ASP ASP A . n 
A 1 14  PHE 14  107 107 PHE PHE A . n 
A 1 15  MET 15  108 108 MET MET A . n 
A 1 16  ILE 16  109 109 ILE ILE A . n 
A 1 17  LYS 17  110 110 LYS LYS A . n 
A 1 18  ASP 18  111 111 ASP ASP A . n 
A 1 19  LEU 19  112 112 LEU LEU A . n 
A 1 20  ARG 20  113 113 ARG ARG A . n 
A 1 21  GLY 21  114 114 GLY GLY A . n 
A 1 22  LYS 22  115 115 LYS LYS A . n 
A 1 23  THR 23  116 116 THR THR A . n 
A 1 24  SER 24  117 117 SER SER A . n 
A 1 25  CYS 25  118 118 CYS CYS A . n 
A 1 26  HIS 26  119 119 HIS HIS A . n 
A 1 27  THR 27  120 120 THR THR A . n 
A 1 28  GLY 28  121 121 GLY GLY A . n 
A 1 29  LEU 29  122 122 LEU LEU A . n 
A 1 30  GLY 30  123 123 GLY GLY A . n 
A 1 31  ARG 31  124 124 ARG ARG A . n 
A 1 32  SER 32  125 125 SER SER A . n 
A 1 33  ALA 33  126 126 ALA ALA A . n 
A 1 34  GLY 34  127 127 GLY GLY A . n 
A 1 35  TRP 35  128 128 TRP TRP A . n 
A 1 36  ASN 36  129 129 ASN ASN A . n 
A 1 37  ILE 37  130 130 ILE ILE A . n 
A 1 38  PRO 38  131 131 PRO PRO A . n 
A 1 39  ILE 39  132 132 ILE ILE A . n 
A 1 40  GLY 40  133 133 GLY GLY A . n 
A 1 41  THR 41  134 134 THR THR A . n 
A 1 42  LEU 42  135 135 LEU LEU A . n 
A 1 43  ILE 43  136 136 ILE ILE A . n 
A 1 44  HIS 44  137 137 HIS HIS A . n 
A 1 45  ARG 45  138 138 ARG ARG A . n 
A 1 46  GLY 46  139 139 GLY GLY A . n 
A 1 47  ASP 47  140 140 ASP ASP A . n 
A 1 48  ILE 48  141 141 ILE ILE A . n 
A 1 49  GLU 49  142 142 GLU GLU A . n 
A 1 50  TRP 50  143 143 TRP TRP A . n 
A 1 51  GLU 51  144 144 GLU GLU A . n 
A 1 52  GLY 52  145 145 GLY GLY A . n 
A 1 53  ILE 53  146 146 ILE ILE A . n 
A 1 54  GLU 54  147 147 GLU GLU A . n 
A 1 55  SER 55  148 148 SER SER A . n 
A 1 56  GLY 56  149 149 GLY GLY A . n 
A 1 57  SER 57  150 150 SER SER A . n 
A 1 58  VAL 58  151 151 VAL VAL A . n 
A 1 59  GLU 59  152 152 GLU GLU A . n 
A 1 60  GLN 60  153 153 GLN GLN A . n 
A 1 61  ALA 61  154 154 ALA ALA A . n 
A 1 62  VAL 62  155 155 VAL VAL A . n 
A 1 63  ALA 63  156 156 ALA ALA A . n 
A 1 64  LYS 64  157 157 LYS LYS A . n 
A 1 65  PHE 65  158 158 PHE PHE A . n 
A 1 66  PHE 66  159 159 PHE PHE A . n 
A 1 67  SER 67  160 160 SER SER A . n 
A 1 68  ALA 68  161 161 ALA ALA A . n 
A 1 69  SER 69  162 162 SER SER A . n 
A 1 70  CYS 70  163 163 CYS CYS A . n 
A 1 71  VAL 71  164 164 VAL VAL A . n 
A 1 72  PRO 72  165 165 PRO PRO A . n 
A 1 73  GLY 73  166 166 GLY GLY A . n 
A 1 74  ALA 74  167 167 ALA ALA A . n 
A 1 75  THR 75  168 168 THR THR A . n 
A 1 76  THR 76  169 169 THR THR A . n 
A 1 77  GLU 77  170 170 GLU GLU A . n 
A 1 78  GLN 78  171 171 GLN GLN A . n 
A 1 79  LYS 79  172 172 LYS LYS A . n 
A 1 80  LEU 80  173 173 LEU LEU A . n 
A 1 81  CYS 81  174 174 CYS CYS A . n 
A 1 82  ARG 82  175 175 ARG ARG A . n 
A 1 83  GLN 83  176 176 GLN GLN A . n 
A 1 84  CYS 84  177 177 CYS CYS A . n 
A 1 85  LYS 85  178 178 LYS LYS A . n 
A 1 86  GLY 86  179 179 GLY GLY A . n 
A 1 87  ASP 87  180 180 ASP ASP A . n 
A 1 88  ALA 88  181 181 ALA ALA A . n 
A 1 89  LYS 89  182 182 LYS LYS A . n 
A 1 90  THR 90  183 183 THR THR A . n 
A 1 91  LYS 91  184 184 LYS LYS A . n 
A 1 92  CYS 92  185 185 CYS CYS A . n 
A 1 93  LEU 93  186 186 LEU LEU A . n 
A 1 94  ARG 94  187 187 ARG ARG A . n 
A 1 95  ASN 95  188 188 ASN ASN A . n 
A 1 96  ALA 96  189 189 ALA ALA A . n 
A 1 97  PRO 97  190 190 PRO PRO A . n 
A 1 98  TYR 98  191 191 TYR TYR A . n 
A 1 99  SER 99  192 192 SER SER A . n 
A 1 100 GLY 100 193 193 GLY GLY A . n 
A 1 101 TYR 101 194 194 TYR TYR A . n 
A 1 102 SER 102 195 195 SER SER A . n 
A 1 103 GLY 103 196 196 GLY GLY A . n 
A 1 104 ALA 104 197 197 ALA ALA A . n 
A 1 105 PHE 105 198 198 PHE PHE A . n 
A 1 106 GLN 106 199 199 GLN GLN A . n 
A 1 107 CYS 107 200 200 CYS CYS A . n 
A 1 108 LEU 108 201 201 LEU LEU A . n 
A 1 109 LYS 109 202 202 LYS LYS A . n 
A 1 110 ASP 110 203 203 ASP ASP A . n 
A 1 111 GLY 111 204 204 GLY GLY A . n 
A 1 112 LYS 112 205 205 LYS LYS A . n 
A 1 113 GLY 113 206 206 GLY GLY A . n 
A 1 114 ASP 114 207 207 ASP ASP A . n 
A 1 115 VAL 115 208 208 VAL VAL A . n 
A 1 116 ALA 116 209 209 ALA ALA A . n 
A 1 117 PHE 117 210 210 PHE PHE A . n 
A 1 118 VAL 118 211 211 VAL VAL A . n 
A 1 119 LYS 119 212 212 LYS LYS A . n 
A 1 120 HIS 120 213 213 HIS HIS A . n 
A 1 121 THR 121 214 214 THR THR A . n 
A 1 122 THR 122 215 215 THR THR A . n 
A 1 123 VAL 123 216 216 VAL VAL A . n 
A 1 124 GLN 124 217 217 GLN GLN A . n 
A 1 125 GLU 125 218 218 GLU GLU A . n 
A 1 126 ASN 126 219 219 ASN ASN A . n 
A 1 127 ALA 127 220 220 ALA ALA A . n 
A 1 128 PRO 128 221 221 PRO PRO A . n 
A 1 129 GLU 129 222 222 GLU GLU A . n 
A 1 130 GLU 130 223 223 GLU GLU A . n 
A 1 131 LYS 131 224 224 LYS LYS A . n 
A 1 132 ASP 132 225 225 ASP ASP A . n 
A 1 133 GLU 133 226 226 GLU GLU A . n 
A 1 134 TYR 134 227 227 TYR TYR A . n 
A 1 135 GLU 135 228 228 GLU GLU A . n 
A 1 136 LEU 136 229 229 LEU LEU A . n 
A 1 137 LEU 137 230 230 LEU LEU A . n 
A 1 138 CYS 138 231 231 CYS CYS A . n 
A 1 139 LEU 139 232 232 LEU LEU A . n 
A 1 140 ASP 140 233 233 ASP ASP A . n 
A 1 141 GLY 141 234 234 GLY GLY A . n 
A 1 142 THR 142 235 235 THR THR A . n 
A 1 143 ARG 143 236 236 ARG ARG A . n 
A 1 144 GLN 144 237 237 GLN GLN A . n 
A 1 145 PRO 145 238 238 PRO PRO A . n 
A 1 146 VAL 146 239 239 VAL VAL A . n 
A 1 147 ASP 147 240 240 ASP ASP A . n 
A 1 148 SER 148 241 241 SER SER A . n 
A 1 149 TYR 149 242 242 TYR TYR A . n 
A 1 150 LYS 150 243 243 LYS LYS A . n 
A 1 151 THR 151 244 244 THR THR A . n 
A 1 152 CYS 152 245 245 CYS CYS A . n 
A 1 153 ASN 153 246 246 ASN ASN A . n 
A 1 154 TRP 154 247 247 TRP TRP A . n 
A 1 155 ALA 155 248 248 ALA ALA A . n 
A 1 156 ARG 156 249 249 ARG ARG A . n 
A 1 157 VAL 157 250 250 VAL VAL A . n 
# 
loop_
_pdbx_nonpoly_scheme.asym_id 
_pdbx_nonpoly_scheme.entity_id 
_pdbx_nonpoly_scheme.mon_id 
_pdbx_nonpoly_scheme.ndb_seq_num 
_pdbx_nonpoly_scheme.pdb_seq_num 
_pdbx_nonpoly_scheme.auth_seq_num 
_pdbx_nonpoly_scheme.pdb_mon_id 
_pdbx_nonpoly_scheme.auth_mon_id 
_pdbx_nonpoly_scheme.pdb_strand_id 
_pdbx_nonpoly_scheme.pdb_ins_code 
B 2 CO3 1  1251 1251 CO3 CO3 A . 
C 3 NTA 1  1252 1252 NTA NTA A . 
D 4 FE  1  1253 1253 FE  FE  A . 
E 5 HOH 1  2001 2001 HOH HOH A . 
E 5 HOH 2  2002 2002 HOH HOH A . 
E 5 HOH 3  2003 2003 HOH HOH A . 
E 5 HOH 4  2004 2004 HOH HOH A . 
E 5 HOH 5  2005 2005 HOH HOH A . 
E 5 HOH 6  2006 2006 HOH HOH A . 
E 5 HOH 7  2007 2007 HOH HOH A . 
E 5 HOH 8  2008 2008 HOH HOH A . 
E 5 HOH 9  2009 2009 HOH HOH A . 
E 5 HOH 10 2010 2010 HOH HOH A . 
E 5 HOH 11 2011 2011 HOH HOH A . 
E 5 HOH 12 2012 2012 HOH HOH A . 
E 5 HOH 13 2013 2013 HOH HOH A . 
E 5 HOH 14 2014 2014 HOH HOH A . 
E 5 HOH 15 2015 2015 HOH HOH A . 
E 5 HOH 16 2016 2016 HOH HOH A . 
E 5 HOH 17 2017 2017 HOH HOH A . 
E 5 HOH 18 2018 2018 HOH HOH A . 
E 5 HOH 19 2019 2019 HOH HOH A . 
E 5 HOH 20 2020 2020 HOH HOH A . 
E 5 HOH 21 2021 2021 HOH HOH A . 
E 5 HOH 22 2022 2022 HOH HOH A . 
E 5 HOH 23 2023 2023 HOH HOH A . 
E 5 HOH 24 2024 2024 HOH HOH A . 
E 5 HOH 25 2025 2025 HOH HOH A . 
E 5 HOH 26 2026 2026 HOH HOH A . 
E 5 HOH 27 2027 2027 HOH HOH A . 
E 5 HOH 28 2028 2028 HOH HOH A . 
E 5 HOH 29 2029 2029 HOH HOH A . 
E 5 HOH 30 2030 2030 HOH HOH A . 
E 5 HOH 31 2031 2031 HOH HOH A . 
E 5 HOH 32 2032 2032 HOH HOH A . 
E 5 HOH 33 2033 2033 HOH HOH A . 
E 5 HOH 34 2034 2034 HOH HOH A . 
E 5 HOH 35 2035 2035 HOH HOH A . 
E 5 HOH 36 2036 2036 HOH HOH A . 
E 5 HOH 37 2037 2037 HOH HOH A . 
E 5 HOH 38 2038 2038 HOH HOH A . 
E 5 HOH 39 2039 2039 HOH HOH A . 
E 5 HOH 40 2040 2040 HOH HOH A . 
E 5 HOH 41 2041 2041 HOH HOH A . 
E 5 HOH 42 2042 2042 HOH HOH A . 
E 5 HOH 43 2043 2043 HOH HOH A . 
E 5 HOH 44 2044 2044 HOH HOH A . 
E 5 HOH 45 2045 2045 HOH HOH A . 
E 5 HOH 46 2046 2046 HOH HOH A . 
E 5 HOH 47 2047 2047 HOH HOH A . 
E 5 HOH 48 2048 2048 HOH HOH A . 
E 5 HOH 49 2049 2049 HOH HOH A . 
E 5 HOH 50 2050 2050 HOH HOH A . 
E 5 HOH 51 2051 2051 HOH HOH A . 
E 5 HOH 52 2052 2052 HOH HOH A . 
E 5 HOH 53 2053 2053 HOH HOH A . 
E 5 HOH 54 2054 2054 HOH HOH A . 
E 5 HOH 55 2055 2055 HOH HOH A . 
E 5 HOH 56 2056 2056 HOH HOH A . 
E 5 HOH 57 2057 2057 HOH HOH A . 
E 5 HOH 58 2058 2058 HOH HOH A . 
E 5 HOH 59 2059 2059 HOH HOH A . 
E 5 HOH 60 2060 2060 HOH HOH A . 
E 5 HOH 61 2061 2061 HOH HOH A . 
E 5 HOH 62 2062 2062 HOH HOH A . 
E 5 HOH 63 2063 2063 HOH HOH A . 
E 5 HOH 64 2064 2064 HOH HOH A . 
E 5 HOH 65 2065 2065 HOH HOH A . 
E 5 HOH 66 2066 2066 HOH HOH A . 
E 5 HOH 67 2067 2067 HOH HOH A . 
E 5 HOH 68 2068 2068 HOH HOH A . 
E 5 HOH 69 2069 2069 HOH HOH A . 
E 5 HOH 70 2070 2070 HOH HOH A . 
E 5 HOH 71 2071 2071 HOH HOH A . 
E 5 HOH 72 2072 2072 HOH HOH A . 
E 5 HOH 73 2073 2073 HOH HOH A . 
E 5 HOH 74 2074 2074 HOH HOH A . 
E 5 HOH 75 2075 2075 HOH HOH A . 
E 5 HOH 76 2076 2076 HOH HOH A . 
E 5 HOH 77 2077 2077 HOH HOH A . 
E 5 HOH 78 2078 2078 HOH HOH A . 
E 5 HOH 79 2079 2079 HOH HOH A . 
E 5 HOH 80 2080 2080 HOH HOH A . 
E 5 HOH 81 2081 2081 HOH HOH A . 
E 5 HOH 82 2082 2082 HOH HOH A . 
E 5 HOH 83 2083 2083 HOH HOH A . 
E 5 HOH 84 2084 2084 HOH HOH A . 
E 5 HOH 85 2085 2085 HOH HOH A . 
E 5 HOH 86 2086 2086 HOH HOH A . 
E 5 HOH 87 2087 2087 HOH HOH A . 
E 5 HOH 88 2088 2088 HOH HOH A . 
E 5 HOH 89 2089 2089 HOH HOH A . 
E 5 HOH 90 2090 2090 HOH HOH A . 
E 5 HOH 91 2091 2091 HOH HOH A . 
E 5 HOH 92 2092 2092 HOH HOH A . 
E 5 HOH 93 2093 2093 HOH HOH A . 
E 5 HOH 94 2094 2094 HOH HOH A . 
E 5 HOH 95 2095 2095 HOH HOH A . 
E 5 HOH 96 2096 2096 HOH HOH A . 
# 
loop_
_software.name 
_software.classification 
_software.version 
_software.citation_id 
_software.pdbx_ordinal 
REFMAC   refinement       5 ? 1 
MOSFLM   'data reduction' . ? 2 
Agrovata 'data scaling'   . ? 3 
# 
_cell.entry_id           1GVC 
_cell.length_a           41.410 
_cell.length_b           41.410 
_cell.length_c           81.450 
_cell.angle_alpha        90.00 
_cell.angle_beta         90.00 
_cell.angle_gamma        120.00 
_cell.Z_PDB              3 
_cell.pdbx_unique_axis   ? 
# 
_symmetry.entry_id                         1GVC 
_symmetry.space_group_name_H-M             'P 31' 
_symmetry.pdbx_full_space_group_name_H-M   ? 
_symmetry.cell_setting                     ? 
_symmetry.Int_Tables_number                144 
# 
_exptl.entry_id          1GVC 
_exptl.method            'X-RAY DIFFRACTION' 
_exptl.crystals_number   1 
# 
_exptl_crystal.id                    1 
_exptl_crystal.density_meas          ? 
_exptl_crystal.density_Matthews      2.24 
_exptl_crystal.density_percent_sol   45 
_exptl_crystal.description           ? 
# 
_exptl_crystal_grow.crystal_id      1 
_exptl_crystal_grow.method          'VAPOR DIFFUSION, SITTING DROP' 
_exptl_crystal_grow.temp            277 
_exptl_crystal_grow.temp_details    ? 
_exptl_crystal_grow.pH              7.80 
_exptl_crystal_grow.pdbx_pH_range   ? 
_exptl_crystal_grow.pdbx_details    'SITTING DROP AT PH7.8 AND 277K, pH 7.80' 
# 
_diffrn.id                     1 
_diffrn.ambient_temp           277.0 
_diffrn.ambient_temp_details   ? 
_diffrn.crystal_id             1 
# 
_diffrn_detector.diffrn_id              1 
_diffrn_detector.detector               'IMAGE PLATE' 
_diffrn_detector.type                   'RIGAKU RAXIS II' 
_diffrn_detector.pdbx_collection_date   1993-01-15 
_diffrn_detector.details                'PT COATED FUSED QUARTZ' 
# 
_diffrn_radiation.diffrn_id                        1 
_diffrn_radiation.wavelength_id                    1 
_diffrn_radiation.pdbx_monochromatic_or_laue_m_l   M 
_diffrn_radiation.monochromator                    'TRIANGULAR SI(111)' 
_diffrn_radiation.pdbx_diffrn_protocol             'SINGLE WAVELENGTH' 
_diffrn_radiation.pdbx_scattering_type             x-ray 
# 
_diffrn_radiation_wavelength.id           1 
_diffrn_radiation_wavelength.wavelength   0.88 
_diffrn_radiation_wavelength.wt           1.0 
# 
_diffrn_source.diffrn_id                   1 
_diffrn_source.source                      SYNCHROTRON 
_diffrn_source.type                        'SRS BEAMLINE PX9.6' 
_diffrn_source.pdbx_synchrotron_site       SRS 
_diffrn_source.pdbx_synchrotron_beamline   PX9.6 
_diffrn_source.pdbx_wavelength             0.88 
_diffrn_source.pdbx_wavelength_list        ? 
# 
_reflns.pdbx_diffrn_id               1 
_reflns.pdbx_ordinal                 1 
_reflns.entry_id                     1GVC 
_reflns.observed_criterion_sigma_I   ? 
_reflns.observed_criterion_sigma_F   ? 
_reflns.d_resolution_low             26.920 
_reflns.d_resolution_high            1.900 
_reflns.number_obs                   12081 
_reflns.number_all                   ? 
_reflns.percent_possible_obs         98.0 
_reflns.pdbx_Rmerge_I_obs            0.04100 
_reflns.pdbx_Rsym_value              ? 
_reflns.pdbx_netI_over_sigmaI        8.5000 
_reflns.B_iso_Wilson_estimate        ? 
_reflns.pdbx_redundancy              4.300 
# 
_reflns_shell.pdbx_diffrn_id         1 
_reflns_shell.pdbx_ordinal           1 
_reflns_shell.d_res_high             1.90 
_reflns_shell.d_res_low              1.97 
_reflns_shell.percent_possible_all   97.3 
_reflns_shell.Rmerge_I_obs           0.08800 
_reflns_shell.pdbx_Rsym_value        ? 
_reflns_shell.meanI_over_sigI_obs    7.600 
_reflns_shell.pdbx_redundancy        2.10 
# 
_refine.pdbx_refine_id                           'X-RAY DIFFRACTION' 
_refine.entry_id                                 1GVC 
_refine.pdbx_diffrn_id                           1 
_refine.pdbx_TLS_residual_ADP_flag               ? 
_refine.ls_number_reflns_obs                     11481 
_refine.ls_number_reflns_all                     ? 
_refine.pdbx_ls_sigma_I                          ? 
_refine.pdbx_ls_sigma_F                          ? 
_refine.pdbx_data_cutoff_high_absF               ? 
_refine.pdbx_data_cutoff_low_absF                ? 
_refine.pdbx_data_cutoff_high_rms_absF           ? 
_refine.ls_d_res_low                             26.92 
_refine.ls_d_res_high                            1.90 
_refine.ls_percent_reflns_obs                    98.05 
_refine.ls_R_factor_obs                          0.186 
_refine.ls_R_factor_all                          ? 
_refine.ls_R_factor_R_work                       0.185 
_refine.ls_R_factor_R_free                       0.211 
_refine.ls_R_factor_R_free_error                 ? 
_refine.ls_R_factor_R_free_error_details         ? 
_refine.ls_percent_reflns_R_free                 4.8 
_refine.ls_number_reflns_R_free                  573 
_refine.ls_number_parameters                     ? 
_refine.ls_number_restraints                     ? 
_refine.occupancy_min                            ? 
_refine.occupancy_max                            ? 
_refine.correlation_coeff_Fo_to_Fc               ? 
_refine.correlation_coeff_Fo_to_Fc_free          ? 
_refine.B_iso_mean                               ? 
_refine.aniso_B[1][1]                            ? 
_refine.aniso_B[2][2]                            ? 
_refine.aniso_B[3][3]                            ? 
_refine.aniso_B[1][2]                            ? 
_refine.aniso_B[1][3]                            ? 
_refine.aniso_B[2][3]                            ? 
_refine.solvent_model_details                    ? 
_refine.solvent_model_param_ksol                 ? 
_refine.solvent_model_param_bsol                 ? 
_refine.pdbx_solvent_vdw_probe_radii             ? 
_refine.pdbx_solvent_ion_probe_radii             ? 
_refine.pdbx_solvent_shrinkage_radii             ? 
_refine.pdbx_ls_cross_valid_method               THROUGHOUT 
_refine.details                                  'RESIDUES E144 - S148 INCLUSIVE ARE POORLY DEFINED' 
_refine.pdbx_starting_model                      ? 
_refine.pdbx_method_to_determine_struct          OTHER 
_refine.pdbx_isotropic_thermal_model             ? 
_refine.pdbx_stereochemistry_target_values       ? 
_refine.pdbx_stereochem_target_val_spec_case     ? 
_refine.pdbx_R_Free_selection_details            RANDOM 
_refine.pdbx_overall_ESU_R                       ? 
_refine.pdbx_overall_ESU_R_Free                  0.139 
_refine.overall_SU_ML                            0.145 
_refine.pdbx_overall_phase_error                 ? 
_refine.overall_SU_B                             4.873 
_refine.overall_SU_R_Cruickshank_DPI             ? 
_refine.pdbx_overall_SU_R_free_Cruickshank_DPI   ? 
_refine.pdbx_overall_SU_R_Blow_DPI               ? 
_refine.pdbx_overall_SU_R_free_Blow_DPI          ? 
# 
_refine_hist.pdbx_refine_id                   'X-RAY DIFFRACTION' 
_refine_hist.cycle_id                         LAST 
_refine_hist.pdbx_number_atoms_protein        1204 
_refine_hist.pdbx_number_atoms_nucleic_acid   0 
_refine_hist.pdbx_number_atoms_ligand         18 
_refine_hist.number_atoms_solvent             96 
_refine_hist.number_atoms_total               1318 
_refine_hist.d_res_high                       1.90 
_refine_hist.d_res_low                        26.92 
# 
_struct.entry_id                  1GVC 
_struct.title                     '18kDa N-II domain fragment of duck ovotransferrin + NTA' 
_struct.pdbx_model_details        ? 
_struct.pdbx_CASP_flag            ? 
_struct.pdbx_model_type_details   ? 
# 
_struct_keywords.entry_id        1GVC 
_struct_keywords.pdbx_keywords   'IRON TRANSPORT' 
_struct_keywords.text            'IRON TRANSPORT, GLYCOPROTEIN, METAL-BINDING' 
# 
loop_
_struct_asym.id 
_struct_asym.pdbx_blank_PDB_chainid_flag 
_struct_asym.pdbx_modified 
_struct_asym.entity_id 
_struct_asym.details 
A N N 1 ? 
B N N 2 ? 
C N N 3 ? 
D N N 4 ? 
E N N 5 ? 
# 
_struct_ref.id                         1 
_struct_ref.db_name                    UNP 
_struct_ref.db_code                    TRFE_ANAPL 
_struct_ref.entity_id                  1 
_struct_ref.pdbx_seq_one_letter_code   ? 
_struct_ref.pdbx_align_begin           ? 
_struct_ref.pdbx_db_accession          P56410 
_struct_ref.pdbx_db_isoform            ? 
# 
_struct_ref_seq.align_id                      1 
_struct_ref_seq.ref_id                        1 
_struct_ref_seq.pdbx_PDB_id_code              1GVC 
_struct_ref_seq.pdbx_strand_id                A 
_struct_ref_seq.seq_align_beg                 1 
_struct_ref_seq.pdbx_seq_align_beg_ins_code   ? 
_struct_ref_seq.seq_align_end                 157 
_struct_ref_seq.pdbx_seq_align_end_ins_code   ? 
_struct_ref_seq.pdbx_db_accession             P56410 
_struct_ref_seq.db_align_beg                  91 
_struct_ref_seq.pdbx_db_align_beg_ins_code    ? 
_struct_ref_seq.db_align_end                  247 
_struct_ref_seq.pdbx_db_align_end_ins_code    ? 
_struct_ref_seq.pdbx_auth_seq_align_beg       94 
_struct_ref_seq.pdbx_auth_seq_align_end       250 
# 
loop_
_struct_ref_seq_dif.align_id 
_struct_ref_seq_dif.pdbx_pdb_id_code 
_struct_ref_seq_dif.mon_id 
_struct_ref_seq_dif.pdbx_pdb_strand_id 
_struct_ref_seq_dif.seq_num 
_struct_ref_seq_dif.pdbx_pdb_ins_code 
_struct_ref_seq_dif.pdbx_seq_db_name 
_struct_ref_seq_dif.pdbx_seq_db_accession_code 
_struct_ref_seq_dif.db_mon_id 
_struct_ref_seq_dif.pdbx_seq_db_seq_num 
_struct_ref_seq_dif.details 
_struct_ref_seq_dif.pdbx_auth_seq_num 
_struct_ref_seq_dif.pdbx_ordinal 
1 1GVC GLY A 46 ? UNP P56410 GLU 136 'SEE REMARK 999' 139 1 
1 1GVC SER A 57 ? UNP P56410 ILE 147 'SEE REMARK 999' 150 2 
1 1GVC VAL A 58 ? UNP P56410 SER 148 'SEE REMARK 999' 151 3 
1 1GVC THR A 76 ? UNP P56410 ILE 166 'SEE REMARK 999' 169 4 
# 
_pdbx_struct_assembly.id                   1 
_pdbx_struct_assembly.details              author_and_software_defined_assembly 
_pdbx_struct_assembly.method_details       PQS 
_pdbx_struct_assembly.oligomeric_details   monomeric 
_pdbx_struct_assembly.oligomeric_count     1 
# 
_pdbx_struct_assembly_gen.assembly_id       1 
_pdbx_struct_assembly_gen.oper_expression   1 
_pdbx_struct_assembly_gen.asym_id_list      A,B,C,D,E 
# 
_pdbx_struct_oper_list.id                   1 
_pdbx_struct_oper_list.type                 'identity operation' 
_pdbx_struct_oper_list.name                 1_555 
_pdbx_struct_oper_list.symmetry_operation   x,y,z 
_pdbx_struct_oper_list.matrix[1][1]         1.0000000000 
_pdbx_struct_oper_list.matrix[1][2]         0.0000000000 
_pdbx_struct_oper_list.matrix[1][3]         0.0000000000 
_pdbx_struct_oper_list.vector[1]            0.0000000000 
_pdbx_struct_oper_list.matrix[2][1]         0.0000000000 
_pdbx_struct_oper_list.matrix[2][2]         1.0000000000 
_pdbx_struct_oper_list.matrix[2][3]         0.0000000000 
_pdbx_struct_oper_list.vector[2]            0.0000000000 
_pdbx_struct_oper_list.matrix[3][1]         0.0000000000 
_pdbx_struct_oper_list.matrix[3][2]         0.0000000000 
_pdbx_struct_oper_list.matrix[3][3]         1.0000000000 
_pdbx_struct_oper_list.vector[3]            0.0000000000 
# 
_struct_biol.id   1 
# 
loop_
_struct_conf.conf_type_id 
_struct_conf.id 
_struct_conf.pdbx_PDB_helix_id 
_struct_conf.beg_label_comp_id 
_struct_conf.beg_label_asym_id 
_struct_conf.beg_label_seq_id 
_struct_conf.pdbx_beg_PDB_ins_code 
_struct_conf.end_label_comp_id 
_struct_conf.end_label_asym_id 
_struct_conf.end_label_seq_id 
_struct_conf.pdbx_end_PDB_ins_code 
_struct_conf.beg_auth_comp_id 
_struct_conf.beg_auth_asym_id 
_struct_conf.beg_auth_seq_id 
_struct_conf.end_auth_comp_id 
_struct_conf.end_auth_asym_id 
_struct_conf.end_auth_seq_id 
_struct_conf.pdbx_PDB_helix_class 
_struct_conf.details 
_struct_conf.pdbx_PDB_helix_length 
HELX_P HELX_P1 1 MET A 15  ? LEU A 19  ? MET A 108 LEU A 112 5 ? 5  
HELX_P HELX_P2 2 TRP A 35  ? ARG A 45  ? TRP A 128 ARG A 138 1 ? 11 
HELX_P HELX_P3 3 SER A 57  ? PHE A 66  ? SER A 150 PHE A 159 1 ? 10 
HELX_P HELX_P4 4 GLU A 77  ? ARG A 82  ? GLU A 170 ARG A 175 5 ? 6  
HELX_P HELX_P5 5 SER A 99  ? ASP A 110 ? SER A 192 ASP A 203 1 ? 12 
HELX_P HELX_P6 6 THR A 121 ? ALA A 127 ? THR A 214 ALA A 220 1 ? 7  
HELX_P HELX_P7 7 PRO A 128 ? ASP A 132 ? PRO A 221 ASP A 225 5 ? 5  
HELX_P HELX_P8 8 ASP A 147 ? CYS A 152 ? ASP A 240 CYS A 245 5 ? 6  
# 
_struct_conf_type.id          HELX_P 
_struct_conf_type.criteria    ? 
_struct_conf_type.reference   ? 
# 
loop_
_struct_conn.id 
_struct_conn.conn_type_id 
_struct_conn.pdbx_leaving_atom_flag 
_struct_conn.pdbx_PDB_id 
_struct_conn.ptnr1_label_asym_id 
_struct_conn.ptnr1_label_comp_id 
_struct_conn.ptnr1_label_seq_id 
_struct_conn.ptnr1_label_atom_id 
_struct_conn.pdbx_ptnr1_label_alt_id 
_struct_conn.pdbx_ptnr1_PDB_ins_code 
_struct_conn.pdbx_ptnr1_standard_comp_id 
_struct_conn.ptnr1_symmetry 
_struct_conn.ptnr2_label_asym_id 
_struct_conn.ptnr2_label_comp_id 
_struct_conn.ptnr2_label_seq_id 
_struct_conn.ptnr2_label_atom_id 
_struct_conn.pdbx_ptnr2_label_alt_id 
_struct_conn.pdbx_ptnr2_PDB_ins_code 
_struct_conn.ptnr1_auth_asym_id 
_struct_conn.ptnr1_auth_comp_id 
_struct_conn.ptnr1_auth_seq_id 
_struct_conn.ptnr2_auth_asym_id 
_struct_conn.ptnr2_auth_comp_id 
_struct_conn.ptnr2_auth_seq_id 
_struct_conn.ptnr2_symmetry 
_struct_conn.pdbx_ptnr3_label_atom_id 
_struct_conn.pdbx_ptnr3_label_seq_id 
_struct_conn.pdbx_ptnr3_label_comp_id 
_struct_conn.pdbx_ptnr3_label_asym_id 
_struct_conn.pdbx_ptnr3_label_alt_id 
_struct_conn.pdbx_ptnr3_PDB_ins_code 
_struct_conn.details 
_struct_conn.pdbx_dist_value 
_struct_conn.pdbx_value_order 
_struct_conn.pdbx_role 
disulf1 disulf ? ? A CYS 25  SG  ? ? ? 1_555 A CYS 107 SG ? ? A CYS 118  A CYS 200  1_555 ? ? ? ? ? ? ? 1.989 ? ? 
disulf2 disulf ? ? A CYS 70  SG  ? ? ? 1_555 A CYS 84  SG ? ? A CYS 163  A CYS 177  1_555 ? ? ? ? ? ? ? 2.070 ? ? 
disulf3 disulf ? ? A CYS 81  SG  ? ? ? 1_555 A CYS 92  SG ? ? A CYS 174  A CYS 185  1_555 ? ? ? ? ? ? ? 2.010 ? ? 
disulf4 disulf ? ? A CYS 138 SG  ? ? ? 1_555 A CYS 152 SG ? ? A CYS 231  A CYS 245  1_555 ? ? ? ? ? ? ? 2.028 ? ? 
metalc1 metalc ? ? A TYR 101 OH  ? ? ? 1_555 D FE  .   FE ? ? A TYR 194  A FE  1253 1_555 ? ? ? ? ? ? ? 1.861 ? ? 
metalc2 metalc ? ? B CO3 .   O3  ? ? ? 1_555 D FE  .   FE ? ? A CO3 1251 A FE  1253 1_555 ? ? ? ? ? ? ? 2.086 ? ? 
metalc3 metalc ? ? B CO3 .   O2  ? ? ? 1_555 D FE  .   FE ? ? A CO3 1251 A FE  1253 1_555 ? ? ? ? ? ? ? 2.108 ? ? 
metalc4 metalc ? ? C NTA .   O12 ? ? ? 1_555 D FE  .   FE ? ? A NTA 1252 A FE  1253 1_555 ? ? ? ? ? ? ? 1.744 ? ? 
metalc5 metalc ? ? C NTA .   O   ? ? ? 1_555 D FE  .   FE ? ? A NTA 1252 A FE  1253 1_555 ? ? ? ? ? ? ? 2.056 ? ? 
metalc6 metalc ? ? C NTA .   O8  ? ? ? 1_555 D FE  .   FE ? ? A NTA 1252 A FE  1253 1_555 ? ? ? ? ? ? ? 2.614 ? ? 
# 
loop_
_struct_conn_type.id 
_struct_conn_type.criteria 
_struct_conn_type.reference 
disulf ? ? 
metalc ? ? 
# 
loop_
_pdbx_struct_conn_angle.id 
_pdbx_struct_conn_angle.ptnr1_label_atom_id 
_pdbx_struct_conn_angle.ptnr1_label_alt_id 
_pdbx_struct_conn_angle.ptnr1_label_asym_id 
_pdbx_struct_conn_angle.ptnr1_label_comp_id 
_pdbx_struct_conn_angle.ptnr1_label_seq_id 
_pdbx_struct_conn_angle.ptnr1_auth_atom_id 
_pdbx_struct_conn_angle.ptnr1_auth_asym_id 
_pdbx_struct_conn_angle.ptnr1_auth_comp_id 
_pdbx_struct_conn_angle.ptnr1_auth_seq_id 
_pdbx_struct_conn_angle.ptnr1_PDB_ins_code 
_pdbx_struct_conn_angle.ptnr1_symmetry 
_pdbx_struct_conn_angle.ptnr2_label_atom_id 
_pdbx_struct_conn_angle.ptnr2_label_alt_id 
_pdbx_struct_conn_angle.ptnr2_label_asym_id 
_pdbx_struct_conn_angle.ptnr2_label_comp_id 
_pdbx_struct_conn_angle.ptnr2_label_seq_id 
_pdbx_struct_conn_angle.ptnr2_auth_atom_id 
_pdbx_struct_conn_angle.ptnr2_auth_asym_id 
_pdbx_struct_conn_angle.ptnr2_auth_comp_id 
_pdbx_struct_conn_angle.ptnr2_auth_seq_id 
_pdbx_struct_conn_angle.ptnr2_PDB_ins_code 
_pdbx_struct_conn_angle.ptnr2_symmetry 
_pdbx_struct_conn_angle.ptnr3_label_atom_id 
_pdbx_struct_conn_angle.ptnr3_label_alt_id 
_pdbx_struct_conn_angle.ptnr3_label_asym_id 
_pdbx_struct_conn_angle.ptnr3_label_comp_id 
_pdbx_struct_conn_angle.ptnr3_label_seq_id 
_pdbx_struct_conn_angle.ptnr3_auth_atom_id 
_pdbx_struct_conn_angle.ptnr3_auth_asym_id 
_pdbx_struct_conn_angle.ptnr3_auth_comp_id 
_pdbx_struct_conn_angle.ptnr3_auth_seq_id 
_pdbx_struct_conn_angle.ptnr3_PDB_ins_code 
_pdbx_struct_conn_angle.ptnr3_symmetry 
_pdbx_struct_conn_angle.value 
_pdbx_struct_conn_angle.value_esd 
1  OH  ? A TYR 101 ? A TYR 194  ? 1_555 FE ? D FE . ? A FE 1253 ? 1_555 O3  ? B CO3 . ? A CO3 1251 ? 1_555 101.8 ? 
2  OH  ? A TYR 101 ? A TYR 194  ? 1_555 FE ? D FE . ? A FE 1253 ? 1_555 O2  ? B CO3 . ? A CO3 1251 ? 1_555 95.3  ? 
3  O3  ? B CO3 .   ? A CO3 1251 ? 1_555 FE ? D FE . ? A FE 1253 ? 1_555 O2  ? B CO3 . ? A CO3 1251 ? 1_555 65.0  ? 
4  OH  ? A TYR 101 ? A TYR 194  ? 1_555 FE ? D FE . ? A FE 1253 ? 1_555 O12 ? C NTA . ? A NTA 1252 ? 1_555 82.1  ? 
5  O3  ? B CO3 .   ? A CO3 1251 ? 1_555 FE ? D FE . ? A FE 1253 ? 1_555 O12 ? C NTA . ? A NTA 1252 ? 1_555 145.2 ? 
6  O2  ? B CO3 .   ? A CO3 1251 ? 1_555 FE ? D FE . ? A FE 1253 ? 1_555 O12 ? C NTA . ? A NTA 1252 ? 1_555 80.2  ? 
7  OH  ? A TYR 101 ? A TYR 194  ? 1_555 FE ? D FE . ? A FE 1253 ? 1_555 O   ? C NTA . ? A NTA 1252 ? 1_555 175.5 ? 
8  O3  ? B CO3 .   ? A CO3 1251 ? 1_555 FE ? D FE . ? A FE 1253 ? 1_555 O   ? C NTA . ? A NTA 1252 ? 1_555 82.6  ? 
9  O2  ? B CO3 .   ? A CO3 1251 ? 1_555 FE ? D FE . ? A FE 1253 ? 1_555 O   ? C NTA . ? A NTA 1252 ? 1_555 87.3  ? 
10 O12 ? C NTA .   ? A NTA 1252 ? 1_555 FE ? D FE . ? A FE 1253 ? 1_555 O   ? C NTA . ? A NTA 1252 ? 1_555 94.7  ? 
11 OH  ? A TYR 101 ? A TYR 194  ? 1_555 FE ? D FE . ? A FE 1253 ? 1_555 O8  ? C NTA . ? A NTA 1252 ? 1_555 94.1  ? 
12 O3  ? B CO3 .   ? A CO3 1251 ? 1_555 FE ? D FE . ? A FE 1253 ? 1_555 O8  ? C NTA . ? A NTA 1252 ? 1_555 74.7  ? 
13 O2  ? B CO3 .   ? A CO3 1251 ? 1_555 FE ? D FE . ? A FE 1253 ? 1_555 O8  ? C NTA . ? A NTA 1252 ? 1_555 139.7 ? 
14 O12 ? C NTA .   ? A NTA 1252 ? 1_555 FE ? D FE . ? A FE 1253 ? 1_555 O8  ? C NTA . ? A NTA 1252 ? 1_555 140.0 ? 
15 O   ? C NTA .   ? A NTA 1252 ? 1_555 FE ? D FE . ? A FE 1253 ? 1_555 O8  ? C NTA . ? A NTA 1252 ? 1_555 86.3  ? 
# 
loop_
_pdbx_modification_feature.ordinal 
_pdbx_modification_feature.label_comp_id 
_pdbx_modification_feature.label_asym_id 
_pdbx_modification_feature.label_seq_id 
_pdbx_modification_feature.label_alt_id 
_pdbx_modification_feature.modified_residue_label_comp_id 
_pdbx_modification_feature.modified_residue_label_asym_id 
_pdbx_modification_feature.modified_residue_label_seq_id 
_pdbx_modification_feature.modified_residue_label_alt_id 
_pdbx_modification_feature.auth_comp_id 
_pdbx_modification_feature.auth_asym_id 
_pdbx_modification_feature.auth_seq_id 
_pdbx_modification_feature.PDB_ins_code 
_pdbx_modification_feature.symmetry 
_pdbx_modification_feature.modified_residue_auth_comp_id 
_pdbx_modification_feature.modified_residue_auth_asym_id 
_pdbx_modification_feature.modified_residue_auth_seq_id 
_pdbx_modification_feature.modified_residue_PDB_ins_code 
_pdbx_modification_feature.modified_residue_symmetry 
_pdbx_modification_feature.comp_id_linking_atom 
_pdbx_modification_feature.modified_residue_id_linking_atom 
_pdbx_modification_feature.modified_residue_id 
_pdbx_modification_feature.ref_pcm_id 
_pdbx_modification_feature.ref_comp_id 
_pdbx_modification_feature.type 
_pdbx_modification_feature.category 
1 CYS A 25  ? CYS A 107 ? CYS A 118 ? 1_555 CYS A 200 ? 1_555 SG SG . . . None 'Disulfide bridge' 
2 CYS A 70  ? CYS A 84  ? CYS A 163 ? 1_555 CYS A 177 ? 1_555 SG SG . . . None 'Disulfide bridge' 
3 CYS A 81  ? CYS A 92  ? CYS A 174 ? 1_555 CYS A 185 ? 1_555 SG SG . . . None 'Disulfide bridge' 
4 CYS A 138 ? CYS A 152 ? CYS A 231 ? 1_555 CYS A 245 ? 1_555 SG SG . . . None 'Disulfide bridge' 
# 
loop_
_struct_sheet.id 
_struct_sheet.type 
_struct_sheet.number_strands 
_struct_sheet.details 
AA ? 5 ? 
AB ? 6 ? 
# 
loop_
_struct_sheet_order.sheet_id 
_struct_sheet_order.range_id_1 
_struct_sheet_order.range_id_2 
_struct_sheet_order.offset 
_struct_sheet_order.sense 
AA 1 2 ? parallel      
AA 2 3 ? parallel      
AA 3 4 ? anti-parallel 
AA 4 5 ? anti-parallel 
AB 1 2 ? parallel      
AB 2 3 ? parallel      
AB 3 4 ? anti-parallel 
AB 4 5 ? anti-parallel 
AB 5 6 ? anti-parallel 
# 
loop_
_struct_sheet_range.sheet_id 
_struct_sheet_range.id 
_struct_sheet_range.beg_label_comp_id 
_struct_sheet_range.beg_label_asym_id 
_struct_sheet_range.beg_label_seq_id 
_struct_sheet_range.pdbx_beg_PDB_ins_code 
_struct_sheet_range.end_label_comp_id 
_struct_sheet_range.end_label_asym_id 
_struct_sheet_range.end_label_seq_id 
_struct_sheet_range.pdbx_end_PDB_ins_code 
_struct_sheet_range.beg_auth_comp_id 
_struct_sheet_range.beg_auth_asym_id 
_struct_sheet_range.beg_auth_seq_id 
_struct_sheet_range.end_auth_comp_id 
_struct_sheet_range.end_auth_asym_id 
_struct_sheet_range.end_auth_seq_id 
AA 1 ALA A 68  ? CYS A 70  ? ALA A 161 CYS A 163 
AA 2 THR A 23  ? HIS A 26  ? THR A 116 HIS A 119 
AA 3 VAL A 115 ? LYS A 119 ? VAL A 208 LYS A 212 
AA 4 TYR A 2   ? LYS A 9   ? TYR A 95  LYS A 102 
AA 5 ALA A 155 ? VAL A 157 ? ALA A 248 VAL A 250 
AB 1 ALA A 68  ? CYS A 70  ? ALA A 161 CYS A 163 
AB 2 THR A 23  ? HIS A 26  ? THR A 116 HIS A 119 
AB 3 VAL A 115 ? LYS A 119 ? VAL A 208 LYS A 212 
AB 4 TYR A 2   ? LYS A 9   ? TYR A 95  LYS A 102 
AB 5 TYR A 134 ? LEU A 137 ? TYR A 227 LEU A 230 
AB 6 ARG A 143 ? PRO A 145 ? ARG A 236 PRO A 238 
# 
loop_
_pdbx_struct_sheet_hbond.sheet_id 
_pdbx_struct_sheet_hbond.range_id_1 
_pdbx_struct_sheet_hbond.range_id_2 
_pdbx_struct_sheet_hbond.range_1_label_atom_id 
_pdbx_struct_sheet_hbond.range_1_label_comp_id 
_pdbx_struct_sheet_hbond.range_1_label_asym_id 
_pdbx_struct_sheet_hbond.range_1_label_seq_id 
_pdbx_struct_sheet_hbond.range_1_PDB_ins_code 
_pdbx_struct_sheet_hbond.range_1_auth_atom_id 
_pdbx_struct_sheet_hbond.range_1_auth_comp_id 
_pdbx_struct_sheet_hbond.range_1_auth_asym_id 
_pdbx_struct_sheet_hbond.range_1_auth_seq_id 
_pdbx_struct_sheet_hbond.range_2_label_atom_id 
_pdbx_struct_sheet_hbond.range_2_label_comp_id 
_pdbx_struct_sheet_hbond.range_2_label_asym_id 
_pdbx_struct_sheet_hbond.range_2_label_seq_id 
_pdbx_struct_sheet_hbond.range_2_PDB_ins_code 
_pdbx_struct_sheet_hbond.range_2_auth_atom_id 
_pdbx_struct_sheet_hbond.range_2_auth_comp_id 
_pdbx_struct_sheet_hbond.range_2_auth_asym_id 
_pdbx_struct_sheet_hbond.range_2_auth_seq_id 
AA 1 2 N CYS A 70  ? N CYS A 163 O SER A 24  ? O SER A 117 
AA 2 3 N CYS A 25  ? N CYS A 118 O VAL A 115 ? O VAL A 208 
AA 3 4 N VAL A 118 ? N VAL A 211 O VAL A 5   ? O VAL A 98  
AA 4 5 N ALA A 4   ? N ALA A 97  O ALA A 155 ? O ALA A 248 
AB 1 2 N CYS A 70  ? N CYS A 163 O SER A 24  ? O SER A 117 
AB 2 3 N CYS A 25  ? N CYS A 118 O VAL A 115 ? O VAL A 208 
AB 3 4 N VAL A 118 ? N VAL A 211 O VAL A 5   ? O VAL A 98  
AB 4 5 N VAL A 8   ? N VAL A 101 O GLU A 135 ? O GLU A 228 
AB 5 6 N LEU A 136 ? N LEU A 229 O GLN A 144 ? O GLN A 237 
# 
loop_
_struct_site.id 
_struct_site.pdbx_evidence_code 
_struct_site.pdbx_auth_asym_id 
_struct_site.pdbx_auth_comp_id 
_struct_site.pdbx_auth_seq_id 
_struct_site.pdbx_auth_ins_code 
_struct_site.pdbx_num_residues 
_struct_site.details 
AC1 Software ? ? ? ? 9 'BINDING SITE FOR RESIDUE CO3 A1251' 
AC2 Software ? ? ? ? 3 'BINDING SITE FOR RESIDUE FE A1253'  
AC3 Software ? ? ? ? 8 'BINDING SITE FOR RESIDUE NTA A1252' 
# 
loop_
_struct_site_gen.id 
_struct_site_gen.site_id 
_struct_site_gen.pdbx_num_res 
_struct_site_gen.label_comp_id 
_struct_site_gen.label_asym_id 
_struct_site_gen.label_seq_id 
_struct_site_gen.pdbx_auth_ins_code 
_struct_site_gen.auth_comp_id 
_struct_site_gen.auth_asym_id 
_struct_site_gen.auth_seq_id 
_struct_site_gen.label_atom_id 
_struct_site_gen.label_alt_id 
_struct_site_gen.symmetry 
_struct_site_gen.details 
1  AC1 9 TYR A 2   ? TYR A 95   . ? 1_555 ? 
2  AC1 9 THR A 27  ? THR A 120  . ? 1_555 ? 
3  AC1 9 ARG A 31  ? ARG A 124  . ? 1_555 ? 
4  AC1 9 SER A 32  ? SER A 125  . ? 1_555 ? 
5  AC1 9 ALA A 33  ? ALA A 126  . ? 1_555 ? 
6  AC1 9 GLY A 34  ? GLY A 127  . ? 1_555 ? 
7  AC1 9 TYR A 101 ? TYR A 194  . ? 1_555 ? 
8  AC1 9 NTA C .   ? NTA A 1252 . ? 1_555 ? 
9  AC1 9 FE  D .   ? FE  A 1253 . ? 1_555 ? 
10 AC2 3 TYR A 101 ? TYR A 194  . ? 1_555 ? 
11 AC2 3 CO3 B .   ? CO3 A 1251 . ? 1_555 ? 
12 AC2 3 NTA C .   ? NTA A 1252 . ? 1_555 ? 
13 AC3 8 TYR A 2   ? TYR A 95   . ? 1_555 ? 
14 AC3 8 ARG A 31  ? ARG A 124  . ? 1_555 ? 
15 AC3 8 SER A 32  ? SER A 125  . ? 1_555 ? 
16 AC3 8 TYR A 101 ? TYR A 194  . ? 1_555 ? 
17 AC3 8 CO3 B .   ? CO3 A 1251 . ? 1_555 ? 
18 AC3 8 FE  D .   ? FE  A 1253 . ? 1_555 ? 
19 AC3 8 HOH E .   ? HOH A 2006 . ? 1_555 ? 
20 AC3 8 HOH E .   ? HOH A 2096 . ? 1_555 ? 
# 
_pdbx_entry_details.entry_id                   1GVC 
_pdbx_entry_details.compound_details           ? 
_pdbx_entry_details.source_details             ? 
_pdbx_entry_details.nonpolymer_details         ? 
_pdbx_entry_details.sequence_details           
;SEQUENCED BY DR. R.W.EVANS (GUY'S HOSPITAL) LONDON, U.K.
THESE AMINO-ACID RESIDUES DIFFER FROM THOSE GIVEN BY SWISS-PROT.
;
_pdbx_entry_details.has_ligand_of_interest     ? 
_pdbx_entry_details.has_protein_modification   Y 
# 
loop_
_pdbx_validate_rmsd_angle.id 
_pdbx_validate_rmsd_angle.PDB_model_num 
_pdbx_validate_rmsd_angle.auth_atom_id_1 
_pdbx_validate_rmsd_angle.auth_asym_id_1 
_pdbx_validate_rmsd_angle.auth_comp_id_1 
_pdbx_validate_rmsd_angle.auth_seq_id_1 
_pdbx_validate_rmsd_angle.PDB_ins_code_1 
_pdbx_validate_rmsd_angle.label_alt_id_1 
_pdbx_validate_rmsd_angle.auth_atom_id_2 
_pdbx_validate_rmsd_angle.auth_asym_id_2 
_pdbx_validate_rmsd_angle.auth_comp_id_2 
_pdbx_validate_rmsd_angle.auth_seq_id_2 
_pdbx_validate_rmsd_angle.PDB_ins_code_2 
_pdbx_validate_rmsd_angle.label_alt_id_2 
_pdbx_validate_rmsd_angle.auth_atom_id_3 
_pdbx_validate_rmsd_angle.auth_asym_id_3 
_pdbx_validate_rmsd_angle.auth_comp_id_3 
_pdbx_validate_rmsd_angle.auth_seq_id_3 
_pdbx_validate_rmsd_angle.PDB_ins_code_3 
_pdbx_validate_rmsd_angle.label_alt_id_3 
_pdbx_validate_rmsd_angle.angle_value 
_pdbx_validate_rmsd_angle.angle_target_value 
_pdbx_validate_rmsd_angle.angle_deviation 
_pdbx_validate_rmsd_angle.angle_standard_deviation 
_pdbx_validate_rmsd_angle.linker_flag 
1 1 CB A ASP 180 ? ? CG A ASP 180 ? ? OD2 A ASP 180 ? ? 124.09 118.30 5.79 0.90 N 
2 1 CB A ASP 225 ? ? CG A ASP 225 ? ? OD2 A ASP 225 ? ? 123.96 118.30 5.66 0.90 N 
# 
loop_
_pdbx_validate_torsion.id 
_pdbx_validate_torsion.PDB_model_num 
_pdbx_validate_torsion.auth_comp_id 
_pdbx_validate_torsion.auth_asym_id 
_pdbx_validate_torsion.auth_seq_id 
_pdbx_validate_torsion.PDB_ins_code 
_pdbx_validate_torsion.label_alt_id 
_pdbx_validate_torsion.phi 
_pdbx_validate_torsion.psi 
1 1 SER A 125 ? ? -68.66  -70.15 
2 1 TRP A 128 ? ? -146.29 -61.30 
3 1 GLU A 147 ? ? -48.15  102.18 
4 1 SER A 148 ? ? 52.40   -16.58 
5 1 ALA A 220 ? ? -149.03 54.63  
6 1 CYS A 245 ? ? -153.31 67.08  
7 1 ALA A 248 ? ? 179.85  156.17 
# 
_pdbx_database_remark.id     700 
_pdbx_database_remark.text   
;
SHEET
THE SHEET STRUCTURE OF THIS MOLECULE IS BIFURCATED. IN
ORDER TO REPRESENT THIS FEATURE IN THE SHEET RECORDS BELOW,
TWO SHEETS ARE DEFINED.
;
# 
_pdbx_distant_solvent_atoms.id                                1 
_pdbx_distant_solvent_atoms.PDB_model_num                     1 
_pdbx_distant_solvent_atoms.auth_atom_id                      O 
_pdbx_distant_solvent_atoms.label_alt_id                      ? 
_pdbx_distant_solvent_atoms.auth_asym_id                      A 
_pdbx_distant_solvent_atoms.auth_comp_id                      HOH 
_pdbx_distant_solvent_atoms.auth_seq_id                       2036 
_pdbx_distant_solvent_atoms.PDB_ins_code                      ? 
_pdbx_distant_solvent_atoms.neighbor_macromolecule_distance   6.29 
_pdbx_distant_solvent_atoms.neighbor_ligand_distance          . 
# 
loop_
_chem_comp_atom.comp_id 
_chem_comp_atom.atom_id 
_chem_comp_atom.type_symbol 
_chem_comp_atom.pdbx_aromatic_flag 
_chem_comp_atom.pdbx_stereo_config 
_chem_comp_atom.pdbx_ordinal 
ALA N    N  N N 1   
ALA CA   C  N S 2   
ALA C    C  N N 3   
ALA O    O  N N 4   
ALA CB   C  N N 5   
ALA OXT  O  N N 6   
ALA H    H  N N 7   
ALA H2   H  N N 8   
ALA HA   H  N N 9   
ALA HB1  H  N N 10  
ALA HB2  H  N N 11  
ALA HB3  H  N N 12  
ALA HXT  H  N N 13  
ARG N    N  N N 14  
ARG CA   C  N S 15  
ARG C    C  N N 16  
ARG O    O  N N 17  
ARG CB   C  N N 18  
ARG CG   C  N N 19  
ARG CD   C  N N 20  
ARG NE   N  N N 21  
ARG CZ   C  N N 22  
ARG NH1  N  N N 23  
ARG NH2  N  N N 24  
ARG OXT  O  N N 25  
ARG H    H  N N 26  
ARG H2   H  N N 27  
ARG HA   H  N N 28  
ARG HB2  H  N N 29  
ARG HB3  H  N N 30  
ARG HG2  H  N N 31  
ARG HG3  H  N N 32  
ARG HD2  H  N N 33  
ARG HD3  H  N N 34  
ARG HE   H  N N 35  
ARG HH11 H  N N 36  
ARG HH12 H  N N 37  
ARG HH21 H  N N 38  
ARG HH22 H  N N 39  
ARG HXT  H  N N 40  
ASN N    N  N N 41  
ASN CA   C  N S 42  
ASN C    C  N N 43  
ASN O    O  N N 44  
ASN CB   C  N N 45  
ASN CG   C  N N 46  
ASN OD1  O  N N 47  
ASN ND2  N  N N 48  
ASN OXT  O  N N 49  
ASN H    H  N N 50  
ASN H2   H  N N 51  
ASN HA   H  N N 52  
ASN HB2  H  N N 53  
ASN HB3  H  N N 54  
ASN HD21 H  N N 55  
ASN HD22 H  N N 56  
ASN HXT  H  N N 57  
ASP N    N  N N 58  
ASP CA   C  N S 59  
ASP C    C  N N 60  
ASP O    O  N N 61  
ASP CB   C  N N 62  
ASP CG   C  N N 63  
ASP OD1  O  N N 64  
ASP OD2  O  N N 65  
ASP OXT  O  N N 66  
ASP H    H  N N 67  
ASP H2   H  N N 68  
ASP HA   H  N N 69  
ASP HB2  H  N N 70  
ASP HB3  H  N N 71  
ASP HD2  H  N N 72  
ASP HXT  H  N N 73  
CO3 C    C  N N 74  
CO3 O1   O  N N 75  
CO3 O2   O  N N 76  
CO3 O3   O  N N 77  
CYS N    N  N N 78  
CYS CA   C  N R 79  
CYS C    C  N N 80  
CYS O    O  N N 81  
CYS CB   C  N N 82  
CYS SG   S  N N 83  
CYS OXT  O  N N 84  
CYS H    H  N N 85  
CYS H2   H  N N 86  
CYS HA   H  N N 87  
CYS HB2  H  N N 88  
CYS HB3  H  N N 89  
CYS HG   H  N N 90  
CYS HXT  H  N N 91  
FE  FE   FE N N 92  
GLN N    N  N N 93  
GLN CA   C  N S 94  
GLN C    C  N N 95  
GLN O    O  N N 96  
GLN CB   C  N N 97  
GLN CG   C  N N 98  
GLN CD   C  N N 99  
GLN OE1  O  N N 100 
GLN NE2  N  N N 101 
GLN OXT  O  N N 102 
GLN H    H  N N 103 
GLN H2   H  N N 104 
GLN HA   H  N N 105 
GLN HB2  H  N N 106 
GLN HB3  H  N N 107 
GLN HG2  H  N N 108 
GLN HG3  H  N N 109 
GLN HE21 H  N N 110 
GLN HE22 H  N N 111 
GLN HXT  H  N N 112 
GLU N    N  N N 113 
GLU CA   C  N S 114 
GLU C    C  N N 115 
GLU O    O  N N 116 
GLU CB   C  N N 117 
GLU CG   C  N N 118 
GLU CD   C  N N 119 
GLU OE1  O  N N 120 
GLU OE2  O  N N 121 
GLU OXT  O  N N 122 
GLU H    H  N N 123 
GLU H2   H  N N 124 
GLU HA   H  N N 125 
GLU HB2  H  N N 126 
GLU HB3  H  N N 127 
GLU HG2  H  N N 128 
GLU HG3  H  N N 129 
GLU HE2  H  N N 130 
GLU HXT  H  N N 131 
GLY N    N  N N 132 
GLY CA   C  N N 133 
GLY C    C  N N 134 
GLY O    O  N N 135 
GLY OXT  O  N N 136 
GLY H    H  N N 137 
GLY H2   H  N N 138 
GLY HA2  H  N N 139 
GLY HA3  H  N N 140 
GLY HXT  H  N N 141 
HIS N    N  N N 142 
HIS CA   C  N S 143 
HIS C    C  N N 144 
HIS O    O  N N 145 
HIS CB   C  N N 146 
HIS CG   C  Y N 147 
HIS ND1  N  Y N 148 
HIS CD2  C  Y N 149 
HIS CE1  C  Y N 150 
HIS NE2  N  Y N 151 
HIS OXT  O  N N 152 
HIS H    H  N N 153 
HIS H2   H  N N 154 
HIS HA   H  N N 155 
HIS HB2  H  N N 156 
HIS HB3  H  N N 157 
HIS HD1  H  N N 158 
HIS HD2  H  N N 159 
HIS HE1  H  N N 160 
HIS HE2  H  N N 161 
HIS HXT  H  N N 162 
HOH O    O  N N 163 
HOH H1   H  N N 164 
HOH H2   H  N N 165 
ILE N    N  N N 166 
ILE CA   C  N S 167 
ILE C    C  N N 168 
ILE O    O  N N 169 
ILE CB   C  N S 170 
ILE CG1  C  N N 171 
ILE CG2  C  N N 172 
ILE CD1  C  N N 173 
ILE OXT  O  N N 174 
ILE H    H  N N 175 
ILE H2   H  N N 176 
ILE HA   H  N N 177 
ILE HB   H  N N 178 
ILE HG12 H  N N 179 
ILE HG13 H  N N 180 
ILE HG21 H  N N 181 
ILE HG22 H  N N 182 
ILE HG23 H  N N 183 
ILE HD11 H  N N 184 
ILE HD12 H  N N 185 
ILE HD13 H  N N 186 
ILE HXT  H  N N 187 
LEU N    N  N N 188 
LEU CA   C  N S 189 
LEU C    C  N N 190 
LEU O    O  N N 191 
LEU CB   C  N N 192 
LEU CG   C  N N 193 
LEU CD1  C  N N 194 
LEU CD2  C  N N 195 
LEU OXT  O  N N 196 
LEU H    H  N N 197 
LEU H2   H  N N 198 
LEU HA   H  N N 199 
LEU HB2  H  N N 200 
LEU HB3  H  N N 201 
LEU HG   H  N N 202 
LEU HD11 H  N N 203 
LEU HD12 H  N N 204 
LEU HD13 H  N N 205 
LEU HD21 H  N N 206 
LEU HD22 H  N N 207 
LEU HD23 H  N N 208 
LEU HXT  H  N N 209 
LYS N    N  N N 210 
LYS CA   C  N S 211 
LYS C    C  N N 212 
LYS O    O  N N 213 
LYS CB   C  N N 214 
LYS CG   C  N N 215 
LYS CD   C  N N 216 
LYS CE   C  N N 217 
LYS NZ   N  N N 218 
LYS OXT  O  N N 219 
LYS H    H  N N 220 
LYS H2   H  N N 221 
LYS HA   H  N N 222 
LYS HB2  H  N N 223 
LYS HB3  H  N N 224 
LYS HG2  H  N N 225 
LYS HG3  H  N N 226 
LYS HD2  H  N N 227 
LYS HD3  H  N N 228 
LYS HE2  H  N N 229 
LYS HE3  H  N N 230 
LYS HZ1  H  N N 231 
LYS HZ2  H  N N 232 
LYS HZ3  H  N N 233 
LYS HXT  H  N N 234 
MET N    N  N N 235 
MET CA   C  N S 236 
MET C    C  N N 237 
MET O    O  N N 238 
MET CB   C  N N 239 
MET CG   C  N N 240 
MET SD   S  N N 241 
MET CE   C  N N 242 
MET OXT  O  N N 243 
MET H    H  N N 244 
MET H2   H  N N 245 
MET HA   H  N N 246 
MET HB2  H  N N 247 
MET HB3  H  N N 248 
MET HG2  H  N N 249 
MET HG3  H  N N 250 
MET HE1  H  N N 251 
MET HE2  H  N N 252 
MET HE3  H  N N 253 
MET HXT  H  N N 254 
NTA N    N  N N 255 
NTA C6   C  N N 256 
NTA C10  C  N N 257 
NTA CA   C  N N 258 
NTA C7   C  N N 259 
NTA O8   O  N N 260 
NTA O9   O  N N 261 
NTA C    C  N N 262 
NTA C11  C  N N 263 
NTA O12  O  N N 264 
NTA O13  O  N N 265 
NTA OXT  O  N N 266 
NTA O    O  N N 267 
NTA H61  H  N N 268 
NTA H62  H  N N 269 
NTA H101 H  N N 270 
NTA H102 H  N N 271 
NTA HA2  H  N N 272 
NTA HA3  H  N N 273 
NTA HO8  H  N N 274 
NTA HO12 H  N N 275 
NTA HXT  H  N N 276 
PHE N    N  N N 277 
PHE CA   C  N S 278 
PHE C    C  N N 279 
PHE O    O  N N 280 
PHE CB   C  N N 281 
PHE CG   C  Y N 282 
PHE CD1  C  Y N 283 
PHE CD2  C  Y N 284 
PHE CE1  C  Y N 285 
PHE CE2  C  Y N 286 
PHE CZ   C  Y N 287 
PHE OXT  O  N N 288 
PHE H    H  N N 289 
PHE H2   H  N N 290 
PHE HA   H  N N 291 
PHE HB2  H  N N 292 
PHE HB3  H  N N 293 
PHE HD1  H  N N 294 
PHE HD2  H  N N 295 
PHE HE1  H  N N 296 
PHE HE2  H  N N 297 
PHE HZ   H  N N 298 
PHE HXT  H  N N 299 
PRO N    N  N N 300 
PRO CA   C  N S 301 
PRO C    C  N N 302 
PRO O    O  N N 303 
PRO CB   C  N N 304 
PRO CG   C  N N 305 
PRO CD   C  N N 306 
PRO OXT  O  N N 307 
PRO H    H  N N 308 
PRO HA   H  N N 309 
PRO HB2  H  N N 310 
PRO HB3  H  N N 311 
PRO HG2  H  N N 312 
PRO HG3  H  N N 313 
PRO HD2  H  N N 314 
PRO HD3  H  N N 315 
PRO HXT  H  N N 316 
SER N    N  N N 317 
SER CA   C  N S 318 
SER C    C  N N 319 
SER O    O  N N 320 
SER CB   C  N N 321 
SER OG   O  N N 322 
SER OXT  O  N N 323 
SER H    H  N N 324 
SER H2   H  N N 325 
SER HA   H  N N 326 
SER HB2  H  N N 327 
SER HB3  H  N N 328 
SER HG   H  N N 329 
SER HXT  H  N N 330 
THR N    N  N N 331 
THR CA   C  N S 332 
THR C    C  N N 333 
THR O    O  N N 334 
THR CB   C  N R 335 
THR OG1  O  N N 336 
THR CG2  C  N N 337 
THR OXT  O  N N 338 
THR H    H  N N 339 
THR H2   H  N N 340 
THR HA   H  N N 341 
THR HB   H  N N 342 
THR HG1  H  N N 343 
THR HG21 H  N N 344 
THR HG22 H  N N 345 
THR HG23 H  N N 346 
THR HXT  H  N N 347 
TRP N    N  N N 348 
TRP CA   C  N S 349 
TRP C    C  N N 350 
TRP O    O  N N 351 
TRP CB   C  N N 352 
TRP CG   C  Y N 353 
TRP CD1  C  Y N 354 
TRP CD2  C  Y N 355 
TRP NE1  N  Y N 356 
TRP CE2  C  Y N 357 
TRP CE3  C  Y N 358 
TRP CZ2  C  Y N 359 
TRP CZ3  C  Y N 360 
TRP CH2  C  Y N 361 
TRP OXT  O  N N 362 
TRP H    H  N N 363 
TRP H2   H  N N 364 
TRP HA   H  N N 365 
TRP HB2  H  N N 366 
TRP HB3  H  N N 367 
TRP HD1  H  N N 368 
TRP HE1  H  N N 369 
TRP HE3  H  N N 370 
TRP HZ2  H  N N 371 
TRP HZ3  H  N N 372 
TRP HH2  H  N N 373 
TRP HXT  H  N N 374 
TYR N    N  N N 375 
TYR CA   C  N S 376 
TYR C    C  N N 377 
TYR O    O  N N 378 
TYR CB   C  N N 379 
TYR CG   C  Y N 380 
TYR CD1  C  Y N 381 
TYR CD2  C  Y N 382 
TYR CE1  C  Y N 383 
TYR CE2  C  Y N 384 
TYR CZ   C  Y N 385 
TYR OH   O  N N 386 
TYR OXT  O  N N 387 
TYR H    H  N N 388 
TYR H2   H  N N 389 
TYR HA   H  N N 390 
TYR HB2  H  N N 391 
TYR HB3  H  N N 392 
TYR HD1  H  N N 393 
TYR HD2  H  N N 394 
TYR HE1  H  N N 395 
TYR HE2  H  N N 396 
TYR HH   H  N N 397 
TYR HXT  H  N N 398 
VAL N    N  N N 399 
VAL CA   C  N S 400 
VAL C    C  N N 401 
VAL O    O  N N 402 
VAL CB   C  N N 403 
VAL CG1  C  N N 404 
VAL CG2  C  N N 405 
VAL OXT  O  N N 406 
VAL H    H  N N 407 
VAL H2   H  N N 408 
VAL HA   H  N N 409 
VAL HB   H  N N 410 
VAL HG11 H  N N 411 
VAL HG12 H  N N 412 
VAL HG13 H  N N 413 
VAL HG21 H  N N 414 
VAL HG22 H  N N 415 
VAL HG23 H  N N 416 
VAL HXT  H  N N 417 
# 
loop_
_chem_comp_bond.comp_id 
_chem_comp_bond.atom_id_1 
_chem_comp_bond.atom_id_2 
_chem_comp_bond.value_order 
_chem_comp_bond.pdbx_aromatic_flag 
_chem_comp_bond.pdbx_stereo_config 
_chem_comp_bond.pdbx_ordinal 
ALA N   CA   sing N N 1   
ALA N   H    sing N N 2   
ALA N   H2   sing N N 3   
ALA CA  C    sing N N 4   
ALA CA  CB   sing N N 5   
ALA CA  HA   sing N N 6   
ALA C   O    doub N N 7   
ALA C   OXT  sing N N 8   
ALA CB  HB1  sing N N 9   
ALA CB  HB2  sing N N 10  
ALA CB  HB3  sing N N 11  
ALA OXT HXT  sing N N 12  
ARG N   CA   sing N N 13  
ARG N   H    sing N N 14  
ARG N   H2   sing N N 15  
ARG CA  C    sing N N 16  
ARG CA  CB   sing N N 17  
ARG CA  HA   sing N N 18  
ARG C   O    doub N N 19  
ARG C   OXT  sing N N 20  
ARG CB  CG   sing N N 21  
ARG CB  HB2  sing N N 22  
ARG CB  HB3  sing N N 23  
ARG CG  CD   sing N N 24  
ARG CG  HG2  sing N N 25  
ARG CG  HG3  sing N N 26  
ARG CD  NE   sing N N 27  
ARG CD  HD2  sing N N 28  
ARG CD  HD3  sing N N 29  
ARG NE  CZ   sing N N 30  
ARG NE  HE   sing N N 31  
ARG CZ  NH1  sing N N 32  
ARG CZ  NH2  doub N N 33  
ARG NH1 HH11 sing N N 34  
ARG NH1 HH12 sing N N 35  
ARG NH2 HH21 sing N N 36  
ARG NH2 HH22 sing N N 37  
ARG OXT HXT  sing N N 38  
ASN N   CA   sing N N 39  
ASN N   H    sing N N 40  
ASN N   H2   sing N N 41  
ASN CA  C    sing N N 42  
ASN CA  CB   sing N N 43  
ASN CA  HA   sing N N 44  
ASN C   O    doub N N 45  
ASN C   OXT  sing N N 46  
ASN CB  CG   sing N N 47  
ASN CB  HB2  sing N N 48  
ASN CB  HB3  sing N N 49  
ASN CG  OD1  doub N N 50  
ASN CG  ND2  sing N N 51  
ASN ND2 HD21 sing N N 52  
ASN ND2 HD22 sing N N 53  
ASN OXT HXT  sing N N 54  
ASP N   CA   sing N N 55  
ASP N   H    sing N N 56  
ASP N   H2   sing N N 57  
ASP CA  C    sing N N 58  
ASP CA  CB   sing N N 59  
ASP CA  HA   sing N N 60  
ASP C   O    doub N N 61  
ASP C   OXT  sing N N 62  
ASP CB  CG   sing N N 63  
ASP CB  HB2  sing N N 64  
ASP CB  HB3  sing N N 65  
ASP CG  OD1  doub N N 66  
ASP CG  OD2  sing N N 67  
ASP OD2 HD2  sing N N 68  
ASP OXT HXT  sing N N 69  
CO3 C   O1   doub N N 70  
CO3 C   O2   sing N N 71  
CO3 C   O3   sing N N 72  
CYS N   CA   sing N N 73  
CYS N   H    sing N N 74  
CYS N   H2   sing N N 75  
CYS CA  C    sing N N 76  
CYS CA  CB   sing N N 77  
CYS CA  HA   sing N N 78  
CYS C   O    doub N N 79  
CYS C   OXT  sing N N 80  
CYS CB  SG   sing N N 81  
CYS CB  HB2  sing N N 82  
CYS CB  HB3  sing N N 83  
CYS SG  HG   sing N N 84  
CYS OXT HXT  sing N N 85  
GLN N   CA   sing N N 86  
GLN N   H    sing N N 87  
GLN N   H2   sing N N 88  
GLN CA  C    sing N N 89  
GLN CA  CB   sing N N 90  
GLN CA  HA   sing N N 91  
GLN C   O    doub N N 92  
GLN C   OXT  sing N N 93  
GLN CB  CG   sing N N 94  
GLN CB  HB2  sing N N 95  
GLN CB  HB3  sing N N 96  
GLN CG  CD   sing N N 97  
GLN CG  HG2  sing N N 98  
GLN CG  HG3  sing N N 99  
GLN CD  OE1  doub N N 100 
GLN CD  NE2  sing N N 101 
GLN NE2 HE21 sing N N 102 
GLN NE2 HE22 sing N N 103 
GLN OXT HXT  sing N N 104 
GLU N   CA   sing N N 105 
GLU N   H    sing N N 106 
GLU N   H2   sing N N 107 
GLU CA  C    sing N N 108 
GLU CA  CB   sing N N 109 
GLU CA  HA   sing N N 110 
GLU C   O    doub N N 111 
GLU C   OXT  sing N N 112 
GLU CB  CG   sing N N 113 
GLU CB  HB2  sing N N 114 
GLU CB  HB3  sing N N 115 
GLU CG  CD   sing N N 116 
GLU CG  HG2  sing N N 117 
GLU CG  HG3  sing N N 118 
GLU CD  OE1  doub N N 119 
GLU CD  OE2  sing N N 120 
GLU OE2 HE2  sing N N 121 
GLU OXT HXT  sing N N 122 
GLY N   CA   sing N N 123 
GLY N   H    sing N N 124 
GLY N   H2   sing N N 125 
GLY CA  C    sing N N 126 
GLY CA  HA2  sing N N 127 
GLY CA  HA3  sing N N 128 
GLY C   O    doub N N 129 
GLY C   OXT  sing N N 130 
GLY OXT HXT  sing N N 131 
HIS N   CA   sing N N 132 
HIS N   H    sing N N 133 
HIS N   H2   sing N N 134 
HIS CA  C    sing N N 135 
HIS CA  CB   sing N N 136 
HIS CA  HA   sing N N 137 
HIS C   O    doub N N 138 
HIS C   OXT  sing N N 139 
HIS CB  CG   sing N N 140 
HIS CB  HB2  sing N N 141 
HIS CB  HB3  sing N N 142 
HIS CG  ND1  sing Y N 143 
HIS CG  CD2  doub Y N 144 
HIS ND1 CE1  doub Y N 145 
HIS ND1 HD1  sing N N 146 
HIS CD2 NE2  sing Y N 147 
HIS CD2 HD2  sing N N 148 
HIS CE1 NE2  sing Y N 149 
HIS CE1 HE1  sing N N 150 
HIS NE2 HE2  sing N N 151 
HIS OXT HXT  sing N N 152 
HOH O   H1   sing N N 153 
HOH O   H2   sing N N 154 
ILE N   CA   sing N N 155 
ILE N   H    sing N N 156 
ILE N   H2   sing N N 157 
ILE CA  C    sing N N 158 
ILE CA  CB   sing N N 159 
ILE CA  HA   sing N N 160 
ILE C   O    doub N N 161 
ILE C   OXT  sing N N 162 
ILE CB  CG1  sing N N 163 
ILE CB  CG2  sing N N 164 
ILE CB  HB   sing N N 165 
ILE CG1 CD1  sing N N 166 
ILE CG1 HG12 sing N N 167 
ILE CG1 HG13 sing N N 168 
ILE CG2 HG21 sing N N 169 
ILE CG2 HG22 sing N N 170 
ILE CG2 HG23 sing N N 171 
ILE CD1 HD11 sing N N 172 
ILE CD1 HD12 sing N N 173 
ILE CD1 HD13 sing N N 174 
ILE OXT HXT  sing N N 175 
LEU N   CA   sing N N 176 
LEU N   H    sing N N 177 
LEU N   H2   sing N N 178 
LEU CA  C    sing N N 179 
LEU CA  CB   sing N N 180 
LEU CA  HA   sing N N 181 
LEU C   O    doub N N 182 
LEU C   OXT  sing N N 183 
LEU CB  CG   sing N N 184 
LEU CB  HB2  sing N N 185 
LEU CB  HB3  sing N N 186 
LEU CG  CD1  sing N N 187 
LEU CG  CD2  sing N N 188 
LEU CG  HG   sing N N 189 
LEU CD1 HD11 sing N N 190 
LEU CD1 HD12 sing N N 191 
LEU CD1 HD13 sing N N 192 
LEU CD2 HD21 sing N N 193 
LEU CD2 HD22 sing N N 194 
LEU CD2 HD23 sing N N 195 
LEU OXT HXT  sing N N 196 
LYS N   CA   sing N N 197 
LYS N   H    sing N N 198 
LYS N   H2   sing N N 199 
LYS CA  C    sing N N 200 
LYS CA  CB   sing N N 201 
LYS CA  HA   sing N N 202 
LYS C   O    doub N N 203 
LYS C   OXT  sing N N 204 
LYS CB  CG   sing N N 205 
LYS CB  HB2  sing N N 206 
LYS CB  HB3  sing N N 207 
LYS CG  CD   sing N N 208 
LYS CG  HG2  sing N N 209 
LYS CG  HG3  sing N N 210 
LYS CD  CE   sing N N 211 
LYS CD  HD2  sing N N 212 
LYS CD  HD3  sing N N 213 
LYS CE  NZ   sing N N 214 
LYS CE  HE2  sing N N 215 
LYS CE  HE3  sing N N 216 
LYS NZ  HZ1  sing N N 217 
LYS NZ  HZ2  sing N N 218 
LYS NZ  HZ3  sing N N 219 
LYS OXT HXT  sing N N 220 
MET N   CA   sing N N 221 
MET N   H    sing N N 222 
MET N   H2   sing N N 223 
MET CA  C    sing N N 224 
MET CA  CB   sing N N 225 
MET CA  HA   sing N N 226 
MET C   O    doub N N 227 
MET C   OXT  sing N N 228 
MET CB  CG   sing N N 229 
MET CB  HB2  sing N N 230 
MET CB  HB3  sing N N 231 
MET CG  SD   sing N N 232 
MET CG  HG2  sing N N 233 
MET CG  HG3  sing N N 234 
MET SD  CE   sing N N 235 
MET CE  HE1  sing N N 236 
MET CE  HE2  sing N N 237 
MET CE  HE3  sing N N 238 
MET OXT HXT  sing N N 239 
NTA N   C6   sing N N 240 
NTA N   C10  sing N N 241 
NTA N   CA   sing N N 242 
NTA C6  C7   sing N N 243 
NTA C6  H61  sing N N 244 
NTA C6  H62  sing N N 245 
NTA C10 C11  sing N N 246 
NTA C10 H101 sing N N 247 
NTA C10 H102 sing N N 248 
NTA CA  C    sing N N 249 
NTA CA  HA2  sing N N 250 
NTA CA  HA3  sing N N 251 
NTA C7  O8   sing N N 252 
NTA C7  O9   doub N N 253 
NTA O8  HO8  sing N N 254 
NTA C   OXT  sing N N 255 
NTA C   O    doub N N 256 
NTA C11 O12  sing N N 257 
NTA C11 O13  doub N N 258 
NTA O12 HO12 sing N N 259 
NTA OXT HXT  sing N N 260 
PHE N   CA   sing N N 261 
PHE N   H    sing N N 262 
PHE N   H2   sing N N 263 
PHE CA  C    sing N N 264 
PHE CA  CB   sing N N 265 
PHE CA  HA   sing N N 266 
PHE C   O    doub N N 267 
PHE C   OXT  sing N N 268 
PHE CB  CG   sing N N 269 
PHE CB  HB2  sing N N 270 
PHE CB  HB3  sing N N 271 
PHE CG  CD1  doub Y N 272 
PHE CG  CD2  sing Y N 273 
PHE CD1 CE1  sing Y N 274 
PHE CD1 HD1  sing N N 275 
PHE CD2 CE2  doub Y N 276 
PHE CD2 HD2  sing N N 277 
PHE CE1 CZ   doub Y N 278 
PHE CE1 HE1  sing N N 279 
PHE CE2 CZ   sing Y N 280 
PHE CE2 HE2  sing N N 281 
PHE CZ  HZ   sing N N 282 
PHE OXT HXT  sing N N 283 
PRO N   CA   sing N N 284 
PRO N   CD   sing N N 285 
PRO N   H    sing N N 286 
PRO CA  C    sing N N 287 
PRO CA  CB   sing N N 288 
PRO CA  HA   sing N N 289 
PRO C   O    doub N N 290 
PRO C   OXT  sing N N 291 
PRO CB  CG   sing N N 292 
PRO CB  HB2  sing N N 293 
PRO CB  HB3  sing N N 294 
PRO CG  CD   sing N N 295 
PRO CG  HG2  sing N N 296 
PRO CG  HG3  sing N N 297 
PRO CD  HD2  sing N N 298 
PRO CD  HD3  sing N N 299 
PRO OXT HXT  sing N N 300 
SER N   CA   sing N N 301 
SER N   H    sing N N 302 
SER N   H2   sing N N 303 
SER CA  C    sing N N 304 
SER CA  CB   sing N N 305 
SER CA  HA   sing N N 306 
SER C   O    doub N N 307 
SER C   OXT  sing N N 308 
SER CB  OG   sing N N 309 
SER CB  HB2  sing N N 310 
SER CB  HB3  sing N N 311 
SER OG  HG   sing N N 312 
SER OXT HXT  sing N N 313 
THR N   CA   sing N N 314 
THR N   H    sing N N 315 
THR N   H2   sing N N 316 
THR CA  C    sing N N 317 
THR CA  CB   sing N N 318 
THR CA  HA   sing N N 319 
THR C   O    doub N N 320 
THR C   OXT  sing N N 321 
THR CB  OG1  sing N N 322 
THR CB  CG2  sing N N 323 
THR CB  HB   sing N N 324 
THR OG1 HG1  sing N N 325 
THR CG2 HG21 sing N N 326 
THR CG2 HG22 sing N N 327 
THR CG2 HG23 sing N N 328 
THR OXT HXT  sing N N 329 
TRP N   CA   sing N N 330 
TRP N   H    sing N N 331 
TRP N   H2   sing N N 332 
TRP CA  C    sing N N 333 
TRP CA  CB   sing N N 334 
TRP CA  HA   sing N N 335 
TRP C   O    doub N N 336 
TRP C   OXT  sing N N 337 
TRP CB  CG   sing N N 338 
TRP CB  HB2  sing N N 339 
TRP CB  HB3  sing N N 340 
TRP CG  CD1  doub Y N 341 
TRP CG  CD2  sing Y N 342 
TRP CD1 NE1  sing Y N 343 
TRP CD1 HD1  sing N N 344 
TRP CD2 CE2  doub Y N 345 
TRP CD2 CE3  sing Y N 346 
TRP NE1 CE2  sing Y N 347 
TRP NE1 HE1  sing N N 348 
TRP CE2 CZ2  sing Y N 349 
TRP CE3 CZ3  doub Y N 350 
TRP CE3 HE3  sing N N 351 
TRP CZ2 CH2  doub Y N 352 
TRP CZ2 HZ2  sing N N 353 
TRP CZ3 CH2  sing Y N 354 
TRP CZ3 HZ3  sing N N 355 
TRP CH2 HH2  sing N N 356 
TRP OXT HXT  sing N N 357 
TYR N   CA   sing N N 358 
TYR N   H    sing N N 359 
TYR N   H2   sing N N 360 
TYR CA  C    sing N N 361 
TYR CA  CB   sing N N 362 
TYR CA  HA   sing N N 363 
TYR C   O    doub N N 364 
TYR C   OXT  sing N N 365 
TYR CB  CG   sing N N 366 
TYR CB  HB2  sing N N 367 
TYR CB  HB3  sing N N 368 
TYR CG  CD1  doub Y N 369 
TYR CG  CD2  sing Y N 370 
TYR CD1 CE1  sing Y N 371 
TYR CD1 HD1  sing N N 372 
TYR CD2 CE2  doub Y N 373 
TYR CD2 HD2  sing N N 374 
TYR CE1 CZ   doub Y N 375 
TYR CE1 HE1  sing N N 376 
TYR CE2 CZ   sing Y N 377 
TYR CE2 HE2  sing N N 378 
TYR CZ  OH   sing N N 379 
TYR OH  HH   sing N N 380 
TYR OXT HXT  sing N N 381 
VAL N   CA   sing N N 382 
VAL N   H    sing N N 383 
VAL N   H2   sing N N 384 
VAL CA  C    sing N N 385 
VAL CA  CB   sing N N 386 
VAL CA  HA   sing N N 387 
VAL C   O    doub N N 388 
VAL C   OXT  sing N N 389 
VAL CB  CG1  sing N N 390 
VAL CB  CG2  sing N N 391 
VAL CB  HB   sing N N 392 
VAL CG1 HG11 sing N N 393 
VAL CG1 HG12 sing N N 394 
VAL CG1 HG13 sing N N 395 
VAL CG2 HG21 sing N N 396 
VAL CG2 HG22 sing N N 397 
VAL CG2 HG23 sing N N 398 
VAL OXT HXT  sing N N 399 
# 
_atom_sites.entry_id                    1GVC 
_atom_sites.fract_transf_matrix[1][1]   -0.01779581 
_atom_sites.fract_transf_matrix[1][2]   0.01775481 
_atom_sites.fract_transf_matrix[1][3]   0.01206770 
_atom_sites.fract_transf_matrix[2][1]   0.00527918 
_atom_sites.fract_transf_matrix[2][2]   0.00981439 
_atom_sites.fract_transf_matrix[2][3]   0.02556023 
_atom_sites.fract_transf_matrix[3][1]   0.00611470 
_atom_sites.fract_transf_matrix[3][2]   0.00945469 
_atom_sites.fract_transf_matrix[3][3]   -0.00489325 
_atom_sites.fract_transf_vector[1]      -0.238903 
_atom_sites.fract_transf_vector[2]      0.920106 
_atom_sites.fract_transf_vector[3]      -0.083291 
# 
loop_
_atom_type.symbol 
C  
FE 
N  
O  
S  
# 
loop_
_atom_site.group_PDB 
_atom_site.id 
_atom_site.type_symbol 
_atom_site.label_atom_id 
_atom_site.label_alt_id 
_atom_site.label_comp_id 
_atom_site.label_asym_id 
_atom_site.label_entity_id 
_atom_site.label_seq_id 
_atom_site.pdbx_PDB_ins_code 
_atom_site.Cartn_x 
_atom_site.Cartn_y 
_atom_site.Cartn_z 
_atom_site.occupancy 
_atom_site.B_iso_or_equiv 
_atom_site.pdbx_formal_charge 
_atom_site.auth_seq_id 
_atom_site.auth_comp_id 
_atom_site.auth_asym_id 
_atom_site.auth_atom_id 
_atom_site.pdbx_PDB_model_num 
ATOM   1    N  N   . SER A 1 1   ? 14.838  13.060  3.495   1.00 46.26 ? 94   SER A N   1 
ATOM   2    C  CA  . SER A 1 1   ? 14.308  11.998  4.395   1.00 45.68 ? 94   SER A CA  1 
ATOM   3    C  C   . SER A 1 1   ? 12.806  11.910  4.258   1.00 44.15 ? 94   SER A C   1 
ATOM   4    O  O   . SER A 1 1   ? 12.146  12.912  3.993   1.00 44.86 ? 94   SER A O   1 
ATOM   5    C  CB  . SER A 1 1   ? 14.628  12.337  5.859   1.00 45.90 ? 94   SER A CB  1 
ATOM   6    O  OG  . SER A 1 1   ? 14.908  11.169  6.619   1.00 49.61 ? 94   SER A OG  1 
ATOM   7    N  N   . TYR A 1 2   ? 12.259  10.706  4.343   1.00 42.22 ? 95   TYR A N   1 
ATOM   8    C  CA  . TYR A 1 2   ? 10.827  10.596  4.575   1.00 40.14 ? 95   TYR A CA  1 
ATOM   9    C  C   . TYR A 1 2   ? 10.455  9.367   5.419   1.00 37.64 ? 95   TYR A C   1 
ATOM   10   O  O   . TYR A 1 2   ? 11.298  8.493   5.678   1.00 36.95 ? 95   TYR A O   1 
ATOM   11   C  CB  . TYR A 1 2   ? 10.058  10.654  3.263   1.00 40.10 ? 95   TYR A CB  1 
ATOM   12   C  CG  . TYR A 1 2   ? 10.235  9.462   2.366   1.00 42.69 ? 95   TYR A CG  1 
ATOM   13   C  CD1 . TYR A 1 2   ? 9.542   8.288   2.612   1.00 45.02 ? 95   TYR A CD1 1 
ATOM   14   C  CD2 . TYR A 1 2   ? 11.077  9.508   1.260   1.00 44.58 ? 95   TYR A CD2 1 
ATOM   15   C  CE1 . TYR A 1 2   ? 9.673   7.201   1.804   1.00 45.94 ? 95   TYR A CE1 1 
ATOM   16   C  CE2 . TYR A 1 2   ? 11.206  8.407   0.425   1.00 46.68 ? 95   TYR A CE2 1 
ATOM   17   C  CZ  . TYR A 1 2   ? 10.496  7.255   0.713   1.00 47.12 ? 95   TYR A CZ  1 
ATOM   18   O  OH  . TYR A 1 2   ? 10.604  6.133   -0.076  1.00 49.41 ? 95   TYR A OH  1 
ATOM   19   N  N   . TYR A 1 3   ? 9.205   9.351   5.875   1.00 34.71 ? 96   TYR A N   1 
ATOM   20   C  CA  . TYR A 1 3   ? 8.649   8.235   6.625   1.00 33.26 ? 96   TYR A CA  1 
ATOM   21   C  C   . TYR A 1 3   ? 7.619   7.508   5.785   1.00 31.25 ? 96   TYR A C   1 
ATOM   22   O  O   . TYR A 1 3   ? 6.704   8.142   5.253   1.00 29.73 ? 96   TYR A O   1 
ATOM   23   C  CB  . TYR A 1 3   ? 7.963   8.720   7.891   1.00 34.06 ? 96   TYR A CB  1 
ATOM   24   C  CG  . TYR A 1 3   ? 8.870   9.436   8.845   1.00 36.62 ? 96   TYR A CG  1 
ATOM   25   C  CD1 . TYR A 1 3   ? 9.752   8.734   9.637   1.00 38.82 ? 96   TYR A CD1 1 
ATOM   26   C  CD2 . TYR A 1 3   ? 8.840   10.818  8.952   1.00 39.82 ? 96   TYR A CD2 1 
ATOM   27   C  CE1 . TYR A 1 3   ? 10.580  9.403   10.515  1.00 41.18 ? 96   TYR A CE1 1 
ATOM   28   C  CE2 . TYR A 1 3   ? 9.656   11.490  9.824   1.00 40.47 ? 96   TYR A CE2 1 
ATOM   29   C  CZ  . TYR A 1 3   ? 10.523  10.778  10.605  1.00 41.30 ? 96   TYR A CZ  1 
ATOM   30   O  OH  . TYR A 1 3   ? 11.336  11.459  11.485  1.00 44.25 ? 96   TYR A OH  1 
ATOM   31   N  N   . ALA A 1 4   ? 7.784   6.198   5.663   1.00 28.91 ? 97   ALA A N   1 
ATOM   32   C  CA  . ALA A 1 4   ? 6.836   5.337   4.961   1.00 27.42 ? 97   ALA A CA  1 
ATOM   33   C  C   . ALA A 1 4   ? 5.642   5.087   5.881   1.00 25.67 ? 97   ALA A C   1 
ATOM   34   O  O   . ALA A 1 4   ? 5.813   4.662   7.013   1.00 25.17 ? 97   ALA A O   1 
ATOM   35   C  CB  . ALA A 1 4   ? 7.508   4.002   4.580   1.00 27.80 ? 97   ALA A CB  1 
ATOM   36   N  N   . VAL A 1 5   ? 4.437   5.345   5.384   1.00 24.67 ? 98   VAL A N   1 
ATOM   37   C  CA  . VAL A 1 5   ? 3.230   5.165   6.155   1.00 23.77 ? 98   VAL A CA  1 
ATOM   38   C  C   . VAL A 1 5   ? 2.184   4.383   5.379   1.00 23.02 ? 98   VAL A C   1 
ATOM   39   O  O   . VAL A 1 5   ? 2.235   4.258   4.146   1.00 23.12 ? 98   VAL A O   1 
ATOM   40   C  CB  . VAL A 1 5   ? 2.614   6.518   6.609   1.00 23.57 ? 98   VAL A CB  1 
ATOM   41   C  CG1 . VAL A 1 5   ? 3.582   7.284   7.444   1.00 25.45 ? 98   VAL A CG1 1 
ATOM   42   C  CG2 . VAL A 1 5   ? 2.186   7.355   5.417   1.00 23.56 ? 98   VAL A CG2 1 
ATOM   43   N  N   . ALA A 1 6   ? 1.253   3.825   6.141   1.00 21.28 ? 99   ALA A N   1 
ATOM   44   C  CA  . ALA A 1 6   ? 0.163   3.059   5.612   1.00 21.36 ? 99   ALA A CA  1 
ATOM   45   C  C   . ALA A 1 6   ? -1.101  3.854   5.913   1.00 21.45 ? 99   ALA A C   1 
ATOM   46   O  O   . ALA A 1 6   ? -1.510  3.972   7.073   1.00 21.58 ? 99   ALA A O   1 
ATOM   47   C  CB  . ALA A 1 6   ? 0.117   1.710   6.281   1.00 20.77 ? 99   ALA A CB  1 
ATOM   48   N  N   . VAL A 1 7   ? -1.711  4.397   4.879   1.00 20.59 ? 100  VAL A N   1 
ATOM   49   C  CA  . VAL A 1 7   ? -2.863  5.242   5.051   1.00 20.28 ? 100  VAL A CA  1 
ATOM   50   C  C   . VAL A 1 7   ? -4.129  4.441   4.859   1.00 20.50 ? 100  VAL A C   1 
ATOM   51   O  O   . VAL A 1 7   ? -4.267  3.659   3.906   1.00 17.70 ? 100  VAL A O   1 
ATOM   52   C  CB  . VAL A 1 7   ? -2.828  6.403   4.067   1.00 19.92 ? 100  VAL A CB  1 
ATOM   53   C  CG1 . VAL A 1 7   ? -4.001  7.342   4.285   1.00 21.03 ? 100  VAL A CG1 1 
ATOM   54   C  CG2 . VAL A 1 7   ? -1.563  7.146   4.209   1.00 20.26 ? 100  VAL A CG2 1 
ATOM   55   N  N   . VAL A 1 8   ? -5.087  4.687   5.742   1.00 19.75 ? 101  VAL A N   1 
ATOM   56   C  CA  . VAL A 1 8   ? -6.378  4.039   5.697   1.00 20.47 ? 101  VAL A CA  1 
ATOM   57   C  C   . VAL A 1 8   ? -7.457  5.107   5.897   1.00 22.34 ? 101  VAL A C   1 
ATOM   58   O  O   . VAL A 1 8   ? -7.145  6.229   6.300   1.00 21.94 ? 101  VAL A O   1 
ATOM   59   C  CB  . VAL A 1 8   ? -6.513  2.942   6.785   1.00 21.21 ? 101  VAL A CB  1 
ATOM   60   C  CG1 . VAL A 1 8   ? -5.598  1.770   6.505   1.00 21.65 ? 101  VAL A CG1 1 
ATOM   61   C  CG2 . VAL A 1 8   ? -6.161  3.489   8.225   1.00 20.08 ? 101  VAL A CG2 1 
ATOM   62   N  N   . LYS A 1 9   ? -8.707  4.759   5.601   1.00 23.78 ? 102  LYS A N   1 
ATOM   63   C  CA  . LYS A 1 9   ? -9.821  5.672   5.826   1.00 25.57 ? 102  LYS A CA  1 
ATOM   64   C  C   . LYS A 1 9   ? -10.330 5.570   7.267   1.00 26.68 ? 102  LYS A C   1 
ATOM   65   O  O   . LYS A 1 9   ? -10.277 4.508   7.885   1.00 24.69 ? 102  LYS A O   1 
ATOM   66   C  CB  . LYS A 1 9   ? -10.969 5.364   4.894   1.00 26.30 ? 102  LYS A CB  1 
ATOM   67   C  CG  . LYS A 1 9   ? -10.701 5.620   3.425   1.00 28.57 ? 102  LYS A CG  1 
ATOM   68   C  CD  . LYS A 1 9   ? -11.710 6.583   2.801   1.00 33.44 ? 102  LYS A CD  1 
ATOM   69   C  CE  . LYS A 1 9   ? -11.574 6.699   1.265   1.00 34.93 ? 102  LYS A CE  1 
ATOM   70   N  NZ  . LYS A 1 9   ? -12.676 6.115   0.433   1.00 37.61 ? 102  LYS A NZ  1 
ATOM   71   N  N   . LYS A 1 10  ? -10.814 6.690   7.798   1.00 28.21 ? 103  LYS A N   1 
ATOM   72   C  CA  . LYS A 1 10  ? -11.372 6.699   9.147   1.00 30.43 ? 103  LYS A CA  1 
ATOM   73   C  C   . LYS A 1 10  ? -12.578 5.791   9.321   1.00 31.23 ? 103  LYS A C   1 
ATOM   74   O  O   . LYS A 1 10  ? -12.803 5.284   10.420  1.00 32.81 ? 103  LYS A O   1 
ATOM   75   C  CB  . LYS A 1 10  ? -11.740 8.111   9.570   1.00 31.34 ? 103  LYS A CB  1 
ATOM   76   C  CG  . LYS A 1 10  ? -10.687 8.685   10.420  1.00 36.79 ? 103  LYS A CG  1 
ATOM   77   C  CD  . LYS A 1 10  ? -11.268 9.423   11.593  1.00 42.21 ? 103  LYS A CD  1 
ATOM   78   C  CE  . LYS A 1 10  ? -10.691 10.815  11.624  1.00 45.32 ? 103  LYS A CE  1 
ATOM   79   N  NZ  . LYS A 1 10  ? -9.354  10.918  12.251  1.00 48.37 ? 103  LYS A NZ  1 
ATOM   80   N  N   . GLY A 1 11  ? -13.348 5.556   8.263   1.00 31.24 ? 104  GLY A N   1 
ATOM   81   C  CA  . GLY A 1 11  ? -14.474 4.619   8.357   1.00 31.99 ? 104  GLY A CA  1 
ATOM   82   C  C   . GLY A 1 11  ? -14.212 3.137   8.699   1.00 31.29 ? 104  GLY A C   1 
ATOM   83   O  O   . GLY A 1 11  ? -15.132 2.406   9.070   1.00 33.03 ? 104  GLY A O   1 
ATOM   84   N  N   . THR A 1 12  ? -12.979 2.663   8.584   1.00 29.10 ? 105  THR A N   1 
ATOM   85   C  CA  . THR A 1 12  ? -12.706 1.261   8.830   1.00 26.69 ? 105  THR A CA  1 
ATOM   86   C  C   . THR A 1 12  ? -12.107 1.030   10.202  1.00 26.04 ? 105  THR A C   1 
ATOM   87   O  O   . THR A 1 12  ? -11.761 1.974   10.900  1.00 26.41 ? 105  THR A O   1 
ATOM   88   C  CB  . THR A 1 12  ? -11.802 0.718   7.710   1.00 26.73 ? 105  THR A CB  1 
ATOM   89   O  OG1 . THR A 1 12  ? -10.559 1.434   7.684   1.00 23.99 ? 105  THR A OG1 1 
ATOM   90   C  CG2 . THR A 1 12  ? -12.463 1.012   6.374   1.00 26.68 ? 105  THR A CG2 1 
ATOM   91   N  N   . ASP A 1 13  ? -11.965 -0.225  10.594  1.00 24.63 ? 106  ASP A N   1 
ATOM   92   C  CA  . ASP A 1 13  ? -11.499 -0.526  11.947  1.00 24.29 ? 106  ASP A CA  1 
ATOM   93   C  C   . ASP A 1 13  ? -10.461 -1.598  12.019  1.00 23.28 ? 106  ASP A C   1 
ATOM   94   O  O   . ASP A 1 13  ? -10.008 -1.927  13.112  1.00 24.69 ? 106  ASP A O   1 
ATOM   95   C  CB  . ASP A 1 13  ? -12.678 -0.945  12.826  1.00 23.97 ? 106  ASP A CB  1 
ATOM   96   C  CG  . ASP A 1 13  ? -13.568 0.188   13.144  1.00 25.41 ? 106  ASP A CG  1 
ATOM   97   O  OD1 . ASP A 1 13  ? -13.228 0.909   14.087  1.00 25.55 ? 106  ASP A OD1 1 
ATOM   98   O  OD2 . ASP A 1 13  ? -14.603 0.462   12.495  1.00 23.28 ? 106  ASP A OD2 1 
ATOM   99   N  N   . PHE A 1 14  ? -10.057 -2.142  10.881  1.00 21.66 ? 107  PHE A N   1 
ATOM   100  C  CA  . PHE A 1 14  ? -9.042  -3.184  10.880  1.00 20.85 ? 107  PHE A CA  1 
ATOM   101  C  C   . PHE A 1 14  ? -7.687  -2.583  11.261  1.00 20.82 ? 107  PHE A C   1 
ATOM   102  O  O   . PHE A 1 14  ? -7.400  -1.416  10.958  1.00 20.73 ? 107  PHE A O   1 
ATOM   103  C  CB  . PHE A 1 14  ? -8.938  -3.875  9.512   1.00 19.76 ? 107  PHE A CB  1 
ATOM   104  C  CG  . PHE A 1 14  ? -8.542  -2.956  8.397   1.00 21.21 ? 107  PHE A CG  1 
ATOM   105  C  CD1 . PHE A 1 14  ? -7.209  -2.703  8.113   1.00 23.32 ? 107  PHE A CD1 1 
ATOM   106  C  CD2 . PHE A 1 14  ? -9.492  -2.355  7.615   1.00 23.40 ? 107  PHE A CD2 1 
ATOM   107  C  CE1 . PHE A 1 14  ? -6.873  -1.863  7.100   1.00 22.91 ? 107  PHE A CE1 1 
ATOM   108  C  CE2 . PHE A 1 14  ? -9.137  -1.513  6.605   1.00 22.66 ? 107  PHE A CE2 1 
ATOM   109  C  CZ  . PHE A 1 14  ? -7.842  -1.280  6.355   1.00 22.07 ? 107  PHE A CZ  1 
ATOM   110  N  N   . MET A 1 15  ? -6.857  -3.400  11.900  1.00 21.55 ? 108  MET A N   1 
ATOM   111  C  CA  . MET A 1 15  ? -5.504  -2.979  12.288  1.00 22.58 ? 108  MET A CA  1 
ATOM   112  C  C   . MET A 1 15  ? -4.467  -3.763  11.474  1.00 22.76 ? 108  MET A C   1 
ATOM   113  O  O   . MET A 1 15  ? -4.835  -4.565  10.617  1.00 23.52 ? 108  MET A O   1 
ATOM   114  C  CB  . MET A 1 15  ? -5.308  -3.182  13.780  1.00 22.37 ? 108  MET A CB  1 
ATOM   115  C  CG  . MET A 1 15  ? -6.289  -2.397  14.595  1.00 23.67 ? 108  MET A CG  1 
ATOM   116  S  SD  . MET A 1 15  ? -6.080  -0.615  14.393  1.00 24.74 ? 108  MET A SD  1 
ATOM   117  C  CE  . MET A 1 15  ? -7.389  -0.015  15.363  1.00 28.79 ? 108  MET A CE  1 
ATOM   118  N  N   . ILE A 1 16  ? -3.175  -3.548  11.734  1.00 23.89 ? 109  ILE A N   1 
ATOM   119  C  CA  . ILE A 1 16  ? -2.123  -4.187  10.931  1.00 24.23 ? 109  ILE A CA  1 
ATOM   120  C  C   . ILE A 1 16  ? -2.192  -5.718  10.940  1.00 24.21 ? 109  ILE A C   1 
ATOM   121  O  O   . ILE A 1 16  ? -1.903  -6.343  9.947   1.00 23.08 ? 109  ILE A O   1 
ATOM   122  C  CB  . ILE A 1 16  ? -0.687  -3.689  11.347  1.00 24.62 ? 109  ILE A CB  1 
ATOM   123  C  CG1 . ILE A 1 16  ? 0.344   -4.156  10.319  1.00 25.74 ? 109  ILE A CG1 1 
ATOM   124  C  CG2 . ILE A 1 16  ? -0.328  -4.108  12.783  1.00 23.62 ? 109  ILE A CG2 1 
ATOM   125  C  CD1 . ILE A 1 16  ? 1.790   -3.872  10.711  1.00 29.72 ? 109  ILE A CD1 1 
ATOM   126  N  N   . LYS A 1 17  ? -2.607  -6.314  12.055  1.00 23.61 ? 110  LYS A N   1 
ATOM   127  C  CA  . LYS A 1 17  ? -2.708  -7.759  12.141  1.00 23.96 ? 110  LYS A CA  1 
ATOM   128  C  C   . LYS A 1 17  ? -3.859  -8.300  11.318  1.00 23.89 ? 110  LYS A C   1 
ATOM   129  O  O   . LYS A 1 17  ? -3.947  -9.509  11.109  1.00 23.93 ? 110  LYS A O   1 
ATOM   130  C  CB  . LYS A 1 17  ? -2.928  -8.208  13.586  1.00 24.32 ? 110  LYS A CB  1 
ATOM   131  C  CG  . LYS A 1 17  ? -4.285  -7.779  14.172  1.00 24.52 ? 110  LYS A CG  1 
ATOM   132  C  CD  . LYS A 1 17  ? -4.520  -8.265  15.600  1.00 24.94 ? 110  LYS A CD  1 
ATOM   133  C  CE  . LYS A 1 17  ? -5.872  -7.782  16.135  1.00 24.78 ? 110  LYS A CE  1 
ATOM   134  N  NZ  . LYS A 1 17  ? -7.056  -8.440  15.497  1.00 23.49 ? 110  LYS A NZ  1 
ATOM   135  N  N   . ASP A 1 18  ? -4.749  -7.412  10.890  1.00 22.66 ? 111  ASP A N   1 
ATOM   136  C  CA  . ASP A 1 18  ? -5.939  -7.800  10.162  1.00 22.51 ? 111  ASP A CA  1 
ATOM   137  C  C   . ASP A 1 18  ? -5.861  -7.473  8.685   1.00 22.64 ? 111  ASP A C   1 
ATOM   138  O  O   . ASP A 1 18  ? -6.902  -7.292  8.068   1.00 23.20 ? 111  ASP A O   1 
ATOM   139  C  CB  . ASP A 1 18  ? -7.139  -7.030  10.725  1.00 22.08 ? 111  ASP A CB  1 
ATOM   140  C  CG  . ASP A 1 18  ? -7.202  -7.071  12.233  1.00 22.25 ? 111  ASP A CG  1 
ATOM   141  O  OD1 . ASP A 1 18  ? -7.310  -8.184  12.804  1.00 21.04 ? 111  ASP A OD1 1 
ATOM   142  O  OD2 . ASP A 1 18  ? -7.178  -6.024  12.905  1.00 21.87 ? 111  ASP A OD2 1 
ATOM   143  N  N   . LEU A 1 19  ? -4.662  -7.364  8.118   1.00 21.85 ? 112  LEU A N   1 
ATOM   144  C  CA  . LEU A 1 19  ? -4.553  -6.974  6.715   1.00 22.67 ? 112  LEU A CA  1 
ATOM   145  C  C   . LEU A 1 19  ? -4.840  -8.116  5.716   1.00 23.48 ? 112  LEU A C   1 
ATOM   146  O  O   . LEU A 1 19  ? -5.222  -7.859  4.584   1.00 21.11 ? 112  LEU A O   1 
ATOM   147  C  CB  . LEU A 1 19  ? -3.195  -6.348  6.408   1.00 23.88 ? 112  LEU A CB  1 
ATOM   148  C  CG  . LEU A 1 19  ? -3.042  -4.876  6.803   1.00 25.05 ? 112  LEU A CG  1 
ATOM   149  C  CD1 . LEU A 1 19  ? -1.614  -4.450  6.545   1.00 25.32 ? 112  LEU A CD1 1 
ATOM   150  C  CD2 . LEU A 1 19  ? -4.009  -3.965  6.082   1.00 26.33 ? 112  LEU A CD2 1 
ATOM   151  N  N   . ARG A 1 20  ? -4.681  -9.366  6.138   1.00 24.50 ? 113  ARG A N   1 
ATOM   152  C  CA  . ARG A 1 20  ? -4.984  -10.477 5.241   1.00 25.25 ? 113  ARG A CA  1 
ATOM   153  C  C   . ARG A 1 20  ? -6.379  -10.368 4.634   1.00 25.29 ? 113  ARG A C   1 
ATOM   154  O  O   . ARG A 1 20  ? -7.393  -10.150 5.324   1.00 23.71 ? 113  ARG A O   1 
ATOM   155  C  CB  . ARG A 1 20  ? -4.824  -11.821 5.947   1.00 26.30 ? 113  ARG A CB  1 
ATOM   156  C  CG  . ARG A 1 20  ? -5.219  -13.005 5.064   1.00 30.89 ? 113  ARG A CG  1 
ATOM   157  C  CD  . ARG A 1 20  ? -5.078  -14.343 5.785   1.00 35.25 ? 113  ARG A CD  1 
ATOM   158  N  NE  . ARG A 1 20  ? -3.670  -14.516 6.116   1.00 37.53 ? 113  ARG A NE  1 
ATOM   159  C  CZ  . ARG A 1 20  ? -2.765  -14.985 5.268   1.00 42.71 ? 113  ARG A CZ  1 
ATOM   160  N  NH1 . ARG A 1 20  ? -3.128  -15.375 4.043   1.00 44.02 ? 113  ARG A NH1 1 
ATOM   161  N  NH2 . ARG A 1 20  ? -1.496  -15.082 5.647   1.00 44.27 ? 113  ARG A NH2 1 
ATOM   162  N  N   . GLY A 1 21  ? -6.434  -10.485 3.308   1.00 23.70 ? 114  GLY A N   1 
ATOM   163  C  CA  . GLY A 1 21  ? -7.707  -10.424 2.646   1.00 23.36 ? 114  GLY A CA  1 
ATOM   164  C  C   . GLY A 1 21  ? -8.218  -9.036  2.341   1.00 22.86 ? 114  GLY A C   1 
ATOM   165  O  O   . GLY A 1 21  ? -9.280  -8.903  1.734   1.00 24.34 ? 114  GLY A O   1 
ATOM   166  N  N   . LYS A 1 22  ? -7.513  -7.990  2.760   1.00 22.43 ? 115  LYS A N   1 
ATOM   167  C  CA  . LYS A 1 22  ? -7.915  -6.648  2.379   1.00 22.24 ? 115  LYS A CA  1 
ATOM   168  C  C   . LYS A 1 22  ? -7.380  -6.324  0.985   1.00 21.81 ? 115  LYS A C   1 
ATOM   169  O  O   . LYS A 1 22  ? -6.636  -7.104  0.449   1.00 23.19 ? 115  LYS A O   1 
ATOM   170  C  CB  . LYS A 1 22  ? -7.427  -5.607  3.374   1.00 21.79 ? 115  LYS A CB  1 
ATOM   171  C  CG  . LYS A 1 22  ? -7.869  -5.908  4.820   1.00 23.10 ? 115  LYS A CG  1 
ATOM   172  C  CD  . LYS A 1 22  ? -9.346  -5.993  4.951   1.00 24.82 ? 115  LYS A CD  1 
ATOM   173  C  CE  . LYS A 1 22  ? -9.799  -6.030  6.411   1.00 24.31 ? 115  LYS A CE  1 
ATOM   174  N  NZ  . LYS A 1 22  ? -9.496  -7.289  7.037   1.00 24.18 ? 115  LYS A NZ  1 
ATOM   175  N  N   . THR A 1 23  ? -7.787  -5.198  0.419   1.00 22.23 ? 116  THR A N   1 
ATOM   176  C  CA  . THR A 1 23  ? -7.287  -4.750  -0.884  1.00 22.42 ? 116  THR A CA  1 
ATOM   177  C  C   . THR A 1 23  ? -6.279  -3.662  -0.615  1.00 22.84 ? 116  THR A C   1 
ATOM   178  O  O   . THR A 1 23  ? -6.368  -2.953  0.396   1.00 21.95 ? 116  THR A O   1 
ATOM   179  C  CB  . THR A 1 23  ? -8.405  -4.258  -1.808  1.00 23.02 ? 116  THR A CB  1 
ATOM   180  O  OG1 . THR A 1 23  ? -9.183  -3.213  -1.192  1.00 23.19 ? 116  THR A OG1 1 
ATOM   181  C  CG2 . THR A 1 23  ? -9.395  -5.357  -2.112  1.00 24.59 ? 116  THR A CG2 1 
ATOM   182  N  N   . SER A 1 24  ? -5.311  -3.532  -1.503  1.00 21.00 ? 117  SER A N   1 
ATOM   183  C  CA  . SER A 1 24  ? -4.196  -2.650  -1.270  1.00 20.90 ? 117  SER A CA  1 
ATOM   184  C  C   . SER A 1 24  ? -3.774  -1.872  -2.511  1.00 21.29 ? 117  SER A C   1 
ATOM   185  O  O   . SER A 1 24  ? -3.881  -2.373  -3.660  1.00 20.37 ? 117  SER A O   1 
ATOM   186  C  CB  . SER A 1 24  ? -3.011  -3.437  -0.725  1.00 21.89 ? 117  SER A CB  1 
ATOM   187  O  OG  . SER A 1 24  ? -2.451  -4.323  -1.714  1.00 23.02 ? 117  SER A OG  1 
ATOM   188  N  N   . CYS A 1 25  ? -3.275  -0.664  -2.250  1.00 20.38 ? 118  CYS A N   1 
ATOM   189  C  CA  . CYS A 1 25  ? -2.824  0.257   -3.267  1.00 20.32 ? 118  CYS A CA  1 
ATOM   190  C  C   . CYS A 1 25  ? -1.364  0.521   -3.025  1.00 20.07 ? 118  CYS A C   1 
ATOM   191  O  O   . CYS A 1 25  ? -0.958  0.918   -1.944  1.00 20.83 ? 118  CYS A O   1 
ATOM   192  C  CB  . CYS A 1 25  ? -3.612  1.582   -3.208  1.00 20.35 ? 118  CYS A CB  1 
ATOM   193  S  SG  . CYS A 1 25  ? -5.396  1.472   -3.369  1.00 21.40 ? 118  CYS A SG  1 
ATOM   194  N  N   . HIS A 1 26  ? -0.559  0.337   -4.064  1.00 19.13 ? 119  HIS A N   1 
ATOM   195  C  CA  . HIS A 1 26  ? 0.865   0.526   -3.980  1.00 19.12 ? 119  HIS A CA  1 
ATOM   196  C  C   . HIS A 1 26  ? 1.343   1.491   -5.099  1.00 19.36 ? 119  HIS A C   1 
ATOM   197  O  O   . HIS A 1 26  ? 0.759   1.536   -6.191  1.00 18.78 ? 119  HIS A O   1 
ATOM   198  C  CB  . HIS A 1 26  ? 1.543   -0.836  -4.184  1.00 20.11 ? 119  HIS A CB  1 
ATOM   199  C  CG  . HIS A 1 26  ? 1.082   -1.906  -3.245  1.00 18.54 ? 119  HIS A CG  1 
ATOM   200  N  ND1 . HIS A 1 26  ? 1.874   -2.392  -2.237  1.00 20.20 ? 119  HIS A ND1 1 
ATOM   201  C  CD2 . HIS A 1 26  ? -0.081  -2.585  -3.173  1.00 19.55 ? 119  HIS A CD2 1 
ATOM   202  C  CE1 . HIS A 1 26  ? 1.222   -3.340  -1.585  1.00 17.93 ? 119  HIS A CE1 1 
ATOM   203  N  NE2 . HIS A 1 26  ? 0.039   -3.482  -2.136  1.00 21.27 ? 119  HIS A NE2 1 
ATOM   204  N  N   . THR A 1 27  ? 2.408   2.232   -4.831  1.00 20.29 ? 120  THR A N   1 
ATOM   205  C  CA  . THR A 1 27  ? 2.955   3.206   -5.797  1.00 21.27 ? 120  THR A CA  1 
ATOM   206  C  C   . THR A 1 27  ? 3.510   2.511   -7.039  1.00 21.62 ? 120  THR A C   1 
ATOM   207  O  O   . THR A 1 27  ? 3.426   3.036   -8.142  1.00 21.46 ? 120  THR A O   1 
ATOM   208  C  CB  . THR A 1 27  ? 4.049   4.030   -5.179  1.00 21.61 ? 120  THR A CB  1 
ATOM   209  O  OG1 . THR A 1 27  ? 5.131   3.210   -4.740  1.00 23.19 ? 120  THR A OG1 1 
ATOM   210  C  CG2 . THR A 1 27  ? 3.506   4.814   -3.951  1.00 21.26 ? 120  THR A CG2 1 
ATOM   211  N  N   . GLY A 1 28  ? 4.091   1.342   -6.823  1.00 22.73 ? 121  GLY A N   1 
ATOM   212  C  CA  . GLY A 1 28  ? 4.628   0.551   -7.903  1.00 24.18 ? 121  GLY A CA  1 
ATOM   213  C  C   . GLY A 1 28  ? 5.506   -0.594  -7.412  1.00 25.24 ? 121  GLY A C   1 
ATOM   214  O  O   . GLY A 1 28  ? 6.111   -0.545  -6.336  1.00 25.22 ? 121  GLY A O   1 
ATOM   215  N  N   . LEU A 1 29  ? 5.603   -1.615  -8.241  1.00 26.86 ? 122  LEU A N   1 
ATOM   216  C  CA  . LEU A 1 29  ? 6.477   -2.744  -7.949  1.00 28.03 ? 122  LEU A CA  1 
ATOM   217  C  C   . LEU A 1 29  ? 7.896   -2.282  -7.738  1.00 28.24 ? 122  LEU A C   1 
ATOM   218  O  O   . LEU A 1 29  ? 8.427   -1.567  -8.551  1.00 29.54 ? 122  LEU A O   1 
ATOM   219  C  CB  . LEU A 1 29  ? 6.461   -3.731  -9.138  1.00 28.10 ? 122  LEU A CB  1 
ATOM   220  C  CG  . LEU A 1 29  ? 7.201   -5.032  -8.821  1.00 30.80 ? 122  LEU A CG  1 
ATOM   221  C  CD1 . LEU A 1 29  ? 6.415   -5.841  -7.832  1.00 31.20 ? 122  LEU A CD1 1 
ATOM   222  C  CD2 . LEU A 1 29  ? 7.448   -5.866  -10.090 1.00 32.78 ? 122  LEU A CD2 1 
ATOM   223  N  N   . GLY A 1 30  ? 8.519   -2.675  -6.640  1.00 29.63 ? 123  GLY A N   1 
ATOM   224  C  CA  . GLY A 1 30  ? 9.930   -2.408  -6.432  1.00 29.95 ? 123  GLY A CA  1 
ATOM   225  C  C   . GLY A 1 30  ? 10.305  -1.057  -5.872  1.00 30.68 ? 123  GLY A C   1 
ATOM   226  O  O   . GLY A 1 30  ? 11.481  -0.778  -5.719  1.00 30.88 ? 123  GLY A O   1 
ATOM   227  N  N   . ARG A 1 31  ? 9.324   -0.196  -5.603  1.00 29.93 ? 124  ARG A N   1 
ATOM   228  C  CA  . ARG A 1 31  ? 9.600   1.113   -5.032  1.00 29.93 ? 124  ARG A CA  1 
ATOM   229  C  C   . ARG A 1 31  ? 9.644   0.996   -3.514  1.00 29.58 ? 124  ARG A C   1 
ATOM   230  O  O   . ARG A 1 31  ? 9.169   0.029   -2.961  1.00 29.87 ? 124  ARG A O   1 
ATOM   231  C  CB  . ARG A 1 31  ? 8.547   2.120   -5.527  1.00 29.73 ? 124  ARG A CB  1 
ATOM   232  C  CG  . ARG A 1 31  ? 8.440   2.224   -7.038  1.00 29.55 ? 124  ARG A CG  1 
ATOM   233  C  CD  . ARG A 1 31  ? 7.406   3.221   -7.585  1.00 31.47 ? 124  ARG A CD  1 
ATOM   234  N  NE  . ARG A 1 31  ? 7.412   4.532   -6.929  1.00 30.30 ? 124  ARG A NE  1 
ATOM   235  C  CZ  . ARG A 1 31  ? 6.874   5.631   -7.454  1.00 31.61 ? 124  ARG A CZ  1 
ATOM   236  N  NH1 . ARG A 1 31  ? 6.319   5.588   -8.650  1.00 29.88 ? 124  ARG A NH1 1 
ATOM   237  N  NH2 . ARG A 1 31  ? 6.894   6.784   -6.779  1.00 33.66 ? 124  ARG A NH2 1 
ATOM   238  N  N   . SER A 1 32  ? 10.231  1.975   -2.844  1.00 29.55 ? 125  SER A N   1 
ATOM   239  C  CA  . SER A 1 32  ? 10.509  1.890   -1.404  1.00 29.81 ? 125  SER A CA  1 
ATOM   240  C  C   . SER A 1 32  ? 9.259   1.911   -0.505  1.00 28.92 ? 125  SER A C   1 
ATOM   241  O  O   . SER A 1 32  ? 8.918   0.914   0.129   1.00 28.59 ? 125  SER A O   1 
ATOM   242  C  CB  . SER A 1 32  ? 11.459  2.997   -0.956  1.00 30.33 ? 125  SER A CB  1 
ATOM   243  O  OG  . SER A 1 32  ? 12.738  2.816   -1.532  1.00 35.05 ? 125  SER A OG  1 
ATOM   244  N  N   . ALA A 1 33  ? 8.595   3.057   -0.426  1.00 27.94 ? 126  ALA A N   1 
ATOM   245  C  CA  . ALA A 1 33  ? 7.440   3.147   0.483   1.00 26.88 ? 126  ALA A CA  1 
ATOM   246  C  C   . ALA A 1 33  ? 6.269   2.299   0.032   1.00 25.54 ? 126  ALA A C   1 
ATOM   247  O  O   . ALA A 1 33  ? 5.521   1.762   0.839   1.00 25.88 ? 126  ALA A O   1 
ATOM   248  C  CB  . ALA A 1 33  ? 7.003   4.586   0.639   1.00 27.08 ? 126  ALA A CB  1 
ATOM   249  N  N   . GLY A 1 34  ? 6.131   2.148   -1.273  1.00 24.79 ? 127  GLY A N   1 
ATOM   250  C  CA  . GLY A 1 34  ? 5.008   1.477   -1.840  1.00 24.62 ? 127  GLY A CA  1 
ATOM   251  C  C   . GLY A 1 34  ? 5.109   -0.019  -1.927  1.00 25.10 ? 127  GLY A C   1 
ATOM   252  O  O   . GLY A 1 34  ? 4.100   -0.660  -2.126  1.00 24.04 ? 127  GLY A O   1 
ATOM   253  N  N   . TRP A 1 35  ? 6.313   -0.566  -1.779  1.00 26.09 ? 128  TRP A N   1 
ATOM   254  C  CA  . TRP A 1 35  ? 6.485   -2.010  -1.933  1.00 27.03 ? 128  TRP A CA  1 
ATOM   255  C  C   . TRP A 1 35  ? 7.548   -2.596  -1.026  1.00 27.82 ? 128  TRP A C   1 
ATOM   256  O  O   . TRP A 1 35  ? 7.237   -3.439  -0.188  1.00 27.93 ? 128  TRP A O   1 
ATOM   257  C  CB  . TRP A 1 35  ? 6.826   -2.326  -3.387  1.00 27.71 ? 128  TRP A CB  1 
ATOM   258  C  CG  . TRP A 1 35  ? 6.964   -3.792  -3.678  1.00 27.76 ? 128  TRP A CG  1 
ATOM   259  C  CD1 . TRP A 1 35  ? 8.117   -4.521  -3.710  1.00 28.65 ? 128  TRP A CD1 1 
ATOM   260  C  CD2 . TRP A 1 35  ? 5.902   -4.709  -3.955  1.00 27.06 ? 128  TRP A CD2 1 
ATOM   261  N  NE1 . TRP A 1 35  ? 7.842   -5.830  -4.025  1.00 28.34 ? 128  TRP A NE1 1 
ATOM   262  C  CE2 . TRP A 1 35  ? 6.487   -5.980  -4.169  1.00 28.47 ? 128  TRP A CE2 1 
ATOM   263  C  CE3 . TRP A 1 35  ? 4.519   -4.593  -4.049  1.00 26.30 ? 128  TRP A CE3 1 
ATOM   264  C  CZ2 . TRP A 1 35  ? 5.736   -7.103  -4.460  1.00 27.81 ? 128  TRP A CZ2 1 
ATOM   265  C  CZ3 . TRP A 1 35  ? 3.769   -5.723  -4.349  1.00 28.24 ? 128  TRP A CZ3 1 
ATOM   266  C  CH2 . TRP A 1 35  ? 4.382   -6.959  -4.553  1.00 27.41 ? 128  TRP A CH2 1 
ATOM   267  N  N   . ASN A 1 36  ? 8.802   -2.159  -1.170  1.00 28.72 ? 129  ASN A N   1 
ATOM   268  C  CA  . ASN A 1 36  ? 9.888   -2.782  -0.389  1.00 29.50 ? 129  ASN A CA  1 
ATOM   269  C  C   . ASN A 1 36  ? 9.679   -2.737  1.114   1.00 29.68 ? 129  ASN A C   1 
ATOM   270  O  O   . ASN A 1 36  ? 9.901   -3.739  1.813   1.00 29.02 ? 129  ASN A O   1 
ATOM   271  C  CB  . ASN A 1 36  ? 11.264  -2.178  -0.714  1.00 29.85 ? 129  ASN A CB  1 
ATOM   272  C  CG  . ASN A 1 36  ? 11.696  -2.436  -2.143  1.00 31.45 ? 129  ASN A CG  1 
ATOM   273  O  OD1 . ASN A 1 36  ? 11.099  -3.245  -2.847  1.00 34.18 ? 129  ASN A OD1 1 
ATOM   274  N  ND2 . ASN A 1 36  ? 12.731  -1.721  -2.593  1.00 35.49 ? 129  ASN A ND2 1 
ATOM   275  N  N   . ILE A 1 37  ? 9.251   -1.584  1.622   1.00 29.22 ? 130  ILE A N   1 
ATOM   276  C  CA  . ILE A 1 37  ? 9.048   -1.454  3.049   1.00 29.29 ? 130  ILE A CA  1 
ATOM   277  C  C   . ILE A 1 37  ? 7.829   -2.238  3.558   1.00 29.13 ? 130  ILE A C   1 
ATOM   278  O  O   . ILE A 1 37  ? 7.963   -3.023  4.491   1.00 29.22 ? 130  ILE A O   1 
ATOM   279  C  CB  . ILE A 1 37  ? 8.994   0.021   3.449   1.00 29.59 ? 130  ILE A CB  1 
ATOM   280  C  CG1 . ILE A 1 37  ? 10.389  0.640   3.330   1.00 32.02 ? 130  ILE A CG1 1 
ATOM   281  C  CG2 . ILE A 1 37  ? 8.501   0.172   4.866   1.00 29.00 ? 130  ILE A CG2 1 
ATOM   282  C  CD1 . ILE A 1 37  ? 10.386  2.025   2.814   1.00 33.90 ? 130  ILE A CD1 1 
ATOM   283  N  N   . PRO A 1 38  ? 6.631   -2.019  3.022   1.00 29.41 ? 131  PRO A N   1 
ATOM   284  C  CA  . PRO A 1 38  ? 5.470   -2.753  3.538   1.00 29.01 ? 131  PRO A CA  1 
ATOM   285  C  C   . PRO A 1 38  ? 5.546   -4.268  3.327   1.00 29.79 ? 131  PRO A C   1 
ATOM   286  O  O   . PRO A 1 38  ? 5.231   -5.037  4.225   1.00 27.66 ? 131  PRO A O   1 
ATOM   287  C  CB  . PRO A 1 38  ? 4.309   -2.122  2.788   1.00 29.26 ? 131  PRO A CB  1 
ATOM   288  C  CG  . PRO A 1 38  ? 4.931   -1.559  1.578   1.00 29.08 ? 131  PRO A CG  1 
ATOM   289  C  CD  . PRO A 1 38  ? 6.230   -1.027  2.004   1.00 29.15 ? 131  PRO A CD  1 
ATOM   290  N  N   . ILE A 1 39  ? 5.977   -4.699  2.151   1.00 30.53 ? 132  ILE A N   1 
ATOM   291  C  CA  . ILE A 1 39  ? 5.995   -6.129  1.879   1.00 31.56 ? 132  ILE A CA  1 
ATOM   292  C  C   . ILE A 1 39  ? 7.043   -6.810  2.755   1.00 32.48 ? 132  ILE A C   1 
ATOM   293  O  O   . ILE A 1 39  ? 6.767   -7.843  3.368   1.00 32.86 ? 132  ILE A O   1 
ATOM   294  C  CB  . ILE A 1 39  ? 6.214   -6.408  0.400   1.00 31.29 ? 132  ILE A CB  1 
ATOM   295  C  CG1 . ILE A 1 39  ? 5.037   -5.881  -0.425  1.00 31.54 ? 132  ILE A CG1 1 
ATOM   296  C  CG2 . ILE A 1 39  ? 6.350   -7.924  0.183   1.00 32.39 ? 132  ILE A CG2 1 
ATOM   297  C  CD1 . ILE A 1 39  ? 3.672   -6.106  0.206   1.00 31.59 ? 132  ILE A CD1 1 
ATOM   298  N  N   . GLY A 1 40  ? 8.211   -6.188  2.865   1.00 33.37 ? 133  GLY A N   1 
ATOM   299  C  CA  . GLY A 1 40  ? 9.269   -6.684  3.727   1.00 34.27 ? 133  GLY A CA  1 
ATOM   300  C  C   . GLY A 1 40  ? 8.862   -6.719  5.191   1.00 34.89 ? 133  GLY A C   1 
ATOM   301  O  O   . GLY A 1 40  ? 9.206   -7.649  5.932   1.00 34.90 ? 133  GLY A O   1 
ATOM   302  N  N   . THR A 1 41  ? 8.125   -5.694  5.611   1.00 34.56 ? 134  THR A N   1 
ATOM   303  C  CA  . THR A 1 41  ? 7.628   -5.623  6.974   1.00 34.65 ? 134  THR A CA  1 
ATOM   304  C  C   . THR A 1 41  ? 6.666   -6.776  7.222   1.00 35.01 ? 134  THR A C   1 
ATOM   305  O  O   . THR A 1 41  ? 6.724   -7.434  8.267   1.00 35.16 ? 134  THR A O   1 
ATOM   306  C  CB  . THR A 1 41  ? 6.902   -4.275  7.197   1.00 34.60 ? 134  THR A CB  1 
ATOM   307  O  OG1 . THR A 1 41  ? 7.858   -3.207  7.216   1.00 33.52 ? 134  THR A OG1 1 
ATOM   308  C  CG2 . THR A 1 41  ? 6.214   -4.224  8.571   1.00 35.37 ? 134  THR A CG2 1 
ATOM   309  N  N   . LEU A 1 42  ? 5.798   -7.037  6.256   1.00 35.13 ? 135  LEU A N   1 
ATOM   310  C  CA  . LEU A 1 42  ? 4.809   -8.093  6.411   1.00 35.93 ? 135  LEU A CA  1 
ATOM   311  C  C   . LEU A 1 42  ? 5.456   -9.480  6.368   1.00 37.43 ? 135  LEU A C   1 
ATOM   312  O  O   . LEU A 1 42  ? 5.003   -10.403 7.065   1.00 36.97 ? 135  LEU A O   1 
ATOM   313  C  CB  . LEU A 1 42  ? 3.697   -7.950  5.379   1.00 35.51 ? 135  LEU A CB  1 
ATOM   314  C  CG  . LEU A 1 42  ? 2.767   -6.746  5.628   1.00 34.57 ? 135  LEU A CG  1 
ATOM   315  C  CD1 . LEU A 1 42  ? 1.839   -6.514  4.440   1.00 35.14 ? 135  LEU A CD1 1 
ATOM   316  C  CD2 . LEU A 1 42  ? 1.944   -6.927  6.886   1.00 34.58 ? 135  LEU A CD2 1 
ATOM   317  N  N   . ILE A 1 43  ? 6.499   -9.616  5.555   1.00 39.06 ? 136  ILE A N   1 
ATOM   318  C  CA  . ILE A 1 43  ? 7.253   -10.880 5.455   1.00 40.95 ? 136  ILE A CA  1 
ATOM   319  C  C   . ILE A 1 43  ? 7.985   -11.192 6.751   1.00 42.47 ? 136  ILE A C   1 
ATOM   320  O  O   . ILE A 1 43  ? 8.199   -12.348 7.090   1.00 43.70 ? 136  ILE A O   1 
ATOM   321  C  CB  . ILE A 1 43  ? 8.280   -10.826 4.304   1.00 40.77 ? 136  ILE A CB  1 
ATOM   322  C  CG1 . ILE A 1 43  ? 7.592   -11.102 2.971   1.00 40.33 ? 136  ILE A CG1 1 
ATOM   323  C  CG2 . ILE A 1 43  ? 9.398   -11.856 4.532   1.00 41.87 ? 136  ILE A CG2 1 
ATOM   324  C  CD1 . ILE A 1 43  ? 8.503   -10.976 1.774   1.00 41.38 ? 136  ILE A CD1 1 
ATOM   325  N  N   . HIS A 1 44  ? 8.320   -10.157 7.501   1.00 44.20 ? 137  HIS A N   1 
ATOM   326  C  CA  . HIS A 1 44  ? 9.108   -10.312 8.701   1.00 45.58 ? 137  HIS A CA  1 
ATOM   327  C  C   . HIS A 1 44  ? 8.234   -10.475 9.941   1.00 45.69 ? 137  HIS A C   1 
ATOM   328  O  O   . HIS A 1 44  ? 8.689   -11.009 10.954  1.00 45.98 ? 137  HIS A O   1 
ATOM   329  C  CB  . HIS A 1 44  ? 10.072  -9.139  8.787   1.00 46.04 ? 137  HIS A CB  1 
ATOM   330  C  CG  . HIS A 1 44  ? 10.660  -8.918  10.138  1.00 49.50 ? 137  HIS A CG  1 
ATOM   331  N  ND1 . HIS A 1 44  ? 10.492  -7.734  10.824  1.00 53.49 ? 137  HIS A ND1 1 
ATOM   332  C  CD2 . HIS A 1 44  ? 11.458  -9.695  10.911  1.00 52.54 ? 137  HIS A CD2 1 
ATOM   333  C  CE1 . HIS A 1 44  ? 11.141  -7.800  11.973  1.00 54.72 ? 137  HIS A CE1 1 
ATOM   334  N  NE2 . HIS A 1 44  ? 11.740  -8.977  12.050  1.00 53.43 ? 137  HIS A NE2 1 
ATOM   335  N  N   . ARG A 1 45  ? 6.976   -10.048 9.870   1.00 45.42 ? 138  ARG A N   1 
ATOM   336  C  CA  . ARG A 1 45  ? 6.069   -10.311 10.982  1.00 45.77 ? 138  ARG A CA  1 
ATOM   337  C  C   . ARG A 1 45  ? 5.553   -11.736 10.838  1.00 45.88 ? 138  ARG A C   1 
ATOM   338  O  O   . ARG A 1 45  ? 4.972   -12.286 11.763  1.00 45.92 ? 138  ARG A O   1 
ATOM   339  C  CB  . ARG A 1 45  ? 4.859   -9.362  11.029  1.00 45.85 ? 138  ARG A CB  1 
ATOM   340  C  CG  . ARG A 1 45  ? 5.025   -7.983  10.427  1.00 45.47 ? 138  ARG A CG  1 
ATOM   341  C  CD  . ARG A 1 45  ? 3.869   -7.031  10.754  1.00 44.26 ? 138  ARG A CD  1 
ATOM   342  N  NE  . ARG A 1 45  ? 2.627   -7.747  11.050  1.00 43.37 ? 138  ARG A NE  1 
ATOM   343  C  CZ  . ARG A 1 45  ? 1.975   -7.686  12.204  1.00 43.78 ? 138  ARG A CZ  1 
ATOM   344  N  NH1 . ARG A 1 45  ? 2.426   -6.926  13.191  1.00 43.79 ? 138  ARG A NH1 1 
ATOM   345  N  NH2 . ARG A 1 45  ? 0.872   -8.400  12.377  1.00 44.56 ? 138  ARG A NH2 1 
ATOM   346  N  N   . GLY A 1 46  ? 5.742   -12.311 9.654   1.00 46.57 ? 139  GLY A N   1 
ATOM   347  C  CA  . GLY A 1 46  ? 5.274   -13.651 9.349   1.00 46.82 ? 139  GLY A CA  1 
ATOM   348  C  C   . GLY A 1 46  ? 3.888   -13.709 8.728   1.00 47.22 ? 139  GLY A C   1 
ATOM   349  O  O   . GLY A 1 46  ? 3.320   -14.794 8.595   1.00 47.07 ? 139  GLY A O   1 
ATOM   350  N  N   . ASP A 1 47  ? 3.339   -12.556 8.346   1.00 47.48 ? 140  ASP A N   1 
ATOM   351  C  CA  . ASP A 1 47  ? 2.003   -12.506 7.756   1.00 48.11 ? 140  ASP A CA  1 
ATOM   352  C  C   . ASP A 1 47  ? 1.994   -12.968 6.306   1.00 49.15 ? 140  ASP A C   1 
ATOM   353  O  O   . ASP A 1 47  ? 1.025   -13.570 5.859   1.00 48.37 ? 140  ASP A O   1 
ATOM   354  C  CB  . ASP A 1 47  ? 1.421   -11.097 7.849   1.00 47.96 ? 140  ASP A CB  1 
ATOM   355  C  CG  . ASP A 1 47  ? 1.196   -10.660 9.271   1.00 47.49 ? 140  ASP A CG  1 
ATOM   356  O  OD1 . ASP A 1 47  ? 1.083   -11.531 10.156  1.00 47.91 ? 140  ASP A OD1 1 
ATOM   357  O  OD2 . ASP A 1 47  ? 1.116   -9.471  9.599   1.00 47.36 ? 140  ASP A OD2 1 
ATOM   358  N  N   . ILE A 1 48  ? 3.064   -12.670 5.570   1.00 51.05 ? 141  ILE A N   1 
ATOM   359  C  CA  . ILE A 1 48  ? 3.175   -13.105 4.182   1.00 53.11 ? 141  ILE A CA  1 
ATOM   360  C  C   . ILE A 1 48  ? 4.220   -14.190 4.109   1.00 55.59 ? 141  ILE A C   1 
ATOM   361  O  O   . ILE A 1 48  ? 5.416   -13.938 4.298   1.00 55.46 ? 141  ILE A O   1 
ATOM   362  C  CB  . ILE A 1 48  ? 3.549   -11.959 3.229   1.00 52.85 ? 141  ILE A CB  1 
ATOM   363  C  CG1 . ILE A 1 48  ? 2.444   -10.904 3.221   1.00 51.48 ? 141  ILE A CG1 1 
ATOM   364  C  CG2 . ILE A 1 48  ? 3.754   -12.512 1.808   1.00 53.03 ? 141  ILE A CG2 1 
ATOM   365  C  CD1 . ILE A 1 48  ? 2.778   -9.676  2.410   1.00 50.76 ? 141  ILE A CD1 1 
ATOM   366  N  N   . GLU A 1 49  ? 3.769   -15.400 3.828   1.00 58.84 ? 142  GLU A N   1 
ATOM   367  C  CA  . GLU A 1 49  ? 4.688   -16.513 3.835   1.00 61.82 ? 142  GLU A CA  1 
ATOM   368  C  C   . GLU A 1 49  ? 5.472   -16.650 2.573   1.00 63.87 ? 142  GLU A C   1 
ATOM   369  O  O   . GLU A 1 49  ? 4.993   -17.026 1.503   1.00 64.18 ? 142  GLU A O   1 
ATOM   370  C  CB  . GLU A 1 49  ? 4.000   -17.810 4.211   1.00 62.28 ? 142  GLU A CB  1 
ATOM   371  C  CG  . GLU A 1 49  ? 3.326   -17.691 5.562   1.00 63.78 ? 142  GLU A CG  1 
ATOM   372  C  CD  . GLU A 1 49  ? 2.514   -18.916 5.915   1.00 66.08 ? 142  GLU A CD  1 
ATOM   373  O  OE1 . GLU A 1 49  ? 3.018   -19.748 6.698   1.00 67.69 ? 142  GLU A OE1 1 
ATOM   374  O  OE2 . GLU A 1 49  ? 1.377   -19.045 5.406   1.00 67.59 ? 142  GLU A OE2 1 
ATOM   375  N  N   . TRP A 1 50  ? 6.715   -16.286 2.763   1.00 66.57 ? 143  TRP A N   1 
ATOM   376  C  CA  . TRP A 1 50  ? 7.731   -16.423 1.785   1.00 68.89 ? 143  TRP A CA  1 
ATOM   377  C  C   . TRP A 1 50  ? 8.887   -16.744 2.683   1.00 70.80 ? 143  TRP A C   1 
ATOM   378  O  O   . TRP A 1 50  ? 9.092   -16.096 3.713   1.00 70.90 ? 143  TRP A O   1 
ATOM   379  C  CB  . TRP A 1 50  ? 7.962   -15.124 1.052   1.00 69.00 ? 143  TRP A CB  1 
ATOM   380  C  CG  . TRP A 1 50  ? 8.802   -15.300 -0.136  1.00 69.94 ? 143  TRP A CG  1 
ATOM   381  C  CD1 . TRP A 1 50  ? 8.519   -16.067 -1.228  1.00 71.10 ? 143  TRP A CD1 1 
ATOM   382  C  CD2 . TRP A 1 50  ? 10.079  -14.715 -0.375  1.00 70.75 ? 143  TRP A CD2 1 
ATOM   383  N  NE1 . TRP A 1 50  ? 9.544   -15.984 -2.139  1.00 71.62 ? 143  TRP A NE1 1 
ATOM   384  C  CE2 . TRP A 1 50  ? 10.513  -15.158 -1.636  1.00 71.20 ? 143  TRP A CE2 1 
ATOM   385  C  CE3 . TRP A 1 50  ? 10.904  -13.853 0.351   1.00 71.59 ? 143  TRP A CE3 1 
ATOM   386  C  CZ2 . TRP A 1 50  ? 11.727  -14.775 -2.183  1.00 71.80 ? 143  TRP A CZ2 1 
ATOM   387  C  CZ3 . TRP A 1 50  ? 12.106  -13.473 -0.196  1.00 72.09 ? 143  TRP A CZ3 1 
ATOM   388  C  CH2 . TRP A 1 50  ? 12.509  -13.932 -1.452  1.00 72.08 ? 143  TRP A CH2 1 
ATOM   389  N  N   . GLU A 1 51  ? 9.606   -17.787 2.322   1.00 73.21 ? 144  GLU A N   1 
ATOM   390  C  CA  . GLU A 1 51  ? 10.731  -18.228 3.111   1.00 75.02 ? 144  GLU A CA  1 
ATOM   391  C  C   . GLU A 1 51  ? 12.009  -17.997 2.293   1.00 75.95 ? 144  GLU A C   1 
ATOM   392  O  O   . GLU A 1 51  ? 13.094  -17.853 2.861   1.00 76.36 ? 144  GLU A O   1 
ATOM   393  C  CB  . GLU A 1 51  ? 10.519  -19.698 3.505   1.00 75.47 ? 144  GLU A CB  1 
ATOM   394  C  CG  . GLU A 1 51  ? 9.053   -20.063 3.791   1.00 77.20 ? 144  GLU A CG  1 
ATOM   395  C  CD  . GLU A 1 51  ? 8.533   -19.532 5.121   1.00 79.24 ? 144  GLU A CD  1 
ATOM   396  O  OE1 . GLU A 1 51  ? 9.110   -19.887 6.175   1.00 80.28 ? 144  GLU A OE1 1 
ATOM   397  O  OE2 . GLU A 1 51  ? 7.534   -18.774 5.119   1.00 80.84 ? 144  GLU A OE2 1 
ATOM   398  N  N   . GLY A 1 52  ? 11.855  -17.914 0.967   1.00 77.01 ? 145  GLY A N   1 
ATOM   399  C  CA  . GLY A 1 52  ? 12.959  -17.709 0.035   1.00 77.67 ? 145  GLY A CA  1 
ATOM   400  C  C   . GLY A 1 52  ? 12.477  -17.837 -1.410  1.00 78.36 ? 145  GLY A C   1 
ATOM   401  O  O   . GLY A 1 52  ? 11.346  -18.265 -1.661  1.00 78.64 ? 145  GLY A O   1 
ATOM   402  N  N   . ILE A 1 53  ? 13.344  -17.510 -2.367  1.00 78.93 ? 146  ILE A N   1 
ATOM   403  C  CA  . ILE A 1 53  ? 12.956  -17.419 -3.791  1.00 79.37 ? 146  ILE A CA  1 
ATOM   404  C  C   . ILE A 1 53  ? 12.643  -18.673 -4.622  1.00 79.04 ? 146  ILE A C   1 
ATOM   405  O  O   . ILE A 1 53  ? 12.372  -18.516 -5.811  1.00 79.12 ? 146  ILE A O   1 
ATOM   406  C  CB  . ILE A 1 53  ? 14.090  -16.710 -4.606  1.00 79.70 ? 146  ILE A CB  1 
ATOM   407  C  CG1 . ILE A 1 53  ? 15.283  -17.667 -4.770  1.00 80.46 ? 146  ILE A CG1 1 
ATOM   408  C  CG2 . ILE A 1 53  ? 14.516  -15.382 -3.970  1.00 80.08 ? 146  ILE A CG2 1 
ATOM   409  C  CD1 . ILE A 1 53  ? 16.332  -17.198 -5.762  1.00 81.37 ? 146  ILE A CD1 1 
ATOM   410  N  N   . GLU A 1 54  ? 12.639  -19.887 -4.072  1.00 78.56 ? 147  GLU A N   1 
ATOM   411  C  CA  . GLU A 1 54  ? 12.618  -21.059 -4.975  1.00 78.00 ? 147  GLU A CA  1 
ATOM   412  C  C   . GLU A 1 54  ? 11.535  -20.938 -6.084  1.00 76.62 ? 147  GLU A C   1 
ATOM   413  O  O   . GLU A 1 54  ? 10.346  -21.189 -5.834  1.00 76.83 ? 147  GLU A O   1 
ATOM   414  C  CB  . GLU A 1 54  ? 12.553  -22.382 -4.193  1.00 78.39 ? 147  GLU A CB  1 
ATOM   415  C  CG  . GLU A 1 54  ? 13.749  -22.586 -3.261  1.00 79.96 ? 147  GLU A CG  1 
ATOM   416  C  CD  . GLU A 1 54  ? 13.718  -23.918 -2.537  1.00 82.03 ? 147  GLU A CD  1 
ATOM   417  O  OE1 . GLU A 1 54  ? 12.779  -24.705 -2.779  1.00 83.64 ? 147  GLU A OE1 1 
ATOM   418  O  OE2 . GLU A 1 54  ? 14.636  -24.178 -1.723  1.00 83.81 ? 147  GLU A OE2 1 
ATOM   419  N  N   . SER A 1 55  ? 11.984  -20.587 -7.306  1.00 74.67 ? 148  SER A N   1 
ATOM   420  C  CA  . SER A 1 55  ? 11.120  -20.148 -8.426  1.00 72.91 ? 148  SER A CA  1 
ATOM   421  C  C   . SER A 1 55  ? 10.285  -19.036 -7.830  1.00 70.90 ? 148  SER A C   1 
ATOM   422  O  O   . SER A 1 55  ? 9.675   -18.204 -8.515  1.00 70.91 ? 148  SER A O   1 
ATOM   423  C  CB  . SER A 1 55  ? 10.222  -21.265 -8.974  1.00 73.00 ? 148  SER A CB  1 
ATOM   424  O  OG  . SER A 1 55  ? 10.987  -22.313 -9.543  1.00 73.23 ? 148  SER A OG  1 
ATOM   425  N  N   . GLY A 1 56  ? 10.328  -19.067 -6.504  1.00 68.26 ? 149  GLY A N   1 
ATOM   426  C  CA  . GLY A 1 56  ? 9.605   -18.214 -5.606  1.00 66.10 ? 149  GLY A CA  1 
ATOM   427  C  C   . GLY A 1 56  ? 9.512   -16.800 -6.060  1.00 63.83 ? 149  GLY A C   1 
ATOM   428  O  O   . GLY A 1 56  ? 10.509  -16.134 -6.349  1.00 64.17 ? 149  GLY A O   1 
ATOM   429  N  N   . SER A 1 57  ? 8.280   -16.347 -6.130  1.00 60.80 ? 150  SER A N   1 
ATOM   430  C  CA  . SER A 1 57  ? 8.035   -14.972 -6.462  1.00 58.44 ? 150  SER A CA  1 
ATOM   431  C  C   . SER A 1 57  ? 7.399   -14.292 -5.264  1.00 55.77 ? 150  SER A C   1 
ATOM   432  O  O   . SER A 1 57  ? 6.524   -14.850 -4.602  1.00 54.96 ? 150  SER A O   1 
ATOM   433  C  CB  . SER A 1 57  ? 7.115   -14.879 -7.665  1.00 58.39 ? 150  SER A CB  1 
ATOM   434  O  OG  . SER A 1 57  ? 7.390   -13.700 -8.394  1.00 59.41 ? 150  SER A OG  1 
ATOM   435  N  N   . VAL A 1 58  ? 7.846   -13.078 -4.996  1.00 52.92 ? 151  VAL A N   1 
ATOM   436  C  CA  . VAL A 1 58  ? 7.272   -12.291 -3.926  1.00 50.52 ? 151  VAL A CA  1 
ATOM   437  C  C   . VAL A 1 58  ? 5.866   -11.911 -4.370  1.00 48.21 ? 151  VAL A C   1 
ATOM   438  O  O   . VAL A 1 58  ? 4.930   -11.896 -3.575  1.00 47.45 ? 151  VAL A O   1 
ATOM   439  C  CB  . VAL A 1 58  ? 8.124   -11.067 -3.648  1.00 50.55 ? 151  VAL A CB  1 
ATOM   440  C  CG1 . VAL A 1 58  ? 7.491   -10.211 -2.569  1.00 50.86 ? 151  VAL A CG1 1 
ATOM   441  C  CG2 . VAL A 1 58  ? 9.520   -11.502 -3.225  1.00 50.58 ? 151  VAL A CG2 1 
ATOM   442  N  N   . GLU A 1 59  ? 5.727   -11.644 -5.663  1.00 45.65 ? 152  GLU A N   1 
ATOM   443  C  CA  . GLU A 1 59  ? 4.438   -11.316 -6.262  1.00 44.15 ? 152  GLU A CA  1 
ATOM   444  C  C   . GLU A 1 59  ? 3.404   -12.382 -5.975  1.00 43.12 ? 152  GLU A C   1 
ATOM   445  O  O   . GLU A 1 59  ? 2.243   -12.072 -5.695  1.00 41.90 ? 152  GLU A O   1 
ATOM   446  C  CB  . GLU A 1 59  ? 4.563   -11.178 -7.787  1.00 43.90 ? 152  GLU A CB  1 
ATOM   447  C  CG  . GLU A 1 59  ? 4.798   -9.770  -8.294  1.00 43.25 ? 152  GLU A CG  1 
ATOM   448  C  CD  . GLU A 1 59  ? 4.727   -9.665  -9.813  1.00 41.25 ? 152  GLU A CD  1 
ATOM   449  O  OE1 . GLU A 1 59  ? 3.682   -9.992  -10.409 1.00 40.02 ? 152  GLU A OE1 1 
ATOM   450  O  OE2 . GLU A 1 59  ? 5.721   -9.224  -10.415 1.00 43.19 ? 152  GLU A OE2 1 
ATOM   451  N  N   . GLN A 1 60  ? 3.814   -13.647 -6.081  1.00 41.75 ? 153  GLN A N   1 
ATOM   452  C  CA  . GLN A 1 60  ? 2.891   -14.737 -5.846  1.00 41.53 ? 153  GLN A CA  1 
ATOM   453  C  C   . GLN A 1 60  ? 2.484   -14.716 -4.390  1.00 39.27 ? 153  GLN A C   1 
ATOM   454  O  O   . GLN A 1 60  ? 1.319   -14.856 -4.072  1.00 39.24 ? 153  GLN A O   1 
ATOM   455  C  CB  . GLN A 1 60  ? 3.518   -16.093 -6.210  1.00 41.94 ? 153  GLN A CB  1 
ATOM   456  C  CG  . GLN A 1 60  ? 2.564   -17.028 -6.944  1.00 45.99 ? 153  GLN A CG  1 
ATOM   457  C  CD  . GLN A 1 60  ? 3.285   -17.898 -7.977  1.00 49.96 ? 153  GLN A CD  1 
ATOM   458  O  OE1 . GLN A 1 60  ? 2.793   -18.087 -9.098  1.00 53.90 ? 153  GLN A OE1 1 
ATOM   459  N  NE2 . GLN A 1 60  ? 4.467   -18.400 -7.610  1.00 52.11 ? 153  GLN A NE2 1 
ATOM   460  N  N   . ALA A 1 61  ? 3.448   -14.496 -3.512  1.00 37.39 ? 154  ALA A N   1 
ATOM   461  C  CA  . ALA A 1 61  ? 3.183   -14.511 -2.080  1.00 36.68 ? 154  ALA A CA  1 
ATOM   462  C  C   . ALA A 1 61  ? 2.254   -13.379 -1.661  1.00 35.94 ? 154  ALA A C   1 
ATOM   463  O  O   . ALA A 1 61  ? 1.425   -13.535 -0.776  1.00 35.46 ? 154  ALA A O   1 
ATOM   464  C  CB  . ALA A 1 61  ? 4.481   -14.411 -1.328  1.00 36.78 ? 154  ALA A CB  1 
ATOM   465  N  N   . VAL A 1 62  ? 2.377   -12.238 -2.327  1.00 35.25 ? 155  VAL A N   1 
ATOM   466  C  CA  . VAL A 1 62  ? 1.582   -11.078 -1.982  1.00 33.72 ? 155  VAL A CA  1 
ATOM   467  C  C   . VAL A 1 62  ? 0.185   -11.255 -2.503  1.00 33.57 ? 155  VAL A C   1 
ATOM   468  O  O   . VAL A 1 62  ? -0.790  -10.915 -1.828  1.00 32.82 ? 155  VAL A O   1 
ATOM   469  C  CB  . VAL A 1 62  ? 2.237   -9.801  -2.547  1.00 33.99 ? 155  VAL A CB  1 
ATOM   470  C  CG1 . VAL A 1 62  ? 1.311   -8.594  -2.445  1.00 32.57 ? 155  VAL A CG1 1 
ATOM   471  C  CG2 . VAL A 1 62  ? 3.520   -9.551  -1.833  1.00 32.39 ? 155  VAL A CG2 1 
ATOM   472  N  N   . ALA A 1 63  ? 0.069   -11.828 -3.695  1.00 33.18 ? 156  ALA A N   1 
ATOM   473  C  CA  . ALA A 1 63  ? -1.225  -12.041 -4.311  1.00 33.43 ? 156  ALA A CA  1 
ATOM   474  C  C   . ALA A 1 63  ? -2.052  -13.027 -3.510  1.00 33.73 ? 156  ALA A C   1 
ATOM   475  O  O   . ALA A 1 63  ? -3.263  -13.093 -3.642  1.00 33.73 ? 156  ALA A O   1 
ATOM   476  C  CB  . ALA A 1 63  ? -1.049  -12.536 -5.728  1.00 33.66 ? 156  ALA A CB  1 
ATOM   477  N  N   . LYS A 1 64  ? -1.385  -13.831 -2.700  1.00 34.82 ? 157  LYS A N   1 
ATOM   478  C  CA  . LYS A 1 64  ? -2.094  -14.773 -1.864  1.00 35.88 ? 157  LYS A CA  1 
ATOM   479  C  C   . LYS A 1 64  ? -2.588  -14.105 -0.574  1.00 35.49 ? 157  LYS A C   1 
ATOM   480  O  O   . LYS A 1 64  ? -3.528  -14.591 0.049   1.00 36.64 ? 157  LYS A O   1 
ATOM   481  C  CB  . LYS A 1 64  ? -1.185  -15.945 -1.511  1.00 37.25 ? 157  LYS A CB  1 
ATOM   482  C  CG  . LYS A 1 64  ? -0.750  -16.799 -2.710  1.00 40.26 ? 157  LYS A CG  1 
ATOM   483  C  CD  . LYS A 1 64  ? -0.473  -18.229 -2.278  1.00 43.50 ? 157  LYS A CD  1 
ATOM   484  C  CE  . LYS A 1 64  ? 0.687   -18.852 -3.040  1.00 46.07 ? 157  LYS A CE  1 
ATOM   485  N  NZ  . LYS A 1 64  ? 1.016   -20.199 -2.488  1.00 46.70 ? 157  LYS A NZ  1 
ATOM   486  N  N   . PHE A 1 65  ? -1.952  -12.998 -0.187  1.00 33.49 ? 158  PHE A N   1 
ATOM   487  C  CA  . PHE A 1 65  ? -2.242  -12.327 1.093   1.00 31.88 ? 158  PHE A CA  1 
ATOM   488  C  C   . PHE A 1 65  ? -3.361  -11.286 0.949   1.00 30.81 ? 158  PHE A C   1 
ATOM   489  O  O   . PHE A 1 65  ? -4.390  -11.366 1.621   1.00 29.54 ? 158  PHE A O   1 
ATOM   490  C  CB  . PHE A 1 65  ? -0.945  -11.723 1.621   1.00 31.88 ? 158  PHE A CB  1 
ATOM   491  C  CG  . PHE A 1 65  ? -1.091  -11.015 2.925   1.00 32.29 ? 158  PHE A CG  1 
ATOM   492  C  CD1 . PHE A 1 65  ? -1.219  -11.730 4.100   1.00 33.08 ? 158  PHE A CD1 1 
ATOM   493  C  CD2 . PHE A 1 65  ? -1.110  -9.625  2.977   1.00 32.94 ? 158  PHE A CD2 1 
ATOM   494  C  CE1 . PHE A 1 65  ? -1.364  -11.074 5.324   1.00 32.35 ? 158  PHE A CE1 1 
ATOM   495  C  CE2 . PHE A 1 65  ? -1.244  -8.965  4.207   1.00 31.75 ? 158  PHE A CE2 1 
ATOM   496  C  CZ  . PHE A 1 65  ? -1.379  -9.695  5.367   1.00 31.46 ? 158  PHE A CZ  1 
ATOM   497  N  N   . PHE A 1 66  ? -3.193  -10.335 0.040   1.00 29.51 ? 159  PHE A N   1 
ATOM   498  C  CA  . PHE A 1 66  ? -4.254  -9.382  -0.240  1.00 28.96 ? 159  PHE A CA  1 
ATOM   499  C  C   . PHE A 1 66  ? -5.250  -10.030 -1.193  1.00 29.62 ? 159  PHE A C   1 
ATOM   500  O  O   . PHE A 1 66  ? -4.869  -10.849 -2.045  1.00 30.48 ? 159  PHE A O   1 
ATOM   501  C  CB  . PHE A 1 66  ? -3.687  -8.098  -0.872  1.00 28.02 ? 159  PHE A CB  1 
ATOM   502  C  CG  . PHE A 1 66  ? -2.787  -7.336  0.021   1.00 25.34 ? 159  PHE A CG  1 
ATOM   503  C  CD1 . PHE A 1 66  ? -3.267  -6.754  1.176   1.00 24.27 ? 159  PHE A CD1 1 
ATOM   504  C  CD2 . PHE A 1 66  ? -1.466  -7.213  -0.269  1.00 23.17 ? 159  PHE A CD2 1 
ATOM   505  C  CE1 . PHE A 1 66  ? -2.429  -6.048  1.989   1.00 24.24 ? 159  PHE A CE1 1 
ATOM   506  C  CE2 . PHE A 1 66  ? -0.640  -6.535  0.543   1.00 23.22 ? 159  PHE A CE2 1 
ATOM   507  C  CZ  . PHE A 1 66  ? -1.126  -5.939  1.685   1.00 23.48 ? 159  PHE A CZ  1 
ATOM   508  N  N   . SER A 1 67  ? -6.528  -9.682  -1.062  1.00 29.49 ? 160  SER A N   1 
ATOM   509  C  CA  . SER A 1 67  ? -7.521  -10.251 -1.959  1.00 29.52 ? 160  SER A CA  1 
ATOM   510  C  C   . SER A 1 67  ? -7.333  -9.725  -3.378  1.00 28.83 ? 160  SER A C   1 
ATOM   511  O  O   . SER A 1 67  ? -7.593  -10.435 -4.338  1.00 29.10 ? 160  SER A O   1 
ATOM   512  C  CB  . SER A 1 67  ? -8.933  -9.968  -1.497  1.00 30.03 ? 160  SER A CB  1 
ATOM   513  O  OG  . SER A 1 67  ? -9.145  -8.585  -1.322  1.00 32.80 ? 160  SER A OG  1 
ATOM   514  N  N   . ALA A 1 68  ? -6.866  -8.488  -3.506  1.00 26.67 ? 161  ALA A N   1 
ATOM   515  C  CA  . ALA A 1 68  ? -6.645  -7.875  -4.799  1.00 26.07 ? 161  ALA A CA  1 
ATOM   516  C  C   . ALA A 1 68  ? -5.904  -6.586  -4.509  1.00 26.27 ? 161  ALA A C   1 
ATOM   517  O  O   . ALA A 1 68  ? -6.015  -6.036  -3.413  1.00 24.52 ? 161  ALA A O   1 
ATOM   518  C  CB  . ALA A 1 68  ? -7.940  -7.577  -5.474  1.00 26.05 ? 161  ALA A CB  1 
ATOM   519  N  N   . SER A 1 69  ? -5.187  -6.072  -5.494  1.00 25.02 ? 162  SER A N   1 
ATOM   520  C  CA  . SER A 1 69  ? -4.399  -4.876  -5.293  1.00 24.65 ? 162  SER A CA  1 
ATOM   521  C  C   . SER A 1 69  ? -4.219  -4.136  -6.606  1.00 25.43 ? 162  SER A C   1 
ATOM   522  O  O   . SER A 1 69  ? -4.677  -4.588  -7.686  1.00 25.17 ? 162  SER A O   1 
ATOM   523  C  CB  . SER A 1 69  ? -2.993  -5.271  -4.781  1.00 24.87 ? 162  SER A CB  1 
ATOM   524  O  OG  . SER A 1 69  ? -3.036  -6.219  -3.721  1.00 26.84 ? 162  SER A OG  1 
ATOM   525  N  N   . CYS A 1 70  ? -3.562  -2.986  -6.493  1.00 24.71 ? 163  CYS A N   1 
ATOM   526  C  CA  . CYS A 1 70  ? -3.055  -2.267  -7.649  1.00 23.92 ? 163  CYS A CA  1 
ATOM   527  C  C   . CYS A 1 70  ? -1.604  -2.071  -7.375  1.00 24.29 ? 163  CYS A C   1 
ATOM   528  O  O   . CYS A 1 70  ? -1.200  -1.359  -6.408  1.00 22.78 ? 163  CYS A O   1 
ATOM   529  C  CB  . CYS A 1 70  ? -3.737  -0.941  -7.881  1.00 24.81 ? 163  CYS A CB  1 
ATOM   530  S  SG  . CYS A 1 70  ? -3.099  -0.089  -9.340  1.00 24.19 ? 163  CYS A SG  1 
ATOM   531  N  N   . VAL A 1 71  ? -0.789  -2.697  -8.226  1.00 23.49 ? 164  VAL A N   1 
ATOM   532  C  CA  . VAL A 1 71  ? 0.646   -2.644  -8.098  1.00 24.51 ? 164  VAL A CA  1 
ATOM   533  C  C   . VAL A 1 71  ? 1.208   -2.370  -9.504  1.00 26.22 ? 164  VAL A C   1 
ATOM   534  O  O   . VAL A 1 71  ? 1.568   -3.302  -10.246 1.00 25.07 ? 164  VAL A O   1 
ATOM   535  C  CB  . VAL A 1 71  ? 1.222   -3.988  -7.532  1.00 25.17 ? 164  VAL A CB  1 
ATOM   536  C  CG1 . VAL A 1 71  ? 2.697   -3.873  -7.269  1.00 25.29 ? 164  VAL A CG1 1 
ATOM   537  C  CG2 . VAL A 1 71  ? 0.544   -4.378  -6.233  1.00 25.67 ? 164  VAL A CG2 1 
ATOM   538  N  N   . PRO A 1 72  ? 1.216   -1.104  -9.895  1.00 26.69 ? 165  PRO A N   1 
ATOM   539  C  CA  . PRO A 1 72  ? 1.782   -0.717  -11.198 1.00 27.66 ? 165  PRO A CA  1 
ATOM   540  C  C   . PRO A 1 72  ? 3.173   -1.328  -11.412 1.00 28.65 ? 165  PRO A C   1 
ATOM   541  O  O   . PRO A 1 72  ? 4.059   -1.212  -10.561 1.00 27.29 ? 165  PRO A O   1 
ATOM   542  C  CB  . PRO A 1 72  ? 1.812   0.813   -11.112 1.00 27.79 ? 165  PRO A CB  1 
ATOM   543  C  CG  . PRO A 1 72  ? 0.579   1.129   -10.194 1.00 26.96 ? 165  PRO A CG  1 
ATOM   544  C  CD  . PRO A 1 72  ? 0.702   0.066   -9.124  1.00 27.29 ? 165  PRO A CD  1 
ATOM   545  N  N   . GLY A 1 73  ? 3.360   -2.007  -12.551 1.00 30.15 ? 166  GLY A N   1 
ATOM   546  C  CA  . GLY A 1 73  ? 4.629   -2.671  -12.796 1.00 30.75 ? 166  GLY A CA  1 
ATOM   547  C  C   . GLY A 1 73  ? 4.619   -4.160  -12.486 1.00 32.09 ? 166  GLY A C   1 
ATOM   548  O  O   . GLY A 1 73  ? 5.635   -4.857  -12.732 1.00 33.47 ? 166  GLY A O   1 
ATOM   549  N  N   . ALA A 1 74  ? 3.512   -4.676  -11.946 1.00 32.39 ? 167  ALA A N   1 
ATOM   550  C  CA  . ALA A 1 74  ? 3.443   -6.100  -11.612 1.00 33.41 ? 167  ALA A CA  1 
ATOM   551  C  C   . ALA A 1 74  ? 3.545   -6.896  -12.915 1.00 34.40 ? 167  ALA A C   1 
ATOM   552  O  O   . ALA A 1 74  ? 2.977   -6.497  -13.929 1.00 33.13 ? 167  ALA A O   1 
ATOM   553  C  CB  . ALA A 1 74  ? 2.174   -6.438  -10.882 1.00 33.67 ? 167  ALA A CB  1 
ATOM   554  N  N   . THR A 1 75  ? 4.242   -8.027  -12.866 1.00 35.90 ? 168  THR A N   1 
ATOM   555  C  CA  . THR A 1 75  ? 4.553   -8.763  -14.094 1.00 37.77 ? 168  THR A CA  1 
ATOM   556  C  C   . THR A 1 75  ? 3.870   -10.109 -14.246 1.00 39.34 ? 168  THR A C   1 
ATOM   557  O  O   . THR A 1 75  ? 3.591   -10.527 -15.376 1.00 40.36 ? 168  THR A O   1 
ATOM   558  C  CB  . THR A 1 75  ? 6.044   -9.016  -14.144 1.00 37.23 ? 168  THR A CB  1 
ATOM   559  O  OG1 . THR A 1 75  ? 6.433   -9.742  -12.978 1.00 37.21 ? 168  THR A OG1 1 
ATOM   560  C  CG2 . THR A 1 75  ? 6.819   -7.731  -14.036 1.00 38.06 ? 168  THR A CG2 1 
ATOM   561  N  N   . THR A 1 76  ? 3.614   -10.804 -13.146 1.00 40.55 ? 169  THR A N   1 
ATOM   562  C  CA  . THR A 1 76  ? 3.103   -12.159 -13.263 1.00 42.00 ? 169  THR A CA  1 
ATOM   563  C  C   . THR A 1 76  ? 1.776   -12.462 -12.614 1.00 42.36 ? 169  THR A C   1 
ATOM   564  O  O   . THR A 1 76  ? 1.168   -13.473 -12.948 1.00 43.01 ? 169  THR A O   1 
ATOM   565  C  CB  . THR A 1 76  ? 4.144   -13.131 -12.724 1.00 42.35 ? 169  THR A CB  1 
ATOM   566  O  OG1 . THR A 1 76  ? 4.268   -12.976 -11.308 1.00 43.75 ? 169  THR A OG1 1 
ATOM   567  C  CG2 . THR A 1 76  ? 5.521   -12.779 -13.239 1.00 43.43 ? 169  THR A CG2 1 
ATOM   568  N  N   . GLU A 1 77  ? 1.313   -11.625 -11.682 1.00 41.91 ? 170  GLU A N   1 
ATOM   569  C  CA  . GLU A 1 77  ? 0.070   -11.921 -10.984 1.00 41.69 ? 170  GLU A CA  1 
ATOM   570  C  C   . GLU A 1 77  ? -1.016  -10.911 -11.297 1.00 41.43 ? 170  GLU A C   1 
ATOM   571  O  O   . GLU A 1 77  ? -0.976  -9.773  -10.811 1.00 40.62 ? 170  GLU A O   1 
ATOM   572  C  CB  . GLU A 1 77  ? 0.323   -11.967 -9.473  1.00 42.00 ? 170  GLU A CB  1 
ATOM   573  C  CG  . GLU A 1 77  ? 1.102   -13.183 -9.007  1.00 44.16 ? 170  GLU A CG  1 
ATOM   574  C  CD  . GLU A 1 77  ? 0.265   -14.452 -9.025  1.00 46.51 ? 170  GLU A CD  1 
ATOM   575  O  OE1 . GLU A 1 77  ? -0.945  -14.377 -9.344  1.00 48.47 ? 170  GLU A OE1 1 
ATOM   576  O  OE2 . GLU A 1 77  ? 0.821   -15.524 -8.711  1.00 50.69 ? 170  GLU A OE2 1 
ATOM   577  N  N   . GLN A 1 78  ? -2.007  -11.340 -12.070 1.00 40.76 ? 171  GLN A N   1 
ATOM   578  C  CA  . GLN A 1 78  ? -3.079  -10.457 -12.502 1.00 41.54 ? 171  GLN A CA  1 
ATOM   579  C  C   . GLN A 1 78  ? -3.888  -9.893  -11.342 1.00 40.29 ? 171  GLN A C   1 
ATOM   580  O  O   . GLN A 1 78  ? -4.550  -8.881  -11.478 1.00 39.43 ? 171  GLN A O   1 
ATOM   581  C  CB  . GLN A 1 78  ? -4.001  -11.181 -13.477 1.00 42.36 ? 171  GLN A CB  1 
ATOM   582  C  CG  . GLN A 1 78  ? -3.360  -11.347 -14.845 1.00 45.89 ? 171  GLN A CG  1 
ATOM   583  C  CD  . GLN A 1 78  ? -2.720  -10.060 -15.340 1.00 51.03 ? 171  GLN A CD  1 
ATOM   584  O  OE1 . GLN A 1 78  ? -3.384  -9.018  -15.413 1.00 55.06 ? 171  GLN A OE1 1 
ATOM   585  N  NE2 . GLN A 1 78  ? -1.425  -10.119 -15.671 1.00 53.71 ? 171  GLN A NE2 1 
ATOM   586  N  N   . LYS A 1 79  ? -3.820  -10.557 -10.202 1.00 39.32 ? 172  LYS A N   1 
ATOM   587  C  CA  . LYS A 1 79  ? -4.567  -10.121 -9.040  1.00 39.36 ? 172  LYS A CA  1 
ATOM   588  C  C   . LYS A 1 79  ? -4.033  -8.769  -8.566  1.00 37.59 ? 172  LYS A C   1 
ATOM   589  O  O   . LYS A 1 79  ? -4.774  -7.954  -8.015  1.00 37.89 ? 172  LYS A O   1 
ATOM   590  C  CB  . LYS A 1 79  ? -4.368  -11.134 -7.932  1.00 39.98 ? 172  LYS A CB  1 
ATOM   591  C  CG  . LYS A 1 79  ? -5.607  -11.526 -7.214  1.00 43.29 ? 172  LYS A CG  1 
ATOM   592  C  CD  . LYS A 1 79  ? -5.280  -12.676 -6.291  1.00 47.78 ? 172  LYS A CD  1 
ATOM   593  C  CE  . LYS A 1 79  ? -6.497  -13.193 -5.573  1.00 51.23 ? 172  LYS A CE  1 
ATOM   594  N  NZ  . LYS A 1 79  ? -6.154  -14.427 -4.791  1.00 52.52 ? 172  LYS A NZ  1 
ATOM   595  N  N   . LEU A 1 80  ? -2.737  -8.571  -8.778  1.00 36.31 ? 173  LEU A N   1 
ATOM   596  C  CA  . LEU A 1 80  ? -2.015  -7.359  -8.387  1.00 35.58 ? 173  LEU A CA  1 
ATOM   597  C  C   . LEU A 1 80  ? -2.340  -6.159  -9.279  1.00 34.53 ? 173  LEU A C   1 
ATOM   598  O  O   . LEU A 1 80  ? -1.897  -5.037  -9.002  1.00 33.74 ? 173  LEU A O   1 
ATOM   599  C  CB  . LEU A 1 80  ? -0.501  -7.615  -8.375  1.00 35.52 ? 173  LEU A CB  1 
ATOM   600  C  CG  . LEU A 1 80  ? 0.057   -8.663  -7.392  1.00 36.71 ? 173  LEU A CG  1 
ATOM   601  C  CD1 . LEU A 1 80  ? 1.573   -8.723  -7.405  1.00 36.23 ? 173  LEU A CD1 1 
ATOM   602  C  CD2 . LEU A 1 80  ? -0.418  -8.424  -5.987  1.00 37.69 ? 173  LEU A CD2 1 
ATOM   603  N  N   . CYS A 1 81  ? -3.123  -6.398  -10.330 1.00 33.16 ? 174  CYS A N   1 
ATOM   604  C  CA  . CYS A 1 81  ? -3.530  -5.353  -11.256 1.00 32.66 ? 174  CYS A CA  1 
ATOM   605  C  C   . CYS A 1 81  ? -5.022  -5.129  -11.216 1.00 32.05 ? 174  CYS A C   1 
ATOM   606  O  O   . CYS A 1 81  ? -5.535  -4.198  -11.831 1.00 31.53 ? 174  CYS A O   1 
ATOM   607  C  CB  . CYS A 1 81  ? -3.119  -5.727  -12.689 1.00 32.62 ? 174  CYS A CB  1 
ATOM   608  S  SG  . CYS A 1 81  ? -1.333  -5.772  -12.883 1.00 34.16 ? 174  CYS A SG  1 
ATOM   609  N  N   . ARG A 1 82  ? -5.717  -5.965  -10.464 1.00 31.88 ? 175  ARG A N   1 
ATOM   610  C  CA  . ARG A 1 82  ? -7.163  -5.968  -10.472 1.00 32.51 ? 175  ARG A CA  1 
ATOM   611  C  C   . ARG A 1 82  ? -7.794  -4.663  -10.019 1.00 31.62 ? 175  ARG A C   1 
ATOM   612  O  O   . ARG A 1 82  ? -8.860  -4.298  -10.485 1.00 31.78 ? 175  ARG A O   1 
ATOM   613  C  CB  . ARG A 1 82  ? -7.688  -7.116  -9.601  1.00 33.14 ? 175  ARG A CB  1 
ATOM   614  C  CG  . ARG A 1 82  ? -9.105  -7.513  -9.923  1.00 37.63 ? 175  ARG A CG  1 
ATOM   615  C  CD  . ARG A 1 82  ? -9.772  -8.481  -8.916  1.00 43.95 ? 175  ARG A CD  1 
ATOM   616  N  NE  . ARG A 1 82  ? -9.231  -9.856  -8.827  1.00 48.63 ? 175  ARG A NE  1 
ATOM   617  C  CZ  . ARG A 1 82  ? -8.689  -10.566 -9.821  1.00 52.04 ? 175  ARG A CZ  1 
ATOM   618  N  NH1 . ARG A 1 82  ? -8.554  -10.070 -11.041 1.00 53.99 ? 175  ARG A NH1 1 
ATOM   619  N  NH2 . ARG A 1 82  ? -8.274  -11.805 -9.590  1.00 53.64 ? 175  ARG A NH2 1 
ATOM   620  N  N   . GLN A 1 83  ? -7.152  -3.960  -9.093  1.00 30.86 ? 176  GLN A N   1 
ATOM   621  C  CA  . GLN A 1 83  ? -7.768  -2.752  -8.560  1.00 29.62 ? 176  GLN A CA  1 
ATOM   622  C  C   . GLN A 1 83  ? -7.319  -1.498  -9.294  1.00 29.54 ? 176  GLN A C   1 
ATOM   623  O  O   . GLN A 1 83  ? -7.806  -0.420  -9.004  1.00 28.63 ? 176  GLN A O   1 
ATOM   624  C  CB  . GLN A 1 83  ? -7.477  -2.636  -7.054  1.00 29.07 ? 176  GLN A CB  1 
ATOM   625  C  CG  . GLN A 1 83  ? -8.008  -3.790  -6.206  1.00 28.17 ? 176  GLN A CG  1 
ATOM   626  C  CD  . GLN A 1 83  ? -9.480  -4.042  -6.370  1.00 29.70 ? 176  GLN A CD  1 
ATOM   627  O  OE1 . GLN A 1 83  ? -9.866  -5.007  -7.036  1.00 30.98 ? 176  GLN A OE1 1 
ATOM   628  N  NE2 . GLN A 1 83  ? -10.315 -3.195  -5.769  1.00 30.69 ? 176  GLN A NE2 1 
ATOM   629  N  N   . CYS A 1 84  ? -6.418  -1.640  -10.269 1.00 29.71 ? 177  CYS A N   1 
ATOM   630  C  CA  . CYS A 1 84  ? -5.913  -0.476  -10.989 1.00 30.40 ? 177  CYS A CA  1 
ATOM   631  C  C   . CYS A 1 84  ? -6.936  0.180   -11.879 1.00 32.26 ? 177  CYS A C   1 
ATOM   632  O  O   . CYS A 1 84  ? -7.763  -0.491  -12.488 1.00 33.74 ? 177  CYS A O   1 
ATOM   633  C  CB  . CYS A 1 84  ? -4.684  -0.837  -11.822 1.00 29.72 ? 177  CYS A CB  1 
ATOM   634  S  SG  . CYS A 1 84  ? -3.329  -1.449  -10.883 1.00 26.64 ? 177  CYS A SG  1 
ATOM   635  N  N   . LYS A 1 85  ? -6.868  1.500   -11.958 1.00 34.21 ? 178  LYS A N   1 
ATOM   636  C  CA  . LYS A 1 85  ? -7.767  2.282   -12.785 1.00 36.07 ? 178  LYS A CA  1 
ATOM   637  C  C   . LYS A 1 85  ? -7.139  2.497   -14.156 1.00 37.10 ? 178  LYS A C   1 
ATOM   638  O  O   . LYS A 1 85  ? -5.949  2.736   -14.269 1.00 36.48 ? 178  LYS A O   1 
ATOM   639  C  CB  . LYS A 1 85  ? -8.034  3.650   -12.161 1.00 36.82 ? 178  LYS A CB  1 
ATOM   640  C  CG  . LYS A 1 85  ? -8.959  4.515   -13.011 1.00 40.08 ? 178  LYS A CG  1 
ATOM   641  C  CD  . LYS A 1 85  ? -9.342  5.829   -12.333 1.00 42.66 ? 178  LYS A CD  1 
ATOM   642  C  CE  . LYS A 1 85  ? -10.287 6.634   -13.246 1.00 45.05 ? 178  LYS A CE  1 
ATOM   643  N  NZ  . LYS A 1 85  ? -10.740 7.931   -12.658 1.00 47.81 ? 178  LYS A NZ  1 
ATOM   644  N  N   . GLY A 1 86  ? -7.942  2.383   -15.206 1.00 38.72 ? 179  GLY A N   1 
ATOM   645  C  CA  . GLY A 1 86  ? -7.444  2.704   -16.531 1.00 40.43 ? 179  GLY A CA  1 
ATOM   646  C  C   . GLY A 1 86  ? -7.956  1.781   -17.611 1.00 41.90 ? 179  GLY A C   1 
ATOM   647  O  O   . GLY A 1 86  ? -8.877  0.997   -17.412 1.00 41.99 ? 179  GLY A O   1 
ATOM   648  N  N   . ASP A 1 87  ? -7.300  1.855   -18.754 1.00 43.74 ? 180  ASP A N   1 
ATOM   649  C  CA  . ASP A 1 87  ? -7.680  1.043   -19.878 1.00 45.17 ? 180  ASP A CA  1 
ATOM   650  C  C   . ASP A 1 87  ? -7.166  -0.358  -19.714 1.00 45.36 ? 180  ASP A C   1 
ATOM   651  O  O   . ASP A 1 87  ? -6.169  -0.618  -19.046 1.00 45.25 ? 180  ASP A O   1 
ATOM   652  C  CB  . ASP A 1 87  ? -7.178  1.665   -21.175 1.00 45.45 ? 180  ASP A CB  1 
ATOM   653  C  CG  . ASP A 1 87  ? -8.018  2.855   -21.595 1.00 48.48 ? 180  ASP A CG  1 
ATOM   654  O  OD1 . ASP A 1 87  ? -9.261  2.729   -21.582 1.00 53.84 ? 180  ASP A OD1 1 
ATOM   655  O  OD2 . ASP A 1 87  ? -7.545  3.962   -21.946 1.00 52.30 ? 180  ASP A OD2 1 
ATOM   656  N  N   . ALA A 1 88  ? -7.865  -1.256  -20.382 1.00 46.05 ? 181  ALA A N   1 
ATOM   657  C  CA  . ALA A 1 88  ? -7.576  -2.675  -20.330 1.00 46.04 ? 181  ALA A CA  1 
ATOM   658  C  C   . ALA A 1 88  ? -6.092  -3.062  -20.487 1.00 45.73 ? 181  ALA A C   1 
ATOM   659  O  O   . ALA A 1 88  ? -5.645  -4.012  -19.854 1.00 46.09 ? 181  ALA A O   1 
ATOM   660  C  CB  . ALA A 1 88  ? -8.448  -3.378  -21.377 1.00 46.45 ? 181  ALA A CB  1 
ATOM   661  N  N   . LYS A 1 89  ? -5.321  -2.326  -21.283 1.00 45.26 ? 182  LYS A N   1 
ATOM   662  C  CA  . LYS A 1 89  ? -3.926  -2.712  -21.553 1.00 45.05 ? 182  LYS A CA  1 
ATOM   663  C  C   . LYS A 1 89  ? -2.847  -1.900  -20.841 1.00 43.65 ? 182  LYS A C   1 
ATOM   664  O  O   . LYS A 1 89  ? -1.678  -2.295  -20.836 1.00 43.41 ? 182  LYS A O   1 
ATOM   665  C  CB  . LYS A 1 89  ? -3.649  -2.649  -23.064 1.00 45.83 ? 182  LYS A CB  1 
ATOM   666  C  CG  . LYS A 1 89  ? -4.492  -3.603  -23.897 1.00 48.72 ? 182  LYS A CG  1 
ATOM   667  C  CD  . LYS A 1 89  ? -3.980  -3.728  -25.334 1.00 52.69 ? 182  LYS A CD  1 
ATOM   668  C  CE  . LYS A 1 89  ? -4.905  -4.628  -26.171 1.00 55.34 ? 182  LYS A CE  1 
ATOM   669  N  NZ  . LYS A 1 89  ? -4.536  -4.683  -27.628 1.00 57.29 ? 182  LYS A NZ  1 
ATOM   670  N  N   . THR A 1 90  ? -3.202  -0.763  -20.254 1.00 42.01 ? 183  THR A N   1 
ATOM   671  C  CA  . THR A 1 90  ? -2.190  0.087   -19.624 1.00 40.75 ? 183  THR A CA  1 
ATOM   672  C  C   . THR A 1 90  ? -2.417  0.347   -18.139 1.00 39.56 ? 183  THR A C   1 
ATOM   673  O  O   . THR A 1 90  ? -1.581  0.996   -17.502 1.00 38.56 ? 183  THR A O   1 
ATOM   674  C  CB  . THR A 1 90  ? -2.217  1.450   -20.291 1.00 40.99 ? 183  THR A CB  1 
ATOM   675  O  OG1 . THR A 1 90  ? -3.579  1.870   -20.394 1.00 39.50 ? 183  THR A OG1 1 
ATOM   676  C  CG2 . THR A 1 90  ? -1.717  1.407   -21.732 1.00 41.86 ? 183  THR A CG2 1 
ATOM   677  N  N   . LYS A 1 91  ? -3.530  -0.146  -17.599 1.00 38.67 ? 184  LYS A N   1 
ATOM   678  C  CA  . LYS A 1 91  ? -3.904  0.141   -16.213 1.00 37.78 ? 184  LYS A CA  1 
ATOM   679  C  C   . LYS A 1 91  ? -2.879  -0.305  -15.211 1.00 36.63 ? 184  LYS A C   1 
ATOM   680  O  O   . LYS A 1 91  ? -2.826  0.239   -14.115 1.00 36.27 ? 184  LYS A O   1 
ATOM   681  C  CB  . LYS A 1 91  ? -5.261  -0.474  -15.864 1.00 38.51 ? 184  LYS A CB  1 
ATOM   682  C  CG  . LYS A 1 91  ? -5.258  -1.996  -15.698 1.00 40.04 ? 184  LYS A CG  1 
ATOM   683  C  CD  . LYS A 1 91  ? -6.642  -2.513  -15.362 1.00 43.13 ? 184  LYS A CD  1 
ATOM   684  C  CE  . LYS A 1 91  ? -6.658  -4.029  -15.218 1.00 44.86 ? 184  LYS A CE  1 
ATOM   685  N  NZ  . LYS A 1 91  ? -8.041  -4.525  -14.916 1.00 46.46 ? 184  LYS A NZ  1 
ATOM   686  N  N   . CYS A 1 92  ? -2.043  -1.266  -15.580 1.00 35.05 ? 185  CYS A N   1 
ATOM   687  C  CA  . CYS A 1 92  ? -1.064  -1.786  -14.653 1.00 34.54 ? 185  CYS A CA  1 
ATOM   688  C  C   . CYS A 1 92  ? 0.365   -1.430  -15.006 1.00 34.64 ? 185  CYS A C   1 
ATOM   689  O  O   . CYS A 1 92  ? 1.293   -1.969  -14.428 1.00 33.67 ? 185  CYS A O   1 
ATOM   690  C  CB  . CYS A 1 92  ? -1.208  -3.291  -14.510 1.00 34.29 ? 185  CYS A CB  1 
ATOM   691  S  SG  . CYS A 1 92  ? -0.731  -3.854  -12.856 1.00 33.90 ? 185  CYS A SG  1 
ATOM   692  N  N   . LEU A 1 93  ? 0.561   -0.504  -15.937 1.00 35.64 ? 186  LEU A N   1 
ATOM   693  C  CA  . LEU A 1 93  ? 1.916   -0.092  -16.270 1.00 36.47 ? 186  LEU A CA  1 
ATOM   694  C  C   . LEU A 1 93  ? 2.470   0.786   -15.156 1.00 37.17 ? 186  LEU A C   1 
ATOM   695  O  O   . LEU A 1 93  ? 1.731   1.321   -14.352 1.00 36.80 ? 186  LEU A O   1 
ATOM   696  C  CB  . LEU A 1 93  ? 1.969   0.674   -17.606 1.00 36.74 ? 186  LEU A CB  1 
ATOM   697  C  CG  . LEU A 1 93  ? 1.226   0.000   -18.746 1.00 37.78 ? 186  LEU A CG  1 
ATOM   698  C  CD1 . LEU A 1 93  ? 1.187   0.850   -20.012 1.00 39.62 ? 186  LEU A CD1 1 
ATOM   699  C  CD2 . LEU A 1 93  ? 1.879   -1.330  -19.002 1.00 38.51 ? 186  LEU A CD2 1 
ATOM   700  N  N   . ARG A 1 94  ? 3.781   0.948   -15.116 1.00 38.12 ? 187  ARG A N   1 
ATOM   701  C  CA  . ARG A 1 94  ? 4.388   1.668   -14.006 1.00 39.30 ? 187  ARG A CA  1 
ATOM   702  C  C   . ARG A 1 94  ? 4.095   3.158   -14.013 1.00 38.25 ? 187  ARG A C   1 
ATOM   703  O  O   . ARG A 1 94  ? 4.374   3.831   -13.026 1.00 37.63 ? 187  ARG A O   1 
ATOM   704  C  CB  . ARG A 1 94  ? 5.878   1.399   -13.913 1.00 40.28 ? 187  ARG A CB  1 
ATOM   705  C  CG  . ARG A 1 94  ? 6.318   0.717   -12.591 1.00 45.56 ? 187  ARG A CG  1 
ATOM   706  C  CD  . ARG A 1 94  ? 7.801   0.443   -12.653 1.00 51.46 ? 187  ARG A CD  1 
ATOM   707  N  NE  . ARG A 1 94  ? 8.595   0.313   -11.430 1.00 56.17 ? 187  ARG A NE  1 
ATOM   708  C  CZ  . ARG A 1 94  ? 9.272   1.318   -10.860 1.00 59.35 ? 187  ARG A CZ  1 
ATOM   709  N  NH1 . ARG A 1 94  ? 9.157   2.568   -11.312 1.00 60.03 ? 187  ARG A NH1 1 
ATOM   710  N  NH2 . ARG A 1 94  ? 10.046  1.079   -9.804  1.00 60.29 ? 187  ARG A NH2 1 
ATOM   711  N  N   . ASN A 1 95  ? 3.522   3.660   -15.108 1.00 37.19 ? 188  ASN A N   1 
ATOM   712  C  CA  . ASN A 1 95  ? 3.104   5.059   -15.166 1.00 36.73 ? 188  ASN A CA  1 
ATOM   713  C  C   . ASN A 1 95  ? 1.587   5.202   -15.329 1.00 35.41 ? 188  ASN A C   1 
ATOM   714  O  O   . ASN A 1 95  ? 1.085   6.175   -15.866 1.00 36.91 ? 188  ASN A O   1 
ATOM   715  C  CB  . ASN A 1 95  ? 3.879   5.776   -16.272 1.00 37.70 ? 188  ASN A CB  1 
ATOM   716  C  CG  A ASN A 1 95  ? 3.380   7.209   -16.577 0.50 38.25 ? 188  ASN A CG  1 
ATOM   717  C  CG  B ASN A 1 95  ? 3.362   5.440   -17.697 0.50 37.52 ? 188  ASN A CG  1 
ATOM   718  O  OD1 A ASN A 1 95  ? 2.771   7.856   -15.715 0.50 39.58 ? 188  ASN A OD1 1 
ATOM   719  O  OD1 B ASN A 1 95  ? 2.508   4.559   -17.856 0.50 37.74 ? 188  ASN A OD1 1 
ATOM   720  N  ND2 A ASN A 1 95  ? 3.796   7.756   -17.713 0.50 40.23 ? 188  ASN A ND2 1 
ATOM   721  N  ND2 B ASN A 1 95  ? 3.959   6.040   -18.718 0.50 39.34 ? 188  ASN A ND2 1 
ATOM   722  N  N   . ALA A 1 96  ? 0.849   4.250   -14.794 1.00 33.67 ? 189  ALA A N   1 
ATOM   723  C  CA  . ALA A 1 96  ? -0.600  4.220   -14.930 1.00 32.09 ? 189  ALA A CA  1 
ATOM   724  C  C   . ALA A 1 96  ? -1.313  5.234   -14.006 1.00 30.59 ? 189  ALA A C   1 
ATOM   725  O  O   . ALA A 1 96  ? -0.651  5.827   -13.167 1.00 30.22 ? 189  ALA A O   1 
ATOM   726  C  CB  . ALA A 1 96  ? -1.055  2.836   -14.624 1.00 32.22 ? 189  ALA A CB  1 
ATOM   727  N  N   . PRO A 1 97  ? -2.611  5.498   -14.182 1.00 29.13 ? 190  PRO A N   1 
ATOM   728  C  CA  . PRO A 1 97  ? -3.310  6.439   -13.291 1.00 28.44 ? 190  PRO A CA  1 
ATOM   729  C  C   . PRO A 1 97  ? -3.050  6.257   -11.784 1.00 27.53 ? 190  PRO A C   1 
ATOM   730  O  O   . PRO A 1 97  ? -2.831  7.267   -11.105 1.00 27.86 ? 190  PRO A O   1 
ATOM   731  C  CB  . PRO A 1 97  ? -4.781  6.225   -13.630 1.00 28.89 ? 190  PRO A CB  1 
ATOM   732  C  CG  . PRO A 1 97  ? -4.746  5.832   -15.061 1.00 29.15 ? 190  PRO A CG  1 
ATOM   733  C  CD  . PRO A 1 97  ? -3.478  5.057   -15.294 1.00 29.19 ? 190  PRO A CD  1 
ATOM   734  N  N   . TYR A 1 98  ? -3.003  5.027   -11.286 1.00 25.59 ? 191  TYR A N   1 
ATOM   735  C  CA  . TYR A 1 98  ? -2.781  4.788   -9.848  1.00 24.48 ? 191  TYR A CA  1 
ATOM   736  C  C   . TYR A 1 98  ? -1.304  4.578   -9.466  1.00 23.47 ? 191  TYR A C   1 
ATOM   737  O  O   . TYR A 1 98  ? -1.001  4.180   -8.344  1.00 22.62 ? 191  TYR A O   1 
ATOM   738  C  CB  . TYR A 1 98  ? -3.641  3.609   -9.407  1.00 24.36 ? 191  TYR A CB  1 
ATOM   739  C  CG  . TYR A 1 98  ? -5.129  3.893   -9.250  1.00 24.35 ? 191  TYR A CG  1 
ATOM   740  C  CD1 . TYR A 1 98  ? -5.650  5.186   -9.298  1.00 25.34 ? 191  TYR A CD1 1 
ATOM   741  C  CD2 . TYR A 1 98  ? -6.004  2.859   -8.995  1.00 24.19 ? 191  TYR A CD2 1 
ATOM   742  C  CE1 . TYR A 1 98  ? -7.007  5.415   -9.085  1.00 26.75 ? 191  TYR A CE1 1 
ATOM   743  C  CE2 . TYR A 1 98  ? -7.357  3.072   -8.829  1.00 25.74 ? 191  TYR A CE2 1 
ATOM   744  C  CZ  . TYR A 1 98  ? -7.850  4.347   -8.862  1.00 26.11 ? 191  TYR A CZ  1 
ATOM   745  O  OH  . TYR A 1 98  ? -9.183  4.535   -8.685  1.00 27.55 ? 191  TYR A OH  1 
ATOM   746  N  N   . SER A 1 99  ? -0.364  4.943   -10.356 1.00 22.97 ? 192  SER A N   1 
ATOM   747  C  CA  . SER A 1 99  ? 1.047   4.802   -10.064 1.00 22.55 ? 192  SER A CA  1 
ATOM   748  C  C   . SER A 1 99  ? 1.486   6.038   -9.256  1.00 22.07 ? 192  SER A C   1 
ATOM   749  O  O   . SER A 1 99  ? 0.809   7.074   -9.233  1.00 22.44 ? 192  SER A O   1 
ATOM   750  C  CB  . SER A 1 99  ? 1.920   4.674   -11.324 1.00 23.19 ? 192  SER A CB  1 
ATOM   751  O  OG  . SER A 1 99  ? 1.830   5.838   -12.138 1.00 23.52 ? 192  SER A OG  1 
ATOM   752  N  N   . GLY A 1 100 ? 2.601   5.898   -8.574  1.00 20.77 ? 193  GLY A N   1 
ATOM   753  C  CA  . GLY A 1 100 ? 3.181   6.987   -7.816  1.00 21.41 ? 193  GLY A CA  1 
ATOM   754  C  C   . GLY A 1 100 ? 2.512   7.185   -6.451  1.00 20.95 ? 193  GLY A C   1 
ATOM   755  O  O   . GLY A 1 100 ? 1.483   6.585   -6.131  1.00 19.01 ? 193  GLY A O   1 
ATOM   756  N  N   . TYR A 1 101 ? 3.127   8.035   -5.651  1.00 21.64 ? 194  TYR A N   1 
ATOM   757  C  CA  . TYR A 1 101 ? 2.579   8.348   -4.335  1.00 22.35 ? 194  TYR A CA  1 
ATOM   758  C  C   . TYR A 1 101 ? 1.165   8.961   -4.516  1.00 22.01 ? 194  TYR A C   1 
ATOM   759  O  O   . TYR A 1 101 ? 0.204   8.516   -3.883  1.00 21.09 ? 194  TYR A O   1 
ATOM   760  C  CB  . TYR A 1 101 ? 3.486   9.291   -3.582  1.00 22.28 ? 194  TYR A CB  1 
ATOM   761  C  CG  . TYR A 1 101 ? 4.949   8.890   -3.482  1.00 26.59 ? 194  TYR A CG  1 
ATOM   762  C  CD1 . TYR A 1 101 ? 5.399   8.060   -2.456  1.00 26.52 ? 194  TYR A CD1 1 
ATOM   763  C  CD2 . TYR A 1 101 ? 5.896   9.409   -4.362  1.00 28.18 ? 194  TYR A CD2 1 
ATOM   764  C  CE1 . TYR A 1 101 ? 6.734   7.739   -2.338  1.00 28.79 ? 194  TYR A CE1 1 
ATOM   765  C  CE2 . TYR A 1 101 ? 7.236   9.081   -4.247  1.00 30.45 ? 194  TYR A CE2 1 
ATOM   766  C  CZ  . TYR A 1 101 ? 7.649   8.243   -3.242  1.00 30.41 ? 194  TYR A CZ  1 
ATOM   767  O  OH  . TYR A 1 101 ? 8.990   7.914   -3.116  1.00 33.58 ? 194  TYR A OH  1 
ATOM   768  N  N   . SER A 1 102 ? 1.016   9.907   -5.436  1.00 22.32 ? 195  SER A N   1 
ATOM   769  C  CA  . SER A 1 102 ? -0.315  10.469  -5.707  1.00 22.21 ? 195  SER A CA  1 
ATOM   770  C  C   . SER A 1 102 ? -1.335  9.433   -6.183  1.00 22.56 ? 195  SER A C   1 
ATOM   771  O  O   . SER A 1 102 ? -2.478  9.450   -5.762  1.00 21.78 ? 195  SER A O   1 
ATOM   772  C  CB  . SER A 1 102 ? -0.257  11.594  -6.740  1.00 23.07 ? 195  SER A CB  1 
ATOM   773  O  OG  . SER A 1 102 ? 0.321   12.745  -6.187  1.00 22.94 ? 195  SER A OG  1 
ATOM   774  N  N   . GLY A 1 103 ? -0.929  8.553   -7.101  1.00 22.26 ? 196  GLY A N   1 
ATOM   775  C  CA  . GLY A 1 103 ? -1.821  7.555   -7.647  1.00 21.59 ? 196  GLY A CA  1 
ATOM   776  C  C   . GLY A 1 103 ? -2.256  6.485   -6.625  1.00 20.63 ? 196  GLY A C   1 
ATOM   777  O  O   . GLY A 1 103 ? -3.430  6.102   -6.617  1.00 19.58 ? 196  GLY A O   1 
ATOM   778  N  N   . ALA A 1 104 ? -1.339  6.032   -5.757  1.00 19.27 ? 197  ALA A N   1 
ATOM   779  C  CA  . ALA A 1 104 ? -1.700  5.041   -4.746  1.00 18.61 ? 197  ALA A CA  1 
ATOM   780  C  C   . ALA A 1 104 ? -2.729  5.666   -3.774  1.00 19.84 ? 197  ALA A C   1 
ATOM   781  O  O   . ALA A 1 104 ? -3.705  5.014   -3.355  1.00 19.24 ? 197  ALA A O   1 
ATOM   782  C  CB  . ALA A 1 104 ? -0.496  4.550   -3.978  1.00 18.82 ? 197  ALA A CB  1 
ATOM   783  N  N   . PHE A 1 105 ? -2.494  6.928   -3.435  1.00 19.59 ? 198  PHE A N   1 
ATOM   784  C  CA  . PHE A 1 105 ? -3.425  7.629   -2.553  1.00 20.42 ? 198  PHE A CA  1 
ATOM   785  C  C   . PHE A 1 105 ? -4.782  7.754   -3.245  1.00 19.77 ? 198  PHE A C   1 
ATOM   786  O  O   . PHE A 1 105 ? -5.795  7.574   -2.624  1.00 20.41 ? 198  PHE A O   1 
ATOM   787  C  CB  . PHE A 1 105 ? -2.923  9.012   -2.130  1.00 20.93 ? 198  PHE A CB  1 
ATOM   788  C  CG  . PHE A 1 105 ? -3.958  9.780   -1.335  1.00 21.27 ? 198  PHE A CG  1 
ATOM   789  C  CD1 . PHE A 1 105 ? -4.222  9.436   -0.018  1.00 25.14 ? 198  PHE A CD1 1 
ATOM   790  C  CD2 . PHE A 1 105 ? -4.744  10.746  -1.937  1.00 26.18 ? 198  PHE A CD2 1 
ATOM   791  C  CE1 . PHE A 1 105 ? -5.218  10.135  0.728   1.00 21.66 ? 198  PHE A CE1 1 
ATOM   792  C  CE2 . PHE A 1 105 ? -5.737  11.431  -1.205  1.00 26.50 ? 198  PHE A CE2 1 
ATOM   793  C  CZ  . PHE A 1 105 ? -5.953  11.113  0.116   1.00 23.60 ? 198  PHE A CZ  1 
ATOM   794  N  N   . GLN A 1 106 ? -4.817  7.990   -4.554  1.00 21.34 ? 199  GLN A N   1 
ATOM   795  C  CA  . GLN A 1 106 ? -6.106  8.147   -5.260  1.00 21.27 ? 199  GLN A CA  1 
ATOM   796  C  C   . GLN A 1 106 ? -6.890  6.844   -5.297  1.00 21.65 ? 199  GLN A C   1 
ATOM   797  O  O   . GLN A 1 106 ? -8.120  6.820   -5.283  1.00 21.90 ? 199  GLN A O   1 
ATOM   798  C  CB  . GLN A 1 106 ? -5.899  8.637   -6.695  1.00 22.68 ? 199  GLN A CB  1 
ATOM   799  C  CG  . GLN A 1 106 ? -7.172  9.046   -7.423  1.00 23.56 ? 199  GLN A CG  1 
ATOM   800  C  CD  . GLN A 1 106 ? -7.798  10.320  -6.864  1.00 28.38 ? 199  GLN A CD  1 
ATOM   801  O  OE1 . GLN A 1 106 ? -7.090  11.252  -6.518  1.00 31.87 ? 199  GLN A OE1 1 
ATOM   802  N  NE2 . GLN A 1 106 ? -9.119  10.343  -6.747  1.00 28.10 ? 199  GLN A NE2 1 
ATOM   803  N  N   . CYS A 1 107 ? -6.154  5.764   -5.390  1.00 20.70 ? 200  CYS A N   1 
ATOM   804  C  CA  . CYS A 1 107 ? -6.710  4.434   -5.351  1.00 20.86 ? 200  CYS A CA  1 
ATOM   805  C  C   . CYS A 1 107 ? -7.438  4.202   -4.016  1.00 20.76 ? 200  CYS A C   1 
ATOM   806  O  O   . CYS A 1 107 ? -8.518  3.625   -3.996  1.00 20.81 ? 200  CYS A O   1 
ATOM   807  C  CB  . CYS A 1 107 ? -5.550  3.474   -5.583  1.00 21.27 ? 200  CYS A CB  1 
ATOM   808  S  SG  . CYS A 1 107 ? -5.791  1.712   -5.304  1.00 22.57 ? 200  CYS A SG  1 
ATOM   809  N  N   . LEU A 1 108 ? -6.880  4.665   -2.908  1.00 20.53 ? 201  LEU A N   1 
ATOM   810  C  CA  . LEU A 1 108 ? -7.589  4.549   -1.620  1.00 20.96 ? 201  LEU A CA  1 
ATOM   811  C  C   . LEU A 1 108 ? -8.798  5.495   -1.612  1.00 22.48 ? 201  LEU A C   1 
ATOM   812  O  O   . LEU A 1 108 ? -9.914  5.096   -1.271  1.00 22.10 ? 201  LEU A O   1 
ATOM   813  C  CB  . LEU A 1 108 ? -6.664  4.928   -0.488  1.00 21.64 ? 201  LEU A CB  1 
ATOM   814  C  CG  . LEU A 1 108 ? -7.288  5.031   0.902   1.00 21.66 ? 201  LEU A CG  1 
ATOM   815  C  CD1 . LEU A 1 108 ? -7.662  3.655   1.473   1.00 21.50 ? 201  LEU A CD1 1 
ATOM   816  C  CD2 . LEU A 1 108 ? -6.280  5.693   1.775   1.00 22.94 ? 201  LEU A CD2 1 
ATOM   817  N  N   . LYS A 1 109 ? -8.572  6.738   -2.012  1.00 23.05 ? 202  LYS A N   1 
ATOM   818  C  CA  . LYS A 1 109 ? -9.638  7.725   -2.023  1.00 25.38 ? 202  LYS A CA  1 
ATOM   819  C  C   . LYS A 1 109 ? -10.838 7.223   -2.831  1.00 26.56 ? 202  LYS A C   1 
ATOM   820  O  O   . LYS A 1 109 ? -11.979 7.337   -2.372  1.00 26.69 ? 202  LYS A O   1 
ATOM   821  C  CB  . LYS A 1 109 ? -9.113  9.064   -2.525  1.00 25.78 ? 202  LYS A CB  1 
ATOM   822  C  CG  . LYS A 1 109 ? -10.189 10.194  -2.603  1.00 29.31 ? 202  LYS A CG  1 
ATOM   823  C  CD  . LYS A 1 109 ? -9.544  11.580  -2.720  1.00 33.56 ? 202  LYS A CD  1 
ATOM   824  C  CE  . LYS A 1 109 ? -10.578 12.673  -3.083  1.00 35.81 ? 202  LYS A CE  1 
ATOM   825  N  NZ  . LYS A 1 109 ? -10.007 14.035  -2.729  1.00 35.75 ? 202  LYS A NZ  1 
ATOM   826  N  N   . ASP A 1 110 ? -10.573 6.650   -4.013  1.00 26.93 ? 203  ASP A N   1 
ATOM   827  C  CA  . ASP A 1 110 ? -11.613 6.120   -4.906  1.00 27.72 ? 203  ASP A CA  1 
ATOM   828  C  C   . ASP A 1 110 ? -12.267 4.861   -4.370  1.00 27.26 ? 203  ASP A C   1 
ATOM   829  O  O   . ASP A 1 110 ? -13.219 4.343   -4.954  1.00 27.33 ? 203  ASP A O   1 
ATOM   830  C  CB  . ASP A 1 110 ? -11.011 5.742   -6.259  1.00 28.30 ? 203  ASP A CB  1 
ATOM   831  C  CG  . ASP A 1 110 ? -10.706 6.941   -7.131  1.00 30.62 ? 203  ASP A CG  1 
ATOM   832  O  OD1 . ASP A 1 110 ? -11.133 8.044   -6.757  1.00 32.37 ? 203  ASP A OD1 1 
ATOM   833  O  OD2 . ASP A 1 110 ? -10.023 6.867   -8.185  1.00 27.88 ? 203  ASP A OD2 1 
ATOM   834  N  N   . GLY A 1 111 ? -11.714 4.320   -3.304  1.00 27.22 ? 204  GLY A N   1 
ATOM   835  C  CA  . GLY A 1 111 ? -12.248 3.118   -2.696  1.00 27.85 ? 204  GLY A CA  1 
ATOM   836  C  C   . GLY A 1 111 ? -11.887 1.841   -3.428  1.00 27.88 ? 204  GLY A C   1 
ATOM   837  O  O   . GLY A 1 111 ? -12.593 0.831   -3.312  1.00 28.51 ? 204  GLY A O   1 
ATOM   838  N  N   . LYS A 1 112 ? -10.746 1.853   -4.106  1.00 26.54 ? 205  LYS A N   1 
ATOM   839  C  CA  . LYS A 1 112 ? -10.277 0.688   -4.874  1.00 26.53 ? 205  LYS A CA  1 
ATOM   840  C  C   . LYS A 1 112 ? -9.220  -0.107  -4.073  1.00 25.38 ? 205  LYS A C   1 
ATOM   841  O  O   . LYS A 1 112 ? -8.736  -1.185  -4.477  1.00 26.12 ? 205  LYS A O   1 
ATOM   842  C  CB  . LYS A 1 112 ? -9.815  1.149   -6.261  1.00 26.62 ? 205  LYS A CB  1 
ATOM   843  C  CG  . LYS A 1 112 ? -11.014 1.674   -7.070  1.00 30.83 ? 205  LYS A CG  1 
ATOM   844  C  CD  . LYS A 1 112 ? -10.608 2.532   -8.233  1.00 37.48 ? 205  LYS A CD  1 
ATOM   845  C  CE  . LYS A 1 112 ? -11.790 3.197   -8.948  1.00 39.26 ? 205  LYS A CE  1 
ATOM   846  N  NZ  . LYS A 1 112 ? -11.320 4.122   -10.017 1.00 40.07 ? 205  LYS A NZ  1 
ATOM   847  N  N   . GLY A 1 113 ? -8.998  0.349   -2.845  1.00 23.46 ? 206  GLY A N   1 
ATOM   848  C  CA  . GLY A 1 113 ? -8.091  -0.297  -1.921  1.00 22.22 ? 206  GLY A CA  1 
ATOM   849  C  C   . GLY A 1 113 ? -8.488  0.134   -0.506  1.00 21.64 ? 206  GLY A C   1 
ATOM   850  O  O   . GLY A 1 113 ? -9.008  1.234   -0.325  1.00 20.10 ? 206  GLY A O   1 
ATOM   851  N  N   . ASP A 1 114 ? -8.212  -0.710  0.471   1.00 20.99 ? 207  ASP A N   1 
ATOM   852  C  CA  . ASP A 1 114 ? -8.479  -0.399  1.881   1.00 21.67 ? 207  ASP A CA  1 
ATOM   853  C  C   . ASP A 1 114 ? -7.284  0.276   2.536   1.00 20.87 ? 207  ASP A C   1 
ATOM   854  O  O   . ASP A 1 114 ? -7.388  0.813   3.631   1.00 21.04 ? 207  ASP A O   1 
ATOM   855  C  CB  . ASP A 1 114 ? -8.749  -1.672  2.660   1.00 21.63 ? 207  ASP A CB  1 
ATOM   856  C  CG  . ASP A 1 114 ? -9.962  -2.413  2.182   1.00 23.16 ? 207  ASP A CG  1 
ATOM   857  O  OD1 . ASP A 1 114 ? -11.022 -1.797  1.972   1.00 27.39 ? 207  ASP A OD1 1 
ATOM   858  O  OD2 . ASP A 1 114 ? -9.938  -3.629  2.000   1.00 22.91 ? 207  ASP A OD2 1 
ATOM   859  N  N   . VAL A 1 115 ? -6.121  0.172   1.899   1.00 19.73 ? 208  VAL A N   1 
ATOM   860  C  CA  . VAL A 1 115 ? -4.885  0.696   2.470   1.00 19.06 ? 208  VAL A CA  1 
ATOM   861  C  C   . VAL A 1 115 ? -3.995  1.155   1.326   1.00 20.03 ? 208  VAL A C   1 
ATOM   862  O  O   . VAL A 1 115 ? -4.021  0.561   0.253   1.00 19.33 ? 208  VAL A O   1 
ATOM   863  C  CB  . VAL A 1 115 ? -4.171  -0.320  3.358   1.00 18.93 ? 208  VAL A CB  1 
ATOM   864  C  CG1 . VAL A 1 115 ? -3.771  -1.585  2.592   1.00 19.15 ? 208  VAL A CG1 1 
ATOM   865  C  CG2 . VAL A 1 115 ? -2.966  0.302   4.015   1.00 18.21 ? 208  VAL A CG2 1 
ATOM   866  N  N   . ALA A 1 116 ? -3.265  2.244   1.545   1.00 19.10 ? 209  ALA A N   1 
ATOM   867  C  CA  . ALA A 1 116 ? -2.320  2.752   0.546   1.00 18.96 ? 209  ALA A CA  1 
ATOM   868  C  C   . ALA A 1 116 ? -0.984  2.918   1.248   1.00 19.30 ? 209  ALA A C   1 
ATOM   869  O  O   . ALA A 1 116 ? -0.915  3.443   2.382   1.00 20.06 ? 209  ALA A O   1 
ATOM   870  C  CB  . ALA A 1 116 ? -2.798  4.107   -0.025  1.00 18.46 ? 209  ALA A CB  1 
ATOM   871  N  N   . PHE A 1 117 ? 0.056   2.399   0.615   1.00 19.03 ? 210  PHE A N   1 
ATOM   872  C  CA  . PHE A 1 117 ? 1.396   2.459   1.148   1.00 18.56 ? 210  PHE A CA  1 
ATOM   873  C  C   . PHE A 1 117 ? 2.077   3.617   0.443   1.00 19.39 ? 210  PHE A C   1 
ATOM   874  O  O   . PHE A 1 117 ? 2.399   3.545   -0.729  1.00 19.95 ? 210  PHE A O   1 
ATOM   875  C  CB  . PHE A 1 117 ? 2.086   1.126   0.932   1.00 19.15 ? 210  PHE A CB  1 
ATOM   876  C  CG  . PHE A 1 117 ? 1.426   0.020   1.644   1.00 19.11 ? 210  PHE A CG  1 
ATOM   877  C  CD1 . PHE A 1 117 ? 1.511   -0.066  3.012   1.00 20.72 ? 210  PHE A CD1 1 
ATOM   878  C  CD2 . PHE A 1 117 ? 0.648   -0.886  0.975   1.00 18.99 ? 210  PHE A CD2 1 
ATOM   879  C  CE1 . PHE A 1 117 ? 0.895   -1.082  3.685   1.00 20.59 ? 210  PHE A CE1 1 
ATOM   880  C  CE2 . PHE A 1 117 ? 0.008   -1.876  1.649   1.00 21.57 ? 210  PHE A CE2 1 
ATOM   881  C  CZ  . PHE A 1 117 ? 0.142   -1.988  3.006   1.00 20.26 ? 210  PHE A CZ  1 
ATOM   882  N  N   . VAL A 1 118 ? 2.215   4.725   1.154   1.00 20.14 ? 211  VAL A N   1 
ATOM   883  C  CA  . VAL A 1 118 ? 2.745   5.953   0.604   1.00 20.23 ? 211  VAL A CA  1 
ATOM   884  C  C   . VAL A 1 118 ? 3.702   6.580   1.612   1.00 21.22 ? 211  VAL A C   1 
ATOM   885  O  O   . VAL A 1 118 ? 4.265   5.893   2.467   1.00 20.40 ? 211  VAL A O   1 
ATOM   886  C  CB  . VAL A 1 118 ? 1.615   6.905   0.222   1.00 20.65 ? 211  VAL A CB  1 
ATOM   887  C  CG1 . VAL A 1 118 ? 0.839   6.352   -0.927  1.00 20.44 ? 211  VAL A CG1 1 
ATOM   888  C  CG2 . VAL A 1 118 ? 0.673   7.146   1.413   1.00 19.46 ? 211  VAL A CG2 1 
ATOM   889  N  N   . LYS A 1 119 ? 3.974   7.874   1.486   1.00 21.79 ? 212  LYS A N   1 
ATOM   890  C  CA  . LYS A 1 119 ? 4.882   8.507   2.430   1.00 23.11 ? 212  LYS A CA  1 
ATOM   891  C  C   . LYS A 1 119 ? 4.177   9.556   3.270   1.00 22.77 ? 212  LYS A C   1 
ATOM   892  O  O   . LYS A 1 119 ? 3.012   9.824   3.064   1.00 21.92 ? 212  LYS A O   1 
ATOM   893  C  CB  . LYS A 1 119 ? 6.061   9.166   1.710   1.00 24.11 ? 212  LYS A CB  1 
ATOM   894  C  CG  . LYS A 1 119 ? 5.711   10.197  0.741   1.00 27.05 ? 212  LYS A CG  1 
ATOM   895  C  CD  . LYS A 1 119 ? 6.958   11.027  0.434   1.00 31.97 ? 212  LYS A CD  1 
ATOM   896  C  CE  . LYS A 1 119 ? 7.271   11.087  -1.033  1.00 29.43 ? 212  LYS A CE  1 
ATOM   897  N  NZ  . LYS A 1 119 ? 8.572   11.859  -1.235  1.00 26.18 ? 212  LYS A NZ  1 
ATOM   898  N  N   . HIS A 1 120 ? 4.902   10.173  4.197   1.00 23.89 ? 213  HIS A N   1 
ATOM   899  C  CA  . HIS A 1 120 ? 4.242   10.994  5.219   1.00 24.59 ? 213  HIS A CA  1 
ATOM   900  C  C   . HIS A 1 120 ? 3.663   12.313  4.743   1.00 24.62 ? 213  HIS A C   1 
ATOM   901  O  O   . HIS A 1 120 ? 2.875   12.922  5.447   1.00 24.78 ? 213  HIS A O   1 
ATOM   902  C  CB  . HIS A 1 120 ? 5.186   11.261  6.388   1.00 25.41 ? 213  HIS A CB  1 
ATOM   903  C  CG  . HIS A 1 120 ? 6.313   12.184  6.056   1.00 27.36 ? 213  HIS A CG  1 
ATOM   904  N  ND1 . HIS A 1 120 ? 7.397   11.788  5.308   1.00 30.74 ? 213  HIS A ND1 1 
ATOM   905  C  CD2 . HIS A 1 120 ? 6.528   13.484  6.375   1.00 33.33 ? 213  HIS A CD2 1 
ATOM   906  C  CE1 . HIS A 1 120 ? 8.237   12.802  5.183   1.00 33.37 ? 213  HIS A CE1 1 
ATOM   907  N  NE2 . HIS A 1 120 ? 7.729   13.846  5.810   1.00 30.76 ? 213  HIS A NE2 1 
ATOM   908  N  N   . THR A 1 121 ? 4.038   12.752  3.555   1.00 24.35 ? 214  THR A N   1 
ATOM   909  C  CA  . THR A 1 121 ? 3.535   14.014  3.025   1.00 23.77 ? 214  THR A CA  1 
ATOM   910  C  C   . THR A 1 121 ? 2.391   13.798  2.076   1.00 23.05 ? 214  THR A C   1 
ATOM   911  O  O   . THR A 1 121 ? 1.769   14.767  1.579   1.00 22.57 ? 214  THR A O   1 
ATOM   912  C  CB  . THR A 1 121 ? 4.678   14.713  2.253   1.00 24.35 ? 214  THR A CB  1 
ATOM   913  O  OG1 . THR A 1 121 ? 5.325   13.753  1.394   1.00 24.22 ? 214  THR A OG1 1 
ATOM   914  C  CG2 . THR A 1 121 ? 5.784   15.152  3.220   1.00 25.37 ? 214  THR A CG2 1 
ATOM   915  N  N   . THR A 1 122 ? 2.089   12.530  1.791   1.00 20.97 ? 215  THR A N   1 
ATOM   916  C  CA  . THR A 1 122 ? 1.147   12.249  0.721   1.00 20.28 ? 215  THR A CA  1 
ATOM   917  C  C   . THR A 1 122 ? -0.284  12.752  0.916   1.00 20.66 ? 215  THR A C   1 
ATOM   918  O  O   . THR A 1 122 ? -0.890  13.268  -0.013  1.00 20.33 ? 215  THR A O   1 
ATOM   919  C  CB  . THR A 1 122 ? 1.148   10.739  0.413   1.00 19.56 ? 215  THR A CB  1 
ATOM   920  O  OG1 . THR A 1 122 ? 2.474   10.345  0.051   1.00 19.03 ? 215  THR A OG1 1 
ATOM   921  C  CG2 . THR A 1 122 ? 0.281   10.465  -0.796  1.00 19.25 ? 215  THR A CG2 1 
ATOM   922  N  N   . VAL A 1 123 ? -0.838  12.605  2.112   1.00 21.28 ? 216  VAL A N   1 
ATOM   923  C  CA  . VAL A 1 123 ? -2.227  12.985  2.321   1.00 22.48 ? 216  VAL A CA  1 
ATOM   924  C  C   . VAL A 1 123 ? -2.297  14.524  2.257   1.00 23.32 ? 216  VAL A C   1 
ATOM   925  O  O   . VAL A 1 123 ? -3.116  15.103  1.557   1.00 22.81 ? 216  VAL A O   1 
ATOM   926  C  CB  . VAL A 1 123 ? -2.753  12.437  3.607   1.00 22.45 ? 216  VAL A CB  1 
ATOM   927  C  CG1 . VAL A 1 123 ? -4.160  12.975  3.876   1.00 24.12 ? 216  VAL A CG1 1 
ATOM   928  C  CG2 . VAL A 1 123 ? -2.788  10.893  3.524   1.00 23.49 ? 216  VAL A CG2 1 
ATOM   929  N  N   . GLN A 1 124 ? -1.368  15.154  2.931   1.00 24.69 ? 217  GLN A N   1 
ATOM   930  C  CA  . GLN A 1 124 ? -1.301  16.608  2.946   1.00 26.36 ? 217  GLN A CA  1 
ATOM   931  C  C   . GLN A 1 124 ? -1.140  17.164  1.551   1.00 26.37 ? 217  GLN A C   1 
ATOM   932  O  O   . GLN A 1 124 ? -1.754  18.162  1.189   1.00 26.22 ? 217  GLN A O   1 
ATOM   933  C  CB  . GLN A 1 124 ? -0.104  17.019  3.770   1.00 27.30 ? 217  GLN A CB  1 
ATOM   934  C  CG  . GLN A 1 124 ? 0.205   18.515  3.801   1.00 32.68 ? 217  GLN A CG  1 
ATOM   935  C  CD  . GLN A 1 124 ? -0.313  19.145  5.060   1.00 37.90 ? 217  GLN A CD  1 
ATOM   936  O  OE1 . GLN A 1 124 ? 0.442   19.346  6.035   1.00 43.56 ? 217  GLN A OE1 1 
ATOM   937  N  NE2 . GLN A 1 124 ? -1.604  19.423  5.075   1.00 41.15 ? 217  GLN A NE2 1 
ATOM   938  N  N   . GLU A 1 125 ? -0.278  16.538  0.764   1.00 25.02 ? 218  GLU A N   1 
ATOM   939  C  CA  . GLU A 1 125 ? 0.003   17.065  -0.557  1.00 24.81 ? 218  GLU A CA  1 
ATOM   940  C  C   . GLU A 1 125 ? -1.151  16.940  -1.518  1.00 24.01 ? 218  GLU A C   1 
ATOM   941  O  O   . GLU A 1 125 ? -1.362  17.788  -2.394  1.00 25.25 ? 218  GLU A O   1 
ATOM   942  C  CB  . GLU A 1 125 ? 1.225   16.360  -1.111  1.00 23.96 ? 218  GLU A CB  1 
ATOM   943  C  CG  . GLU A 1 125 ? 1.650   16.870  -2.462  1.00 25.34 ? 218  GLU A CG  1 
ATOM   944  C  CD  . GLU A 1 125 ? 2.981   16.290  -2.887  1.00 23.67 ? 218  GLU A CD  1 
ATOM   945  O  OE1 . GLU A 1 125 ? 3.957   16.460  -2.135  1.00 22.52 ? 218  GLU A OE1 1 
ATOM   946  O  OE2 . GLU A 1 125 ? 3.025   15.697  -3.980  1.00 25.53 ? 218  GLU A OE2 1 
ATOM   947  N  N   . ASN A 1 126 ? -1.930  15.892  -1.361  1.00 22.93 ? 219  ASN A N   1 
ATOM   948  C  CA  . ASN A 1 126 ? -2.969  15.603  -2.311  1.00 22.98 ? 219  ASN A CA  1 
ATOM   949  C  C   . ASN A 1 126 ? -4.411  15.833  -1.872  1.00 24.14 ? 219  ASN A C   1 
ATOM   950  O  O   . ASN A 1 126 ? -5.282  15.868  -2.729  1.00 23.90 ? 219  ASN A O   1 
ATOM   951  C  CB  . ASN A 1 126 ? -2.834  14.153  -2.798  1.00 23.33 ? 219  ASN A CB  1 
ATOM   952  C  CG  . ASN A 1 126 ? -1.558  13.915  -3.563  1.00 20.96 ? 219  ASN A CG  1 
ATOM   953  O  OD1 . ASN A 1 126 ? -1.464  14.237  -4.748  1.00 21.81 ? 219  ASN A OD1 1 
ATOM   954  N  ND2 . ASN A 1 126 ? -0.563  13.372  -2.893  1.00 20.79 ? 219  ASN A ND2 1 
ATOM   955  N  N   . ALA A 1 127 ? -4.671  15.960  -0.571  1.00 25.78 ? 220  ALA A N   1 
ATOM   956  C  CA  . ALA A 1 127 ? -6.047  16.148  -0.084  1.00 27.36 ? 220  ALA A CA  1 
ATOM   957  C  C   . ALA A 1 127 ? -6.009  16.986  1.182   1.00 28.35 ? 220  ALA A C   1 
ATOM   958  O  O   . ALA A 1 127 ? -6.517  16.562  2.194   1.00 28.38 ? 220  ALA A O   1 
ATOM   959  C  CB  . ALA A 1 127 ? -6.699  14.773  0.239   1.00 27.63 ? 220  ALA A CB  1 
ATOM   960  N  N   . PRO A 1 128 ? -5.400  18.156  1.146   1.00 29.61 ? 221  PRO A N   1 
ATOM   961  C  CA  . PRO A 1 128 ? -5.133  18.882  2.388   1.00 31.84 ? 221  PRO A CA  1 
ATOM   962  C  C   . PRO A 1 128 ? -6.417  19.228  3.122   1.00 33.00 ? 221  PRO A C   1 
ATOM   963  O  O   . PRO A 1 128 ? -6.389  19.285  4.337   1.00 34.35 ? 221  PRO A O   1 
ATOM   964  C  CB  . PRO A 1 128 ? -4.352  20.119  1.925   1.00 31.39 ? 221  PRO A CB  1 
ATOM   965  C  CG  . PRO A 1 128 ? -4.809  20.312  0.501   1.00 30.97 ? 221  PRO A CG  1 
ATOM   966  C  CD  . PRO A 1 128 ? -4.959  18.911  -0.038  1.00 30.55 ? 221  PRO A CD  1 
ATOM   967  N  N   . GLU A 1 129 ? -7.529  19.383  2.424   1.00 35.15 ? 222  GLU A N   1 
ATOM   968  C  CA  . GLU A 1 129 ? -8.784  19.718  3.115   1.00 37.59 ? 222  GLU A CA  1 
ATOM   969  C  C   . GLU A 1 129 ? -9.555  18.488  3.562   1.00 37.27 ? 222  GLU A C   1 
ATOM   970  O  O   . GLU A 1 129 ? -10.641 18.610  4.128   1.00 36.92 ? 222  GLU A O   1 
ATOM   971  C  CB  . GLU A 1 129 ? -9.676  20.593  2.234   1.00 38.37 ? 222  GLU A CB  1 
ATOM   972  C  CG  . GLU A 1 129 ? -9.525  22.062  2.583   1.00 44.27 ? 222  GLU A CG  1 
ATOM   973  C  CD  . GLU A 1 129 ? -10.362 22.973  1.708   1.00 49.07 ? 222  GLU A CD  1 
ATOM   974  O  OE1 . GLU A 1 129 ? -9.886  23.337  0.600   1.00 51.44 ? 222  GLU A OE1 1 
ATOM   975  O  OE2 . GLU A 1 129 ? -11.495 23.315  2.136   1.00 53.31 ? 222  GLU A OE2 1 
ATOM   976  N  N   . GLU A 1 130 ? -8.973  17.312  3.348   1.00 37.02 ? 223  GLU A N   1 
ATOM   977  C  CA  . GLU A 1 130 ? -9.633  16.073  3.700   1.00 37.38 ? 223  GLU A CA  1 
ATOM   978  C  C   . GLU A 1 130 ? -8.765  15.206  4.611   1.00 36.58 ? 223  GLU A C   1 
ATOM   979  O  O   . GLU A 1 130 ? -9.070  14.041  4.802   1.00 35.23 ? 223  GLU A O   1 
ATOM   980  C  CB  . GLU A 1 130 ? -10.033 15.317  2.422   1.00 37.91 ? 223  GLU A CB  1 
ATOM   981  C  CG  . GLU A 1 130 ? -10.897 16.162  1.495   1.00 41.97 ? 223  GLU A CG  1 
ATOM   982  C  CD  . GLU A 1 130 ? -11.273 15.498  0.181   1.00 46.96 ? 223  GLU A CD  1 
ATOM   983  O  OE1 . GLU A 1 130 ? -10.408 14.897  -0.486  1.00 49.36 ? 223  GLU A OE1 1 
ATOM   984  O  OE2 . GLU A 1 130 ? -12.462 15.606  -0.218  1.00 53.84 ? 223  GLU A OE2 1 
ATOM   985  N  N   . LYS A 1 131 ? -7.727  15.771  5.223   1.00 36.56 ? 224  LYS A N   1 
ATOM   986  C  CA  . LYS A 1 131 ? -6.825  14.973  6.053   1.00 37.46 ? 224  LYS A CA  1 
ATOM   987  C  C   . LYS A 1 131 ? -7.523  14.227  7.177   1.00 37.00 ? 224  LYS A C   1 
ATOM   988  O  O   . LYS A 1 131 ? -7.113  13.134  7.571   1.00 36.47 ? 224  LYS A O   1 
ATOM   989  C  CB  . LYS A 1 131 ? -5.751  15.839  6.684   1.00 38.09 ? 224  LYS A CB  1 
ATOM   990  C  CG  . LYS A 1 131 ? -4.718  16.288  5.716   1.00 40.97 ? 224  LYS A CG  1 
ATOM   991  C  CD  . LYS A 1 131 ? -4.029  17.565  6.218   1.00 44.96 ? 224  LYS A CD  1 
ATOM   992  C  CE  . LYS A 1 131 ? -3.238  17.314  7.495   1.00 45.12 ? 224  LYS A CE  1 
ATOM   993  N  NZ  . LYS A 1 131 ? -2.478  18.510  7.973   1.00 46.27 ? 224  LYS A NZ  1 
ATOM   994  N  N   . ASP A 1 132 ? -8.574  14.826  7.712   1.00 36.63 ? 225  ASP A N   1 
ATOM   995  C  CA  . ASP A 1 132 ? -9.264  14.237  8.844   1.00 36.64 ? 225  ASP A CA  1 
ATOM   996  C  C   . ASP A 1 132 ? -10.089 13.024  8.470   1.00 34.64 ? 225  ASP A C   1 
ATOM   997  O  O   . ASP A 1 132 ? -10.624 12.357  9.349   1.00 35.25 ? 225  ASP A O   1 
ATOM   998  C  CB  . ASP A 1 132 ? -10.193 15.276  9.473   1.00 37.92 ? 225  ASP A CB  1 
ATOM   999  C  CG  . ASP A 1 132 ? -11.328 15.657  8.549   1.00 41.80 ? 225  ASP A CG  1 
ATOM   1000 O  OD1 . ASP A 1 132 ? -11.071 15.758  7.321   1.00 47.60 ? 225  ASP A OD1 1 
ATOM   1001 O  OD2 . ASP A 1 132 ? -12.507 15.862  8.933   1.00 48.14 ? 225  ASP A OD2 1 
ATOM   1002 N  N   . GLU A 1 133 ? -10.218 12.741  7.180   1.00 31.92 ? 226  GLU A N   1 
ATOM   1003 C  CA  . GLU A 1 133 ? -10.949 11.575  6.734   1.00 30.25 ? 226  GLU A CA  1 
ATOM   1004 C  C   . GLU A 1 133 ? -10.045 10.318  6.681   1.00 27.74 ? 226  GLU A C   1 
ATOM   1005 O  O   . GLU A 1 133 ? -10.534 9.226   6.432   1.00 26.30 ? 226  GLU A O   1 
ATOM   1006 C  CB  . GLU A 1 133 ? -11.550 11.826  5.361   1.00 31.00 ? 226  GLU A CB  1 
ATOM   1007 C  CG  . GLU A 1 133 ? -12.591 12.941  5.346   1.00 34.15 ? 226  GLU A CG  1 
ATOM   1008 C  CD  . GLU A 1 133 ? -13.184 13.194  3.969   1.00 37.32 ? 226  GLU A CD  1 
ATOM   1009 O  OE1 . GLU A 1 133 ? -13.159 12.293  3.105   1.00 39.10 ? 226  GLU A OE1 1 
ATOM   1010 O  OE2 . GLU A 1 133 ? -13.681 14.323  3.747   1.00 44.18 ? 226  GLU A OE2 1 
ATOM   1011 N  N   . TYR A 1 134 ? -8.757  10.503  6.940   1.00 25.81 ? 227  TYR A N   1 
ATOM   1012 C  CA  . TYR A 1 134 ? -7.765  9.416   6.898   1.00 24.60 ? 227  TYR A CA  1 
ATOM   1013 C  C   . TYR A 1 134 ? -7.007  9.253   8.204   1.00 24.68 ? 227  TYR A C   1 
ATOM   1014 O  O   . TYR A 1 134 ? -6.979  10.137  9.073   1.00 24.58 ? 227  TYR A O   1 
ATOM   1015 C  CB  . TYR A 1 134 ? -6.751  9.704   5.780   1.00 24.07 ? 227  TYR A CB  1 
ATOM   1016 C  CG  . TYR A 1 134 ? -7.445  9.848   4.472   1.00 23.43 ? 227  TYR A CG  1 
ATOM   1017 C  CD1 . TYR A 1 134 ? -7.740  8.728   3.704   1.00 22.73 ? 227  TYR A CD1 1 
ATOM   1018 C  CD2 . TYR A 1 134 ? -7.924  11.083  4.044   1.00 24.06 ? 227  TYR A CD2 1 
ATOM   1019 C  CE1 . TYR A 1 134 ? -8.400  8.844   2.542   1.00 23.78 ? 227  TYR A CE1 1 
ATOM   1020 C  CE2 . TYR A 1 134 ? -8.620  11.194  2.873   1.00 23.72 ? 227  TYR A CE2 1 
ATOM   1021 C  CZ  . TYR A 1 134 ? -8.843  10.079  2.118   1.00 25.23 ? 227  TYR A CZ  1 
ATOM   1022 O  OH  . TYR A 1 134 ? -9.555  10.155  0.939   1.00 25.41 ? 227  TYR A OH  1 
ATOM   1023 N  N   . GLU A 1 135 ? -6.357  8.118   8.361   1.00 23.62 ? 228  GLU A N   1 
ATOM   1024 C  CA  . GLU A 1 135 ? -5.503  7.946   9.500   1.00 23.57 ? 228  GLU A CA  1 
ATOM   1025 C  C   . GLU A 1 135 ? -4.459  6.943   9.079   1.00 22.40 ? 228  GLU A C   1 
ATOM   1026 O  O   . GLU A 1 135 ? -4.455  6.469   7.924   1.00 21.31 ? 228  GLU A O   1 
ATOM   1027 C  CB  . GLU A 1 135 ? -6.303  7.596   10.779  1.00 24.68 ? 228  GLU A CB  1 
ATOM   1028 C  CG  . GLU A 1 135 ? -7.192  6.416   10.656  1.00 26.83 ? 228  GLU A CG  1 
ATOM   1029 C  CD  . GLU A 1 135 ? -8.157  6.253   11.814  1.00 29.37 ? 228  GLU A CD  1 
ATOM   1030 O  OE1 . GLU A 1 135 ? -8.049  6.981   12.843  1.00 29.89 ? 228  GLU A OE1 1 
ATOM   1031 O  OE2 . GLU A 1 135 ? -9.027  5.375   11.662  1.00 25.49 ? 228  GLU A OE2 1 
ATOM   1032 N  N   . LEU A 1 136 ? -3.561  6.659   9.979   1.00 21.72 ? 229  LEU A N   1 
ATOM   1033 C  CA  . LEU A 1 136 ? -2.460  5.794   9.687   1.00 22.64 ? 229  LEU A CA  1 
ATOM   1034 C  C   . LEU A 1 136 ? -2.530  4.544   10.520  1.00 22.57 ? 229  LEU A C   1 
ATOM   1035 O  O   . LEU A 1 136 ? -2.997  4.554   11.667  1.00 22.47 ? 229  LEU A O   1 
ATOM   1036 C  CB  . LEU A 1 136 ? -1.156  6.507   9.952   1.00 21.85 ? 229  LEU A CB  1 
ATOM   1037 C  CG  . LEU A 1 136 ? -0.984  7.926   9.452   1.00 23.12 ? 229  LEU A CG  1 
ATOM   1038 C  CD1 . LEU A 1 136 ? 0.324   8.458   9.969   1.00 22.72 ? 229  LEU A CD1 1 
ATOM   1039 C  CD2 . LEU A 1 136 ? -1.053  7.972   7.932   1.00 23.88 ? 229  LEU A CD2 1 
ATOM   1040 N  N   . LEU A 1 137 ? -2.019  3.479   9.920   1.00 23.04 ? 230  LEU A N   1 
ATOM   1041 C  CA  . LEU A 1 137 ? -1.919  2.171   10.526  1.00 23.53 ? 230  LEU A CA  1 
ATOM   1042 C  C   . LEU A 1 137 ? -0.521  2.016   11.115  1.00 24.46 ? 230  LEU A C   1 
ATOM   1043 O  O   . LEU A 1 137 ? 0.471   1.989   10.379  1.00 25.32 ? 230  LEU A O   1 
ATOM   1044 C  CB  . LEU A 1 137 ? -2.073  1.090   9.445   1.00 22.98 ? 230  LEU A CB  1 
ATOM   1045 C  CG  . LEU A 1 137 ? -3.405  0.538   9.010   1.00 25.81 ? 230  LEU A CG  1 
ATOM   1046 C  CD1 . LEU A 1 137 ? -3.153  -0.787  8.229   1.00 25.16 ? 230  LEU A CD1 1 
ATOM   1047 C  CD2 . LEU A 1 137 ? -4.336  0.299   10.167  1.00 27.42 ? 230  LEU A CD2 1 
ATOM   1048 N  N   . CYS A 1 138 ? -0.446  1.881   12.428  1.00 25.32 ? 231  CYS A N   1 
ATOM   1049 C  CA  . CYS A 1 138 ? 0.820   1.763   13.132  1.00 26.00 ? 231  CYS A CA  1 
ATOM   1050 C  C   . CYS A 1 138 ? 1.285   0.337   13.272  1.00 27.42 ? 231  CYS A C   1 
ATOM   1051 O  O   . CYS A 1 138 ? 0.485   -0.589  13.286  1.00 27.69 ? 231  CYS A O   1 
ATOM   1052 C  CB  . CYS A 1 138 ? 0.666   2.379   14.524  1.00 25.91 ? 231  CYS A CB  1 
ATOM   1053 S  SG  . CYS A 1 138 ? -0.173  3.966   14.456  1.00 25.37 ? 231  CYS A SG  1 
ATOM   1054 N  N   . LEU A 1 139 ? 2.585   0.152   13.449  1.00 28.44 ? 232  LEU A N   1 
ATOM   1055 C  CA  . LEU A 1 139 ? 3.144   -1.187  13.609  1.00 29.58 ? 232  LEU A CA  1 
ATOM   1056 C  C   . LEU A 1 139 ? 2.743   -1.838  14.942  1.00 30.54 ? 232  LEU A C   1 
ATOM   1057 O  O   . LEU A 1 139 ? 2.807   -3.054  15.089  1.00 31.15 ? 232  LEU A O   1 
ATOM   1058 C  CB  . LEU A 1 139 ? 4.666   -1.144  13.502  1.00 30.27 ? 232  LEU A CB  1 
ATOM   1059 C  CG  . LEU A 1 139 ? 5.294   -0.916  12.122  1.00 32.04 ? 232  LEU A CG  1 
ATOM   1060 C  CD1 . LEU A 1 139 ? 6.827   -0.857  12.267  1.00 35.46 ? 232  LEU A CD1 1 
ATOM   1061 C  CD2 . LEU A 1 139 ? 4.944   -1.975  11.133  1.00 31.91 ? 232  LEU A CD2 1 
ATOM   1062 N  N   . ASP A 1 140 ? 2.311   -1.032  15.902  1.00 31.73 ? 233  ASP A N   1 
ATOM   1063 C  CA  . ASP A 1 140 ? 1.955   -1.554  17.211  1.00 32.29 ? 233  ASP A CA  1 
ATOM   1064 C  C   . ASP A 1 140 ? 0.475   -1.926  17.364  1.00 31.53 ? 233  ASP A C   1 
ATOM   1065 O  O   . ASP A 1 140 ? 0.002   -2.146  18.477  1.00 31.90 ? 233  ASP A O   1 
ATOM   1066 C  CB  . ASP A 1 140 ? 2.350   -0.554  18.292  1.00 33.00 ? 233  ASP A CB  1 
ATOM   1067 C  CG  . ASP A 1 140 ? 1.528   0.712   18.244  1.00 34.95 ? 233  ASP A CG  1 
ATOM   1068 O  OD1 . ASP A 1 140 ? 0.673   0.879   17.331  1.00 36.15 ? 233  ASP A OD1 1 
ATOM   1069 O  OD2 . ASP A 1 140 ? 1.672   1.618   19.090  1.00 38.82 ? 233  ASP A OD2 1 
ATOM   1070 N  N   . GLY A 1 141 ? -0.267  -1.985  16.268  1.00 29.84 ? 234  GLY A N   1 
ATOM   1071 C  CA  . GLY A 1 141 ? -1.644  -2.416  16.331  1.00 28.29 ? 234  GLY A CA  1 
ATOM   1072 C  C   . GLY A 1 141 ? -2.680  -1.346  16.627  1.00 27.30 ? 234  GLY A C   1 
ATOM   1073 O  O   . GLY A 1 141 ? -3.793  -1.678  16.971  1.00 27.41 ? 234  GLY A O   1 
ATOM   1074 N  N   . THR A 1 142 ? -2.328  -0.077  16.487  1.00 26.09 ? 235  THR A N   1 
ATOM   1075 C  CA  . THR A 1 142 ? -3.278  1.005   16.676  1.00 25.62 ? 235  THR A CA  1 
ATOM   1076 C  C   . THR A 1 142 ? -3.337  1.779   15.374  1.00 25.51 ? 235  THR A C   1 
ATOM   1077 O  O   . THR A 1 142 ? -2.662  1.432   14.400  1.00 25.03 ? 235  THR A O   1 
ATOM   1078 C  CB  . THR A 1 142 ? -2.792  1.986   17.761  1.00 26.04 ? 235  THR A CB  1 
ATOM   1079 O  OG1 . THR A 1 142 ? -1.515  2.505   17.394  1.00 25.87 ? 235  THR A OG1 1 
ATOM   1080 C  CG2 . THR A 1 142 ? -2.561  1.286   19.102  1.00 27.35 ? 235  THR A CG2 1 
ATOM   1081 N  N   . ARG A 1 143 ? -4.126  2.838   15.406  1.00 25.67 ? 236  ARG A N   1 
ATOM   1082 C  CA  . ARG A 1 143 ? -4.241  3.816   14.352  1.00 25.91 ? 236  ARG A CA  1 
ATOM   1083 C  C   . ARG A 1 143 ? -3.962  5.168   14.999  1.00 27.95 ? 236  ARG A C   1 
ATOM   1084 O  O   . ARG A 1 143 ? -4.330  5.382   16.163  1.00 27.89 ? 236  ARG A O   1 
ATOM   1085 C  CB  . ARG A 1 143 ? -5.653  3.811   13.779  1.00 25.93 ? 236  ARG A CB  1 
ATOM   1086 C  CG  . ARG A 1 143 ? -5.919  2.672   12.762  1.00 23.09 ? 236  ARG A CG  1 
ATOM   1087 C  CD  . ARG A 1 143 ? -7.385  2.563   12.407  1.00 24.29 ? 236  ARG A CD  1 
ATOM   1088 N  NE  . ARG A 1 143 ? -7.677  1.523   11.434  1.00 24.85 ? 236  ARG A NE  1 
ATOM   1089 C  CZ  . ARG A 1 143 ? -8.393  1.727   10.335  1.00 21.63 ? 236  ARG A CZ  1 
ATOM   1090 N  NH1 . ARG A 1 143 ? -8.891  2.912   10.081  1.00 23.17 ? 236  ARG A NH1 1 
ATOM   1091 N  NH2 . ARG A 1 143 ? -8.605  0.743   9.501   1.00 24.48 ? 236  ARG A NH2 1 
ATOM   1092 N  N   . GLN A 1 144 ? -3.303  6.063   14.262  1.00 28.20 ? 237  GLN A N   1 
ATOM   1093 C  CA  . GLN A 1 144 ? -3.064  7.425   14.728  1.00 28.84 ? 237  GLN A CA  1 
ATOM   1094 C  C   . GLN A 1 144 ? -3.351  8.407   13.585  1.00 28.99 ? 237  GLN A C   1 
ATOM   1095 O  O   . GLN A 1 144 ? -3.462  8.011   12.412  1.00 28.46 ? 237  GLN A O   1 
ATOM   1096 C  CB  . GLN A 1 144 ? -1.628  7.590   15.249  1.00 29.15 ? 237  GLN A CB  1 
ATOM   1097 C  CG  . GLN A 1 144 ? -1.291  6.818   16.544  1.00 32.31 ? 237  GLN A CG  1 
ATOM   1098 C  CD  . GLN A 1 144 ? 0.127   7.145   17.063  1.00 35.84 ? 237  GLN A CD  1 
ATOM   1099 O  OE1 . GLN A 1 144 ? 0.763   8.077   16.586  1.00 37.98 ? 237  GLN A OE1 1 
ATOM   1100 N  NE2 . GLN A 1 144 ? 0.601   6.385   18.043  1.00 40.08 ? 237  GLN A NE2 1 
ATOM   1101 N  N   . PRO A 1 145 ? -3.523  9.682   13.918  1.00 28.58 ? 238  PRO A N   1 
ATOM   1102 C  CA  . PRO A 1 145 ? -3.784  10.701  12.901  1.00 28.36 ? 238  PRO A CA  1 
ATOM   1103 C  C   . PRO A 1 145 ? -2.647  10.847  11.886  1.00 26.52 ? 238  PRO A C   1 
ATOM   1104 O  O   . PRO A 1 145 ? -1.504  10.495  12.145  1.00 25.32 ? 238  PRO A O   1 
ATOM   1105 C  CB  . PRO A 1 145 ? -3.977  11.994  13.721  1.00 28.82 ? 238  PRO A CB  1 
ATOM   1106 C  CG  . PRO A 1 145 ? -4.333  11.508  15.106  1.00 29.33 ? 238  PRO A CG  1 
ATOM   1107 C  CD  . PRO A 1 145 ? -3.545  10.232  15.289  1.00 29.87 ? 238  PRO A CD  1 
ATOM   1108 N  N   . VAL A 1 146 ? -3.010  11.361  10.725  1.00 27.16 ? 239  VAL A N   1 
ATOM   1109 C  CA  . VAL A 1 146 ? -2.093  11.559  9.605   1.00 27.16 ? 239  VAL A CA  1 
ATOM   1110 C  C   . VAL A 1 146 ? -0.893  12.393  10.019  1.00 28.56 ? 239  VAL A C   1 
ATOM   1111 O  O   . VAL A 1 146 ? 0.224   12.084  9.642   1.00 26.27 ? 239  VAL A O   1 
ATOM   1112 C  CB  . VAL A 1 146 ? -2.854  12.202  8.441   1.00 27.48 ? 239  VAL A CB  1 
ATOM   1113 C  CG1 . VAL A 1 146 ? -1.945  12.902  7.502   1.00 28.71 ? 239  VAL A CG1 1 
ATOM   1114 C  CG2 . VAL A 1 146 ? -3.662  11.144  7.727   1.00 26.15 ? 239  VAL A CG2 1 
ATOM   1115 N  N   . ASP A 1 147 ? -1.100  13.432  10.841  1.00 29.81 ? 240  ASP A N   1 
ATOM   1116 C  CA  . ASP A 1 147 ? 0.040   14.231  11.316  1.00 31.31 ? 240  ASP A CA  1 
ATOM   1117 C  C   . ASP A 1 147 ? 0.899   13.539  12.359  1.00 31.45 ? 240  ASP A C   1 
ATOM   1118 O  O   . ASP A 1 147 ? 1.942   14.071  12.728  1.00 31.47 ? 240  ASP A O   1 
ATOM   1119 C  CB  . ASP A 1 147 ? -0.404  15.555  11.909  1.00 32.08 ? 240  ASP A CB  1 
ATOM   1120 C  CG  . ASP A 1 147 ? -0.947  16.502  10.878  1.00 34.36 ? 240  ASP A CG  1 
ATOM   1121 O  OD1 . ASP A 1 147 ? -0.567  16.430  9.690   1.00 37.33 ? 240  ASP A OD1 1 
ATOM   1122 O  OD2 . ASP A 1 147 ? -1.795  17.358  11.154  1.00 41.23 ? 240  ASP A OD2 1 
ATOM   1123 N  N   . SER A 1 148 ? 0.501   12.367  12.837  1.00 31.85 ? 241  SER A N   1 
ATOM   1124 C  CA  . SER A 1 148 ? 1.303   11.654  13.841  1.00 32.56 ? 241  SER A CA  1 
ATOM   1125 C  C   . SER A 1 148 ? 2.290   10.651  13.250  1.00 32.54 ? 241  SER A C   1 
ATOM   1126 O  O   . SER A 1 148 ? 2.692   9.719   13.922  1.00 32.55 ? 241  SER A O   1 
ATOM   1127 C  CB  . SER A 1 148 ? 0.389   10.919  14.832  1.00 33.18 ? 241  SER A CB  1 
ATOM   1128 O  OG  . SER A 1 148 ? -0.417  11.838  15.552  1.00 35.54 ? 241  SER A OG  1 
ATOM   1129 N  N   . TYR A 1 149 ? 2.723   10.857  12.007  1.00 32.71 ? 242  TYR A N   1 
ATOM   1130 C  CA  . TYR A 1 149 ? 3.630   9.909   11.350  1.00 32.28 ? 242  TYR A CA  1 
ATOM   1131 C  C   . TYR A 1 149 ? 4.928   9.634   12.092  1.00 32.97 ? 242  TYR A C   1 
ATOM   1132 O  O   . TYR A 1 149 ? 5.486   8.546   11.999  1.00 31.73 ? 242  TYR A O   1 
ATOM   1133 C  CB  . TYR A 1 149 ? 3.949   10.381  9.933   1.00 32.23 ? 242  TYR A CB  1 
ATOM   1134 C  CG  . TYR A 1 149 ? 4.543   11.758  9.891   1.00 32.97 ? 242  TYR A CG  1 
ATOM   1135 C  CD1 . TYR A 1 149 ? 5.901   11.959  10.071  1.00 33.49 ? 242  TYR A CD1 1 
ATOM   1136 C  CD2 . TYR A 1 149 ? 3.725   12.865  9.731   1.00 32.73 ? 242  TYR A CD2 1 
ATOM   1137 C  CE1 . TYR A 1 149 ? 6.431   13.245  10.051  1.00 35.34 ? 242  TYR A CE1 1 
ATOM   1138 C  CE2 . TYR A 1 149 ? 4.240   14.138  9.705   1.00 35.93 ? 242  TYR A CE2 1 
ATOM   1139 C  CZ  . TYR A 1 149 ? 5.592   14.326  9.875   1.00 36.01 ? 242  TYR A CZ  1 
ATOM   1140 O  OH  . TYR A 1 149 ? 6.100   15.615  9.857   1.00 40.45 ? 242  TYR A OH  1 
ATOM   1141 N  N   . LYS A 1 150 ? 5.429   10.608  12.843  1.00 33.72 ? 243  LYS A N   1 
ATOM   1142 C  CA  . LYS A 1 150 ? 6.674   10.396  13.533  1.00 34.94 ? 243  LYS A CA  1 
ATOM   1143 C  C   . LYS A 1 150 ? 6.596   9.222   14.518  1.00 33.83 ? 243  LYS A C   1 
ATOM   1144 O  O   . LYS A 1 150 ? 7.593   8.537   14.731  1.00 34.57 ? 243  LYS A O   1 
ATOM   1145 C  CB  . LYS A 1 150 ? 7.124   11.698  14.219  1.00 35.71 ? 243  LYS A CB  1 
ATOM   1146 C  CG  . LYS A 1 150 ? 8.465   11.586  14.929  1.00 40.30 ? 243  LYS A CG  1 
ATOM   1147 C  CD  . LYS A 1 150 ? 8.788   12.909  15.629  1.00 44.48 ? 243  LYS A CD  1 
ATOM   1148 C  CE  . LYS A 1 150 ? 10.063  12.788  16.459  1.00 47.36 ? 243  LYS A CE  1 
ATOM   1149 N  NZ  . LYS A 1 150 ? 10.474  14.085  17.068  1.00 48.94 ? 243  LYS A NZ  1 
ATOM   1150 N  N   . THR A 1 151 ? 5.422   8.980   15.093  1.00 33.16 ? 244  THR A N   1 
ATOM   1151 C  CA  . THR A 1 151 ? 5.218   7.877   16.019  1.00 33.20 ? 244  THR A CA  1 
ATOM   1152 C  C   . THR A 1 151 ? 4.325   6.752   15.446  1.00 32.29 ? 244  THR A C   1 
ATOM   1153 O  O   . THR A 1 151 ? 3.842   5.869   16.187  1.00 32.06 ? 244  THR A O   1 
ATOM   1154 C  CB  . THR A 1 151 ? 4.596   8.417   17.289  1.00 33.55 ? 244  THR A CB  1 
ATOM   1155 O  OG1 . THR A 1 151 ? 3.363   9.064   16.981  1.00 34.71 ? 244  THR A OG1 1 
ATOM   1156 C  CG2 . THR A 1 151 ? 5.453   9.559   17.864  1.00 35.49 ? 244  THR A CG2 1 
ATOM   1157 N  N   . CYS A 1 152 ? 4.107   6.781   14.136  1.00 30.05 ? 245  CYS A N   1 
ATOM   1158 C  CA  . CYS A 1 152 ? 3.260   5.779   13.486  1.00 28.62 ? 245  CYS A CA  1 
ATOM   1159 C  C   . CYS A 1 152 ? 3.693   5.622   12.020  1.00 28.05 ? 245  CYS A C   1 
ATOM   1160 O  O   . CYS A 1 152 ? 2.975   5.964   11.099  1.00 27.64 ? 245  CYS A O   1 
ATOM   1161 C  CB  . CYS A 1 152 ? 1.799   6.199   13.577  1.00 27.96 ? 245  CYS A CB  1 
ATOM   1162 S  SG  . CYS A 1 152 ? 0.581   5.006   12.887  1.00 26.08 ? 245  CYS A SG  1 
ATOM   1163 N  N   . ASN A 1 153 ? 4.882   5.100   11.816  1.00 28.26 ? 246  ASN A N   1 
ATOM   1164 C  CA  . ASN A 1 153 ? 5.371   4.908   10.468  1.00 28.86 ? 246  ASN A CA  1 
ATOM   1165 C  C   . ASN A 1 153 ? 5.957   3.538   10.429  1.00 29.44 ? 246  ASN A C   1 
ATOM   1166 O  O   . ASN A 1 153 ? 6.210   2.959   11.478  1.00 29.03 ? 246  ASN A O   1 
ATOM   1167 C  CB  . ASN A 1 153 ? 6.401   5.983   10.102  1.00 28.56 ? 246  ASN A CB  1 
ATOM   1168 C  CG  . ASN A 1 153 ? 7.626   5.949   10.995  1.00 30.09 ? 246  ASN A CG  1 
ATOM   1169 O  OD1 . ASN A 1 153 ? 8.535   5.167   10.766  1.00 32.03 ? 246  ASN A OD1 1 
ATOM   1170 N  ND2 . ASN A 1 153 ? 7.648   6.793   12.010  1.00 32.79 ? 246  ASN A ND2 1 
ATOM   1171 N  N   . TRP A 1 154 ? 6.173   3.014   9.231   1.00 30.00 ? 247  TRP A N   1 
ATOM   1172 C  CA  . TRP A 1 154 ? 6.724   1.685   9.080   1.00 30.81 ? 247  TRP A CA  1 
ATOM   1173 C  C   . TRP A 1 154 ? 8.241   1.702   8.889   1.00 32.61 ? 247  TRP A C   1 
ATOM   1174 O  O   . TRP A 1 154 ? 8.895   0.671   9.027   1.00 32.46 ? 247  TRP A O   1 
ATOM   1175 C  CB  . TRP A 1 154 ? 6.066   0.991   7.914   1.00 30.77 ? 247  TRP A CB  1 
ATOM   1176 C  CG  . TRP A 1 154 ? 4.649   0.632   8.155   1.00 28.92 ? 247  TRP A CG  1 
ATOM   1177 C  CD1 . TRP A 1 154 ? 3.738   1.334   8.882   1.00 28.42 ? 247  TRP A CD1 1 
ATOM   1178 C  CD2 . TRP A 1 154 ? 3.970   -0.528  7.681   1.00 28.60 ? 247  TRP A CD2 1 
ATOM   1179 N  NE1 . TRP A 1 154 ? 2.535   0.680   8.888   1.00 28.30 ? 247  TRP A NE1 1 
ATOM   1180 C  CE2 . TRP A 1 154 ? 2.649   -0.466  8.152   1.00 26.45 ? 247  TRP A CE2 1 
ATOM   1181 C  CE3 . TRP A 1 154 ? 4.350   -1.626  6.900   1.00 28.90 ? 247  TRP A CE3 1 
ATOM   1182 C  CZ2 . TRP A 1 154 ? 1.700   -1.448  7.869   1.00 26.91 ? 247  TRP A CZ2 1 
ATOM   1183 C  CZ3 . TRP A 1 154 ? 3.404   -2.601  6.623   1.00 29.52 ? 247  TRP A CZ3 1 
ATOM   1184 C  CH2 . TRP A 1 154 ? 2.099   -2.497  7.095   1.00 28.37 ? 247  TRP A CH2 1 
ATOM   1185 N  N   . ALA A 1 155 ? 8.784   2.863   8.560   1.00 34.09 ? 248  ALA A N   1 
ATOM   1186 C  CA  . ALA A 1 155 ? 10.217  3.030   8.400   1.00 36.02 ? 248  ALA A CA  1 
ATOM   1187 C  C   . ALA A 1 155 ? 10.511  4.464   8.022   1.00 37.97 ? 248  ALA A C   1 
ATOM   1188 O  O   . ALA A 1 155 ? 9.660   5.181   7.491   1.00 36.99 ? 248  ALA A O   1 
ATOM   1189 C  CB  . ALA A 1 155 ? 10.754  2.105   7.324   1.00 35.93 ? 248  ALA A CB  1 
ATOM   1190 N  N   . ARG A 1 156 ? 11.724  4.895   8.311   1.00 40.44 ? 249  ARG A N   1 
ATOM   1191 C  CA  . ARG A 1 156 ? 12.155  6.209   7.895   1.00 42.89 ? 249  ARG A CA  1 
ATOM   1192 C  C   . ARG A 1 156 ? 13.086  5.928   6.737   1.00 43.91 ? 249  ARG A C   1 
ATOM   1193 O  O   . ARG A 1 156 ? 14.032  5.166   6.910   1.00 43.45 ? 249  ARG A O   1 
ATOM   1194 C  CB  . ARG A 1 156 ? 12.892  6.913   9.007   1.00 43.68 ? 249  ARG A CB  1 
ATOM   1195 C  CG  . ARG A 1 156 ? 13.256  8.336   8.599   1.00 47.43 ? 249  ARG A CG  1 
ATOM   1196 C  CD  . ARG A 1 156 ? 13.549  9.244   9.747   1.00 51.75 ? 249  ARG A CD  1 
ATOM   1197 N  NE  . ARG A 1 156 ? 14.953  9.626   9.815   1.00 56.10 ? 249  ARG A NE  1 
ATOM   1198 C  CZ  . ARG A 1 156 ? 15.400  10.871  9.667   1.00 58.77 ? 249  ARG A CZ  1 
ATOM   1199 N  NH1 . ARG A 1 156 ? 14.552  11.873  9.423   1.00 59.64 ? 249  ARG A NH1 1 
ATOM   1200 N  NH2 . ARG A 1 156 ? 16.707  11.115  9.765   1.00 59.76 ? 249  ARG A NH2 1 
ATOM   1201 N  N   . VAL A 1 157 ? 12.814  6.492   5.564   1.00 45.10 ? 250  VAL A N   1 
ATOM   1202 C  CA  . VAL A 1 157 ? 13.608  6.175   4.390   1.00 46.03 ? 250  VAL A CA  1 
ATOM   1203 C  C   . VAL A 1 157 ? 14.608  7.297   4.115   1.00 46.74 ? 250  VAL A C   1 
ATOM   1204 O  O   . VAL A 1 157 ? 14.545  8.374   4.729   1.00 47.19 ? 250  VAL A O   1 
ATOM   1205 C  CB  . VAL A 1 157 ? 12.701  5.983   3.174   1.00 46.30 ? 250  VAL A CB  1 
ATOM   1206 C  CG1 . VAL A 1 157 ? 13.487  5.458   1.970   1.00 47.00 ? 250  VAL A CG1 1 
ATOM   1207 C  CG2 . VAL A 1 157 ? 11.559  5.058   3.518   1.00 46.56 ? 250  VAL A CG2 1 
HETATM 1208 C  C   . CO3 B 2 .   ? 7.887   4.845   -3.364  1.00 25.72 ? 1251 CO3 A C   1 
HETATM 1209 O  O1  . CO3 B 2 .   ? 6.860   4.096   -3.160  1.00 24.54 ? 1251 CO3 A O1  1 
HETATM 1210 O  O2  . CO3 B 2 .   ? 8.742   5.075   -2.410  1.00 26.75 ? 1251 CO3 A O2  1 
HETATM 1211 O  O3  . CO3 B 2 .   ? 8.054   5.363   -4.536  1.00 27.42 ? 1251 CO3 A O3  1 
HETATM 1212 N  N   . NTA C 3 .   ? 12.094  6.999   -5.082  1.00 43.50 ? 1252 NTA A N   1 
HETATM 1213 C  C6  . NTA C 3 .   ? 11.729  8.056   -5.994  1.00 45.82 ? 1252 NTA A C6  1 
HETATM 1214 C  C10 . NTA C 3 .   ? 12.575  7.404   -3.791  1.00 41.48 ? 1252 NTA A C10 1 
HETATM 1215 C  CA  . NTA C 3 .   ? 12.484  5.718   -5.632  1.00 43.78 ? 1252 NTA A CA  1 
HETATM 1216 C  C7  . NTA C 3 .   ? 10.281  8.073   -6.394  1.00 45.23 ? 1252 NTA A C7  1 
HETATM 1217 O  O8  . NTA C 3 .   ? 9.576   7.088   -6.274  1.00 45.13 ? 1252 NTA A O8  1 
HETATM 1218 O  O9  . NTA C 3 .   ? 9.831   9.100   -6.854  1.00 46.18 ? 1252 NTA A O9  1 
HETATM 1219 C  C   . NTA C 3 .   ? 11.677  4.540   -5.177  1.00 42.81 ? 1252 NTA A C   1 
HETATM 1220 C  C11 . NTA C 3 .   ? 11.980  6.766   -2.561  1.00 40.47 ? 1252 NTA A C11 1 
HETATM 1221 O  O12 . NTA C 3 .   ? 10.770  6.529   -2.386  1.00 31.68 ? 1252 NTA A O12 1 
HETATM 1222 O  O13 . NTA C 3 .   ? 12.821  6.544   -1.706  1.00 39.50 ? 1252 NTA A O13 1 
HETATM 1223 O  OXT . NTA C 3 .   ? 12.066  3.441   -5.534  1.00 44.35 ? 1252 NTA A OXT 1 
HETATM 1224 O  O   . NTA C 3 .   ? 10.696  4.665   -4.475  1.00 39.45 ? 1252 NTA A O   1 
HETATM 1225 FE FE  . FE  D 4 .   ? 9.732   6.339   -3.774  1.00 34.46 ? 1253 FE  A FE  1 
HETATM 1226 O  O   . HOH E 5 .   ? 14.306  16.120  2.391   1.00 64.68 ? 2001 HOH A O   1 
HETATM 1227 O  O   . HOH E 5 .   ? 4.493   2.746   3.358   1.00 28.85 ? 2002 HOH A O   1 
HETATM 1228 O  O   . HOH E 5 .   ? -11.368 4.799   12.213  1.00 44.19 ? 2003 HOH A O   1 
HETATM 1229 O  O   . HOH E 5 .   ? -14.897 3.611   11.917  1.00 60.63 ? 2004 HOH A O   1 
HETATM 1230 O  O   . HOH E 5 .   ? -10.705 -4.278  14.517  1.00 25.17 ? 2005 HOH A O   1 
HETATM 1231 O  O   . HOH E 5 .   ? -11.250 0.201   15.835  1.00 45.62 ? 2006 HOH A O   1 
HETATM 1232 O  O   . HOH E 5 .   ? -10.321 2.154   14.414  1.00 68.44 ? 2007 HOH A O   1 
HETATM 1233 O  O   . HOH E 5 .   ? -2.790  -5.120  14.876  1.00 30.62 ? 2008 HOH A O   1 
HETATM 1234 O  O   . HOH E 5 .   ? -3.074  -10.364 8.574   1.00 37.06 ? 2009 HOH A O   1 
HETATM 1235 O  O   . HOH E 5 .   ? -6.113  -11.336 9.667   1.00 42.28 ? 2010 HOH A O   1 
HETATM 1236 O  O   . HOH E 5 .   ? -7.944  -10.670 11.793  1.00 30.31 ? 2011 HOH A O   1 
HETATM 1237 O  O   . HOH E 5 .   ? -8.500  -5.658  15.219  1.00 25.25 ? 2012 HOH A O   1 
HETATM 1238 O  O   . HOH E 5 .   ? -10.083 -9.466  5.258   1.00 32.15 ? 2013 HOH A O   1 
HETATM 1239 O  O   . HOH E 5 .   ? -7.628  -10.668 8.030   1.00 50.15 ? 2014 HOH A O   1 
HETATM 1240 O  O   . HOH E 5 .   ? -10.905 -11.085 1.793   1.00 41.65 ? 2015 HOH A O   1 
HETATM 1241 O  O   . HOH E 5 .   ? -11.430 -2.217  -2.047  1.00 43.72 ? 2016 HOH A O   1 
HETATM 1242 O  O   . HOH E 5 .   ? -2.054  2.035   -6.672  1.00 19.52 ? 2017 HOH A O   1 
HETATM 1243 O  O   . HOH E 5 .   ? 5.133   3.100   -10.339 1.00 31.28 ? 2018 HOH A O   1 
HETATM 1244 O  O   . HOH E 5 .   ? 5.648   9.212   -7.656  1.00 39.36 ? 2019 HOH A O   1 
HETATM 1245 O  O   . HOH E 5 .   ? 5.713   8.136   -10.237 1.00 35.51 ? 2020 HOH A O   1 
HETATM 1246 O  O   . HOH E 5 .   ? 12.318  -5.278  -4.363  1.00 63.08 ? 2021 HOH A O   1 
HETATM 1247 O  O   . HOH E 5 .   ? 11.365  -6.387  0.417   0.50 67.63 ? 2022 HOH A O   1 
HETATM 1248 O  O   . HOH E 5 .   ? 4.549   0.805   4.653   1.00 46.94 ? 2023 HOH A O   1 
HETATM 1249 O  O   . HOH E 5 .   ? -8.755  2.720   16.753  1.00 49.83 ? 2024 HOH A O   1 
HETATM 1250 O  O   . HOH E 5 .   ? 8.874   -1.991  9.247   1.00 43.58 ? 2025 HOH A O   1 
HETATM 1251 O  O   . HOH E 5 .   ? -0.817  -6.257  16.137  1.00 37.39 ? 2026 HOH A O   1 
HETATM 1252 O  O   . HOH E 5 .   ? -5.328  -14.176 9.526   1.00 67.34 ? 2027 HOH A O   1 
HETATM 1253 O  O   . HOH E 5 .   ? 4.057   -5.287  13.560  1.00 45.68 ? 2028 HOH A O   1 
HETATM 1254 O  O   . HOH E 5 .   ? -1.149  -8.668  8.758   1.00 33.85 ? 2029 HOH A O   1 
HETATM 1255 O  O   . HOH E 5 .   ? 10.108  -7.078  -1.423  1.00 59.42 ? 2030 HOH A O   1 
HETATM 1256 O  O   A HOH E 5 .   ? 12.269  -7.503  -0.929  0.50 72.37 ? 2031 HOH A O   1 
HETATM 1257 O  O   . HOH E 5 .   ? 0.846   -4.828  -18.104 1.00 66.29 ? 2032 HOH A O   1 
HETATM 1258 O  O   . HOH E 5 .   ? 7.212   -8.347  -18.056 1.00 46.99 ? 2033 HOH A O   1 
HETATM 1259 O  O   . HOH E 5 .   ? -14.177 2.650   3.549   1.00 53.65 ? 2034 HOH A O   1 
HETATM 1260 O  O   . HOH E 5 .   ? -7.209  -13.440 0.286   1.00 71.53 ? 2035 HOH A O   1 
HETATM 1261 O  O   . HOH E 5 .   ? 2.920   22.967  1.524   1.00 81.26 ? 2036 HOH A O   1 
HETATM 1262 O  O   . HOH E 5 .   ? -3.826  -9.028  -4.206  1.00 42.52 ? 2037 HOH A O   1 
HETATM 1263 O  O   . HOH E 5 .   ? 7.962   -3.442  -13.897 1.00 56.54 ? 2038 HOH A O   1 
HETATM 1264 O  O   . HOH E 5 .   ? 2.647   -4.345  -15.356 1.00 45.48 ? 2039 HOH A O   1 
HETATM 1265 O  O   . HOH E 5 .   ? 3.939   -9.346  -17.608 1.00 53.68 ? 2040 HOH A O   1 
HETATM 1266 O  O   . HOH E 5 .   ? 4.395   -15.126 -9.854  1.00 70.75 ? 2041 HOH A O   1 
HETATM 1267 O  O   . HOH E 5 .   ? -11.414 2.095   2.959   1.00 46.60 ? 2042 HOH A O   1 
HETATM 1268 O  O   . HOH E 5 .   ? -3.407  -13.241 -10.098 1.00 43.87 ? 2043 HOH A O   1 
HETATM 1269 O  O   . HOH E 5 .   ? -5.950  -13.532 -2.190  1.00 44.03 ? 2044 HOH A O   1 
HETATM 1270 O  O   . HOH E 5 .   ? 2.632   20.457  2.359   1.00 69.38 ? 2045 HOH A O   1 
HETATM 1271 O  O   . HOH E 5 .   ? 2.680   20.538  -0.559  1.00 47.11 ? 2046 HOH A O   1 
HETATM 1272 O  O   . HOH E 5 .   ? -11.191 -10.511 -7.277  1.00 67.78 ? 2047 HOH A O   1 
HETATM 1273 O  O   . HOH E 5 .   ? -3.786  2.476   -12.658 1.00 30.07 ? 2048 HOH A O   1 
HETATM 1274 O  O   . HOH E 5 .   ? -11.071 2.033   -14.921 1.00 51.57 ? 2049 HOH A O   1 
HETATM 1275 O  O   . HOH E 5 .   ? -8.229  6.403   -16.112 1.00 58.00 ? 2050 HOH A O   1 
HETATM 1276 O  O   . HOH E 5 .   ? -8.172  -6.904  -14.250 1.00 54.94 ? 2051 HOH A O   1 
HETATM 1277 O  O   . HOH E 5 .   ? -1.387  -3.041  -17.880 1.00 47.31 ? 2052 HOH A O   1 
HETATM 1278 O  O   . HOH E 5 .   ? 5.744   6.285   -12.325 1.00 54.12 ? 2053 HOH A O   1 
HETATM 1279 O  O   . HOH E 5 .   ? 3.337   9.744   -13.701 1.00 30.39 ? 2054 HOH A O   1 
HETATM 1280 O  O   . HOH E 5 .   ? 1.450   4.546   -22.745 1.00 69.99 ? 2055 HOH A O   1 
HETATM 1281 O  O   . HOH E 5 .   ? -4.901  9.032   -10.085 1.00 36.67 ? 2056 HOH A O   1 
HETATM 1282 O  O   . HOH E 5 .   ? 3.252   8.502   -11.292 1.00 26.87 ? 2057 HOH A O   1 
HETATM 1283 O  O   . HOH E 5 .   ? 10.196  10.274  -2.888  1.00 37.05 ? 2058 HOH A O   1 
HETATM 1284 O  O   . HOH E 5 .   ? -4.053  11.745  -5.294  1.00 38.81 ? 2059 HOH A O   1 
HETATM 1285 O  O   . HOH E 5 .   ? -10.145 8.608   -10.043 1.00 39.48 ? 2060 HOH A O   1 
HETATM 1286 O  O   . HOH E 5 .   ? -13.486 -2.282  -4.573  1.00 76.14 ? 2061 HOH A O   1 
HETATM 1287 O  O   . HOH E 5 .   ? -11.088 2.873   0.547   1.00 37.07 ? 2062 HOH A O   1 
HETATM 1288 O  O   . HOH E 5 .   ? -9.512  2.013   4.838   1.00 22.38 ? 2063 HOH A O   1 
HETATM 1289 O  O   . HOH E 5 .   ? -11.800 -5.328  1.061   1.00 36.91 ? 2064 HOH A O   1 
HETATM 1290 O  O   . HOH E 5 .   ? 0.538   10.737  4.108   1.00 23.32 ? 2065 HOH A O   1 
HETATM 1291 O  O   . HOH E 5 .   ? 8.176   16.821  6.229   1.00 53.94 ? 2066 HOH A O   1 
HETATM 1292 O  O   . HOH E 5 .   ? 2.824   17.839  2.052   1.00 48.12 ? 2067 HOH A O   1 
HETATM 1293 O  O   . HOH E 5 .   ? 3.449   12.191  -1.792  1.00 23.29 ? 2068 HOH A O   1 
HETATM 1294 O  O   . HOH E 5 .   ? 0.276   14.088  4.983   1.00 24.66 ? 2069 HOH A O   1 
HETATM 1295 O  O   . HOH E 5 .   ? -1.096  20.822  0.161   1.00 37.57 ? 2070 HOH A O   1 
HETATM 1296 O  O   . HOH E 5 .   ? 4.363   18.078  -0.039  1.00 32.73 ? 2071 HOH A O   1 
HETATM 1297 O  O   . HOH E 5 .   ? 2.306   13.098  -4.144  1.00 22.19 ? 2072 HOH A O   1 
HETATM 1298 O  O   . HOH E 5 .   ? 0.459   19.922  -2.439  1.00 47.37 ? 2073 HOH A O   1 
HETATM 1299 O  O   . HOH E 5 .   ? 5.271   14.311  -1.453  1.00 26.03 ? 2074 HOH A O   1 
HETATM 1300 O  O   . HOH E 5 .   ? -3.760  13.510  -7.061  1.00 31.35 ? 2075 HOH A O   1 
HETATM 1301 O  O   . HOH E 5 .   ? -7.836  16.925  -3.526  1.00 60.83 ? 2076 HOH A O   1 
HETATM 1302 O  O   . HOH E 5 .   ? -7.266  14.158  -3.739  1.00 54.69 ? 2077 HOH A O   1 
HETATM 1303 O  O   . HOH E 5 .   ? -8.283  18.850  -0.225  1.00 38.10 ? 2078 HOH A O   1 
HETATM 1304 O  O   . HOH E 5 .   ? -13.802 9.465   2.846   1.00 65.51 ? 2079 HOH A O   1 
HETATM 1305 O  O   . HOH E 5 .   ? -6.023  12.257  10.525  1.00 26.85 ? 2080 HOH A O   1 
HETATM 1306 O  O   . HOH E 5 .   ? -11.149 12.249  0.760   1.00 43.81 ? 2081 HOH A O   1 
HETATM 1307 O  O   . HOH E 5 .   ? -6.568  8.593   14.609  1.00 38.04 ? 2082 HOH A O   1 
HETATM 1308 O  O   . HOH E 5 .   ? -9.847  5.706   14.825  1.00 68.64 ? 2083 HOH A O   1 
HETATM 1309 O  O   . HOH E 5 .   ? 1.800   4.207   9.132   1.00 22.45 ? 2084 HOH A O   1 
HETATM 1310 O  O   . HOH E 5 .   ? -2.263  -1.119  13.262  1.00 23.90 ? 2085 HOH A O   1 
HETATM 1311 O  O   . HOH E 5 .   ? 4.116   2.557   13.481  1.00 30.00 ? 2086 HOH A O   1 
HETATM 1312 O  O   . HOH E 5 .   ? 2.028   -5.332  16.021  1.00 41.86 ? 2087 HOH A O   1 
HETATM 1313 O  O   . HOH E 5 .   ? 2.662   3.559   17.631  1.00 46.51 ? 2088 HOH A O   1 
HETATM 1314 O  O   . HOH E 5 .   ? 4.303   1.747   16.155  1.00 60.16 ? 2089 HOH A O   1 
HETATM 1315 O  O   . HOH E 5 .   ? -6.141  2.895   17.534  1.00 39.90 ? 2090 HOH A O   1 
HETATM 1316 O  O   . HOH E 5 .   ? 1.120   11.221  7.081   1.00 26.56 ? 2091 HOH A O   1 
HETATM 1317 O  O   . HOH E 5 .   ? -3.455  14.577  11.570  1.00 42.90 ? 2092 HOH A O   1 
HETATM 1318 O  O   . HOH E 5 .   ? 0.408   15.645  7.329   1.00 39.33 ? 2093 HOH A O   1 
HETATM 1319 O  O   . HOH E 5 .   ? 4.382   13.319  13.641  1.00 41.77 ? 2094 HOH A O   1 
HETATM 1320 O  O   . HOH E 5 .   ? 16.868  13.658  8.262   1.00 64.56 ? 2095 HOH A O   1 
HETATM 1321 O  O   . HOH E 5 .   ? 11.580  10.252  -8.398  1.00 55.37 ? 2096 HOH A O   1 
# 
_atom_site_anisotrop.id                   1225 
_atom_site_anisotrop.type_symbol          FE 
_atom_site_anisotrop.pdbx_label_atom_id   FE 
_atom_site_anisotrop.pdbx_label_alt_id    . 
_atom_site_anisotrop.pdbx_label_comp_id   FE 
_atom_site_anisotrop.pdbx_label_asym_id   D 
_atom_site_anisotrop.pdbx_label_seq_id    . 
_atom_site_anisotrop.pdbx_PDB_ins_code    ? 
_atom_site_anisotrop.U[1][1]              0.3636 
_atom_site_anisotrop.U[2][2]              0.3986 
_atom_site_anisotrop.U[3][3]              0.5472 
_atom_site_anisotrop.U[1][2]              0.0521 
_atom_site_anisotrop.U[1][3]              0.0362 
_atom_site_anisotrop.U[2][3]              0.0171 
_atom_site_anisotrop.pdbx_auth_seq_id     1253 
_atom_site_anisotrop.pdbx_auth_comp_id    FE 
_atom_site_anisotrop.pdbx_auth_asym_id    A 
_atom_site_anisotrop.pdbx_auth_atom_id    FE 
# 
